data_2A4C
# 
_entry.id   2A4C 
# 
_audit_conform.dict_name       mmcif_pdbx.dic 
_audit_conform.dict_version    5.376 
_audit_conform.dict_location   http://mmcif.pdb.org/dictionaries/ascii/mmcif_pdbx.dic 
# 
loop_
_database_2.database_id 
_database_2.database_code 
_database_2.pdbx_database_accession 
_database_2.pdbx_DOI 
PDB   2A4C         pdb_00002a4c 10.2210/pdb2a4c/pdb 
RCSB  RCSB033471   ?            ?                   
WWPDB D_1000033471 ?            ?                   
# 
loop_
_pdbx_database_related.db_name 
_pdbx_database_related.db_id 
_pdbx_database_related.details 
_pdbx_database_related.content_type 
PDB 1zvn . unspecified 
PDB 1zxk . unspecified 
# 
_pdbx_database_status.entry_id                        2A4C 
_pdbx_database_status.deposit_site                    RCSB 
_pdbx_database_status.process_site                    RCSB 
_pdbx_database_status.recvd_initial_deposition_date   2005-06-28 
_pdbx_database_status.status_code                     REL 
_pdbx_database_status.status_code_sf                  REL 
_pdbx_database_status.status_code_mr                  ? 
_pdbx_database_status.SG_entry                        ? 
_pdbx_database_status.pdb_format_compatible           Y 
_pdbx_database_status.status_code_cs                  ? 
_pdbx_database_status.status_code_nmr_data            ? 
_pdbx_database_status.methods_development_category    ? 
# 
loop_
_audit_author.name 
_audit_author.pdbx_ordinal 
'Patel, S.D.'     1  
'Ciatto, C.'      2  
'Chen, C.P.'      3  
'Bahna, F.'       4  
'Schieren, I.'    5  
'Rajebhosale, M.' 6  
'Jessell, T.M.'   7  
'Honig, B.'       8  
'Price, S.R.'     9  
'Shapiro, L.'     10 
# 
_citation.id                        primary 
_citation.title                     'Type II cadherin ectodomain structures: implications for classical cadherin specificity.' 
_citation.journal_abbrev            'Cell(Cambridge,Mass.)' 
_citation.journal_volume            124 
_citation.page_first                1255 
_citation.page_last                 1268 
_citation.year                      2006 
_citation.journal_id_ASTM           CELLB5 
_citation.country                   US 
_citation.journal_id_ISSN           0092-8674 
_citation.journal_id_CSD            0998 
_citation.book_publisher            ? 
_citation.pdbx_database_id_PubMed   16564015 
_citation.pdbx_database_id_DOI      10.1016/j.cell.2005.12.046 
# 
loop_
_citation_author.citation_id 
_citation_author.name 
_citation_author.ordinal 
_citation_author.identifier_ORCID 
primary 'Patel, S.D.'     1  ? 
primary 'Ciatto, C.'      2  ? 
primary 'Chen, C.P.'      3  ? 
primary 'Bahna, F.'       4  ? 
primary 'Rajebhosale, M.' 5  ? 
primary 'Arkus, N.'       6  ? 
primary 'Schieren, I.'    7  ? 
primary 'Jessell, T.M.'   8  ? 
primary 'Honig, B.'       9  ? 
primary 'Price, S.R.'     10 ? 
primary 'Shapiro, L.'     11 ? 
# 
_cell.entry_id           2A4C 
_cell.length_a           76.937 
_cell.length_b           76.937 
_cell.length_c           102.317 
_cell.angle_alpha        90.00 
_cell.angle_beta         90.00 
_cell.angle_gamma        120.00 
_cell.Z_PDB              12 
_cell.pdbx_unique_axis   ? 
_cell.length_a_esd       ? 
_cell.length_b_esd       ? 
_cell.length_c_esd       ? 
_cell.angle_alpha_esd    ? 
_cell.angle_beta_esd     ? 
_cell.angle_gamma_esd    ? 
# 
_symmetry.entry_id                         2A4C 
_symmetry.space_group_name_H-M             'P 32 2 1' 
_symmetry.pdbx_full_space_group_name_H-M   ? 
_symmetry.cell_setting                     ? 
_symmetry.Int_Tables_number                154 
_symmetry.space_group_name_Hall            ? 
# 
loop_
_entity.id 
_entity.type 
_entity.src_method 
_entity.pdbx_description 
_entity.formula_weight 
_entity.pdbx_number_of_molecules 
_entity.pdbx_ec 
_entity.pdbx_mutation 
_entity.pdbx_fragment 
_entity.details 
1 polymer man Cadherin-11 11063.200 2  ? ? ? ? 
2 water   nat water       18.015    17 ? ? ? ? 
# 
_entity_name_com.entity_id   1 
_entity_name_com.name        'Osteoblast-cadherin, OB-cadherin, OSF-4' 
# 
_entity_poly.entity_id                      1 
_entity_poly.type                           'polypeptide(L)' 
_entity_poly.nstd_linkage                   no 
_entity_poly.nstd_monomer                   no 
_entity_poly.pdbx_seq_one_letter_code       
;SGWVWNQFFVIEEYTGPDPVLVGRLHSDIDSGDGNIKYILSGEGAGTIFVIDDKSGNIHATKTLDREERAQYTLMAQAVD
RDTNRPLEPPSEFIVKVQD
;
_entity_poly.pdbx_seq_one_letter_code_can   
;SGWVWNQFFVIEEYTGPDPVLVGRLHSDIDSGDGNIKYILSGEGAGTIFVIDDKSGNIHATKTLDREERAQYTLMAQAVD
RDTNRPLEPPSEFIVKVQD
;
_entity_poly.pdbx_strand_id                 A,B 
_entity_poly.pdbx_target_identifier         ? 
# 
loop_
_entity_poly_seq.entity_id 
_entity_poly_seq.num 
_entity_poly_seq.mon_id 
_entity_poly_seq.hetero 
1 1  SER n 
1 2  GLY n 
1 3  TRP n 
1 4  VAL n 
1 5  TRP n 
1 6  ASN n 
1 7  GLN n 
1 8  PHE n 
1 9  PHE n 
1 10 VAL n 
1 11 ILE n 
1 12 GLU n 
1 13 GLU n 
1 14 TYR n 
1 15 THR n 
1 16 GLY n 
1 17 PRO n 
1 18 ASP n 
1 19 PRO n 
1 20 VAL n 
1 21 LEU n 
1 22 VAL n 
1 23 GLY n 
1 24 ARG n 
1 25 LEU n 
1 26 HIS n 
1 27 SER n 
1 28 ASP n 
1 29 ILE n 
1 30 ASP n 
1 31 SER n 
1 32 GLY n 
1 33 ASP n 
1 34 GLY n 
1 35 ASN n 
1 36 ILE n 
1 37 LYS n 
1 38 TYR n 
1 39 ILE n 
1 40 LEU n 
1 41 SER n 
1 42 GLY n 
1 43 GLU n 
1 44 GLY n 
1 45 ALA n 
1 46 GLY n 
1 47 THR n 
1 48 ILE n 
1 49 PHE n 
1 50 VAL n 
1 51 ILE n 
1 52 ASP n 
1 53 ASP n 
1 54 LYS n 
1 55 SER n 
1 56 GLY n 
1 57 ASN n 
1 58 ILE n 
1 59 HIS n 
1 60 ALA n 
1 61 THR n 
1 62 LYS n 
1 63 THR n 
1 64 LEU n 
1 65 ASP n 
1 66 ARG n 
1 67 GLU n 
1 68 GLU n 
1 69 ARG n 
1 70 ALA n 
1 71 GLN n 
1 72 TYR n 
1 73 THR n 
1 74 LEU n 
1 75 MET n 
1 76 ALA n 
1 77 GLN n 
1 78 ALA n 
1 79 VAL n 
1 80 ASP n 
1 81 ARG n 
1 82 ASP n 
1 83 THR n 
1 84 ASN n 
1 85 ARG n 
1 86 PRO n 
1 87 LEU n 
1 88 GLU n 
1 89 PRO n 
1 90 PRO n 
1 91 SER n 
1 92 GLU n 
1 93 PHE n 
1 94 ILE n 
1 95 VAL n 
1 96 LYS n 
1 97 VAL n 
1 98 GLN n 
1 99 ASP n 
# 
_entity_src_gen.entity_id                          1 
_entity_src_gen.pdbx_src_id                        1 
_entity_src_gen.pdbx_alt_source_flag               sample 
_entity_src_gen.pdbx_seq_type                      ? 
_entity_src_gen.pdbx_beg_seq_num                   ? 
_entity_src_gen.pdbx_end_seq_num                   ? 
_entity_src_gen.gene_src_common_name               'house mouse' 
_entity_src_gen.gene_src_genus                     Mus 
_entity_src_gen.pdbx_gene_src_gene                 'Cdh11, Cad-11' 
_entity_src_gen.gene_src_species                   ? 
_entity_src_gen.gene_src_strain                    ? 
_entity_src_gen.gene_src_tissue                    ? 
_entity_src_gen.gene_src_tissue_fraction           ? 
_entity_src_gen.gene_src_details                   ? 
_entity_src_gen.pdbx_gene_src_fragment             ? 
_entity_src_gen.pdbx_gene_src_scientific_name      'Mus musculus' 
_entity_src_gen.pdbx_gene_src_ncbi_taxonomy_id     10090 
_entity_src_gen.pdbx_gene_src_variant              ? 
_entity_src_gen.pdbx_gene_src_cell_line            ? 
_entity_src_gen.pdbx_gene_src_atcc                 ? 
_entity_src_gen.pdbx_gene_src_organ                ? 
_entity_src_gen.pdbx_gene_src_organelle            ? 
_entity_src_gen.pdbx_gene_src_cell                 ? 
_entity_src_gen.pdbx_gene_src_cellular_location    ? 
_entity_src_gen.host_org_common_name               ? 
_entity_src_gen.pdbx_host_org_scientific_name      'Escherichia coli BL21' 
_entity_src_gen.pdbx_host_org_ncbi_taxonomy_id     511693 
_entity_src_gen.host_org_genus                     Escherichia 
_entity_src_gen.pdbx_host_org_gene                 ? 
_entity_src_gen.pdbx_host_org_organ                ? 
_entity_src_gen.host_org_species                   'Escherichia coli' 
_entity_src_gen.pdbx_host_org_tissue               ? 
_entity_src_gen.pdbx_host_org_tissue_fraction      ? 
_entity_src_gen.pdbx_host_org_strain               BL21 
_entity_src_gen.pdbx_host_org_variant              ? 
_entity_src_gen.pdbx_host_org_cell_line            ? 
_entity_src_gen.pdbx_host_org_atcc                 ? 
_entity_src_gen.pdbx_host_org_culture_collection   ? 
_entity_src_gen.pdbx_host_org_cell                 ? 
_entity_src_gen.pdbx_host_org_organelle            ? 
_entity_src_gen.pdbx_host_org_cellular_location    ? 
_entity_src_gen.pdbx_host_org_vector_type          plasmid 
_entity_src_gen.pdbx_host_org_vector               ? 
_entity_src_gen.host_org_details                   ? 
_entity_src_gen.expression_system_id               ? 
_entity_src_gen.plasmid_name                       pSMT3 
_entity_src_gen.plasmid_details                    ? 
_entity_src_gen.pdbx_description                   ? 
# 
_struct_ref.id                         1 
_struct_ref.db_name                    UNP 
_struct_ref.db_code                    CAD11_MOUSE 
_struct_ref.pdbx_db_accession          P55288 
_struct_ref.entity_id                  1 
_struct_ref.pdbx_align_begin           54 
_struct_ref.pdbx_db_isoform            ? 
_struct_ref.pdbx_seq_one_letter_code   ? 
# 
loop_
_struct_ref_seq.align_id 
_struct_ref_seq.ref_id 
_struct_ref_seq.pdbx_PDB_id_code 
_struct_ref_seq.pdbx_strand_id 
_struct_ref_seq.seq_align_beg 
_struct_ref_seq.pdbx_seq_align_beg_ins_code 
_struct_ref_seq.seq_align_end 
_struct_ref_seq.pdbx_seq_align_end_ins_code 
_struct_ref_seq.pdbx_db_accession 
_struct_ref_seq.db_align_beg 
_struct_ref_seq.pdbx_db_align_beg_ins_code 
_struct_ref_seq.db_align_end 
_struct_ref_seq.pdbx_db_align_end_ins_code 
_struct_ref_seq.pdbx_auth_seq_align_beg 
_struct_ref_seq.pdbx_auth_seq_align_end 
1 1 2A4C A 2 ? 99 ? P55288 54 ? 151 ? 1 98 
2 1 2A4C B 2 ? 99 ? P55288 54 ? 151 ? 1 98 
# 
loop_
_struct_ref_seq_dif.align_id 
_struct_ref_seq_dif.pdbx_pdb_id_code 
_struct_ref_seq_dif.mon_id 
_struct_ref_seq_dif.pdbx_pdb_strand_id 
_struct_ref_seq_dif.seq_num 
_struct_ref_seq_dif.pdbx_pdb_ins_code 
_struct_ref_seq_dif.pdbx_seq_db_name 
_struct_ref_seq_dif.pdbx_seq_db_accession_code 
_struct_ref_seq_dif.db_mon_id 
_struct_ref_seq_dif.pdbx_seq_db_seq_num 
_struct_ref_seq_dif.details 
_struct_ref_seq_dif.pdbx_auth_seq_num 
_struct_ref_seq_dif.pdbx_ordinal 
1 2A4C SER A 1 ? UNP P55288 ? ? 'cloning artifact' 0 1 
2 2A4C SER B 1 ? UNP P55288 ? ? 'cloning artifact' 0 2 
# 
loop_
_chem_comp.id 
_chem_comp.type 
_chem_comp.mon_nstd_flag 
_chem_comp.name 
_chem_comp.pdbx_synonyms 
_chem_comp.formula 
_chem_comp.formula_weight 
ALA 'L-peptide linking' y ALANINE         ? 'C3 H7 N O2'     89.093  
ARG 'L-peptide linking' y ARGININE        ? 'C6 H15 N4 O2 1' 175.209 
ASN 'L-peptide linking' y ASPARAGINE      ? 'C4 H8 N2 O3'    132.118 
ASP 'L-peptide linking' y 'ASPARTIC ACID' ? 'C4 H7 N O4'     133.103 
GLN 'L-peptide linking' y GLUTAMINE       ? 'C5 H10 N2 O3'   146.144 
GLU 'L-peptide linking' y 'GLUTAMIC ACID' ? 'C5 H9 N O4'     147.129 
GLY 'peptide linking'   y GLYCINE         ? 'C2 H5 N O2'     75.067  
HIS 'L-peptide linking' y HISTIDINE       ? 'C6 H10 N3 O2 1' 156.162 
HOH non-polymer         . WATER           ? 'H2 O'           18.015  
ILE 'L-peptide linking' y ISOLEUCINE      ? 'C6 H13 N O2'    131.173 
LEU 'L-peptide linking' y LEUCINE         ? 'C6 H13 N O2'    131.173 
LYS 'L-peptide linking' y LYSINE          ? 'C6 H15 N2 O2 1' 147.195 
MET 'L-peptide linking' y METHIONINE      ? 'C5 H11 N O2 S'  149.211 
PHE 'L-peptide linking' y PHENYLALANINE   ? 'C9 H11 N O2'    165.189 
PRO 'L-peptide linking' y PROLINE         ? 'C5 H9 N O2'     115.130 
SER 'L-peptide linking' y SERINE          ? 'C3 H7 N O3'     105.093 
THR 'L-peptide linking' y THREONINE       ? 'C4 H9 N O3'     119.119 
TRP 'L-peptide linking' y TRYPTOPHAN      ? 'C11 H12 N2 O2'  204.225 
TYR 'L-peptide linking' y TYROSINE        ? 'C9 H11 N O3'    181.189 
VAL 'L-peptide linking' y VALINE          ? 'C5 H11 N O2'    117.146 
# 
_exptl.entry_id          2A4C 
_exptl.crystals_number   1 
_exptl.method            'X-RAY DIFFRACTION' 
# 
_exptl_crystal.id                    1 
_exptl_crystal.density_Matthews      3.95 
_exptl_crystal.density_meas          ? 
_exptl_crystal.density_percent_sol   68.85 
_exptl_crystal.description           ? 
_exptl_crystal.F_000                 ? 
_exptl_crystal.preparation           ? 
# 
_exptl_crystal_grow.crystal_id      1 
_exptl_crystal_grow.method          'VAPOR DIFFUSION, HANGING DROP' 
_exptl_crystal_grow.pH              9.0 
_exptl_crystal_grow.temp            277 
_exptl_crystal_grow.temp_details    ? 
_exptl_crystal_grow.pdbx_details    'ammonium sulfate, bicine, pH 9.0, VAPOR DIFFUSION, HANGING DROP, temperature 277K' 
_exptl_crystal_grow.pdbx_pH_range   . 
# 
_diffrn.id                     1 
_diffrn.ambient_temp           100 
_diffrn.ambient_temp_details   ? 
_diffrn.crystal_id             1 
# 
_diffrn_radiation.diffrn_id                        1 
_diffrn_radiation.wavelength_id                    1 
_diffrn_radiation.pdbx_diffrn_protocol             'SINGLE WAVELENGTH' 
_diffrn_radiation.monochromator                    ? 
_diffrn_radiation.pdbx_monochromatic_or_laue_m_l   M 
_diffrn_radiation.pdbx_scattering_type             x-ray 
# 
_diffrn_radiation_wavelength.id           1 
_diffrn_radiation_wavelength.wavelength   0.9792 
_diffrn_radiation_wavelength.wt           1.0 
# 
_diffrn_source.diffrn_id                   1 
_diffrn_source.source                      SYNCHROTRON 
_diffrn_source.type                        'NSLS BEAMLINE X4A' 
_diffrn_source.pdbx_wavelength             ? 
_diffrn_source.pdbx_wavelength_list        0.9792 
_diffrn_source.pdbx_synchrotron_site       NSLS 
_diffrn_source.pdbx_synchrotron_beamline   X4A 
# 
_reflns.entry_id                     2A4C 
_reflns.observed_criterion_sigma_F   ? 
_reflns.observed_criterion_sigma_I   ? 
_reflns.d_resolution_high            2.9 
_reflns.d_resolution_low             66.667 
_reflns.number_all                   ? 
_reflns.number_obs                   8099 
_reflns.percent_possible_obs         99.9 
_reflns.pdbx_Rmerge_I_obs            ? 
_reflns.pdbx_Rsym_value              ? 
_reflns.pdbx_netI_over_sigmaI        ? 
_reflns.B_iso_Wilson_estimate        ? 
_reflns.pdbx_redundancy              ? 
_reflns.R_free_details               ? 
_reflns.limit_h_max                  ? 
_reflns.limit_h_min                  ? 
_reflns.limit_k_max                  ? 
_reflns.limit_k_min                  ? 
_reflns.limit_l_max                  ? 
_reflns.limit_l_min                  ? 
_reflns.observed_criterion_F_max     ? 
_reflns.observed_criterion_F_min     ? 
_reflns.pdbx_chi_squared             ? 
_reflns.pdbx_scaling_rejects         ? 
_reflns.pdbx_ordinal                 1 
_reflns.pdbx_diffrn_id               1 
# 
_reflns_shell.d_res_high             2.9 
_reflns_shell.d_res_low              3.0 
_reflns_shell.percent_possible_obs   ? 
_reflns_shell.percent_possible_all   100 
_reflns_shell.Rmerge_I_obs           ? 
_reflns_shell.meanI_over_sigI_obs    ? 
_reflns_shell.pdbx_Rsym_value        ? 
_reflns_shell.pdbx_redundancy        ? 
_reflns_shell.number_unique_all      ? 
_reflns_shell.number_measured_all    ? 
_reflns_shell.number_measured_obs    ? 
_reflns_shell.number_unique_obs      ? 
_reflns_shell.pdbx_chi_squared       ? 
_reflns_shell.pdbx_ordinal           1 
_reflns_shell.pdbx_diffrn_id         1 
# 
_refine.ls_d_res_high                            2.900 
_refine.ls_d_res_low                             30.000 
_refine.pdbx_ls_sigma_F                          0.00 
_refine.ls_percent_reflns_obs                    99.640 
_refine.ls_number_reflns_obs                     7706 
_refine.pdbx_ls_cross_valid_method               THROUGHOUT 
_refine.pdbx_R_Free_selection_details            RANDOM 
_refine.details                                  'HYDROGENS HAVE BEEN ADDED IN THE RIDING POSITIONS' 
_refine.ls_R_factor_all                          0.206 
_refine.ls_R_factor_R_work                       0.204 
_refine.ls_R_factor_R_free                       0.252 
_refine.ls_percent_reflns_R_free                 4.600 
_refine.ls_number_reflns_R_free                  374 
_refine.B_iso_mean                               41.282 
_refine.aniso_B[1][1]                            3.140 
_refine.aniso_B[2][2]                            3.140 
_refine.aniso_B[3][3]                            -4.700 
_refine.aniso_B[1][2]                            1.570 
_refine.aniso_B[1][3]                            0.000 
_refine.aniso_B[2][3]                            0.000 
_refine.correlation_coeff_Fo_to_Fc               0.935 
_refine.correlation_coeff_Fo_to_Fc_free          0.912 
_refine.pdbx_overall_ESU_R                       0.641 
_refine.pdbx_overall_ESU_R_Free                  0.336 
_refine.overall_SU_ML                            0.256 
_refine.overall_SU_B                             29.584 
_refine.solvent_model_details                    MASK 
_refine.pdbx_solvent_vdw_probe_radii             1.200 
_refine.pdbx_solvent_ion_probe_radii             0.800 
_refine.pdbx_solvent_shrinkage_radii             0.800 
_refine.pdbx_stereochemistry_target_values       'MAXIMUM LIKELIHOOD' 
_refine.entry_id                                 2A4C 
_refine.pdbx_ls_sigma_I                          ? 
_refine.ls_number_reflns_all                     ? 
_refine.ls_R_factor_obs                          ? 
_refine.ls_redundancy_reflns_obs                 ? 
_refine.pdbx_data_cutoff_high_absF               ? 
_refine.pdbx_data_cutoff_low_absF                ? 
_refine.ls_number_parameters                     ? 
_refine.ls_number_restraints                     ? 
_refine.ls_R_factor_R_free_error                 ? 
_refine.ls_R_factor_R_free_error_details         ? 
_refine.pdbx_method_to_determine_struct          'MOLECULAR REPLACEMENT' 
_refine.pdbx_starting_model                      'EC1 domain from PDB ID 2A4E' 
_refine.pdbx_stereochem_target_val_spec_case     ? 
_refine.solvent_model_param_bsol                 ? 
_refine.solvent_model_param_ksol                 ? 
_refine.occupancy_max                            ? 
_refine.occupancy_min                            ? 
_refine.pdbx_isotropic_thermal_model             ? 
_refine.B_iso_min                                ? 
_refine.B_iso_max                                ? 
_refine.overall_SU_R_Cruickshank_DPI             ? 
_refine.overall_SU_R_free                        ? 
_refine.pdbx_data_cutoff_high_rms_absF           ? 
_refine.ls_wR_factor_R_free                      ? 
_refine.ls_wR_factor_R_work                      ? 
_refine.overall_FOM_free_R_set                   ? 
_refine.overall_FOM_work_R_set                   ? 
_refine.pdbx_refine_id                           'X-RAY DIFFRACTION' 
_refine.pdbx_TLS_residual_ADP_flag               'LIKELY RESIDUAL' 
_refine.pdbx_diffrn_id                           1 
_refine.pdbx_overall_phase_error                 ? 
_refine.pdbx_overall_SU_R_free_Cruickshank_DPI   ? 
_refine.pdbx_overall_SU_R_Blow_DPI               ? 
_refine.pdbx_overall_SU_R_free_Blow_DPI          ? 
# 
_refine_hist.pdbx_refine_id                   'X-RAY DIFFRACTION' 
_refine_hist.cycle_id                         LAST 
_refine_hist.pdbx_number_atoms_protein        1562 
_refine_hist.pdbx_number_atoms_nucleic_acid   0 
_refine_hist.pdbx_number_atoms_ligand         0 
_refine_hist.number_atoms_solvent             17 
_refine_hist.number_atoms_total               1579 
_refine_hist.d_res_high                       2.900 
_refine_hist.d_res_low                        30.000 
# 
loop_
_refine_ls_restr.type 
_refine_ls_restr.number 
_refine_ls_restr.dev_ideal 
_refine_ls_restr.dev_ideal_target 
_refine_ls_restr.weight 
_refine_ls_restr.pdbx_refine_id 
_refine_ls_restr.pdbx_restraint_function 
r_bond_refined_d         1596 0.012  0.022  ? 'X-RAY DIFFRACTION' ? 
r_angle_refined_deg      2170 1.518  1.949  ? 'X-RAY DIFFRACTION' ? 
r_dihedral_angle_1_deg   196  7.048  5.000  ? 'X-RAY DIFFRACTION' ? 
r_dihedral_angle_2_deg   82   36.447 24.878 ? 'X-RAY DIFFRACTION' ? 
r_dihedral_angle_3_deg   258  19.691 15.000 ? 'X-RAY DIFFRACTION' ? 
r_dihedral_angle_4_deg   10   24.743 15.000 ? 'X-RAY DIFFRACTION' ? 
r_chiral_restr           236  0.105  0.200  ? 'X-RAY DIFFRACTION' ? 
r_gen_planes_refined     1250 0.004  0.020  ? 'X-RAY DIFFRACTION' ? 
r_nbd_refined            653  0.228  0.200  ? 'X-RAY DIFFRACTION' ? 
r_nbtor_refined          1077 0.322  0.200  ? 'X-RAY DIFFRACTION' ? 
r_xyhbond_nbd_refined    54   0.131  0.200  ? 'X-RAY DIFFRACTION' ? 
r_symmetry_vdw_refined   18   0.178  0.200  ? 'X-RAY DIFFRACTION' ? 
r_symmetry_hbond_refined 1    0.253  0.200  ? 'X-RAY DIFFRACTION' ? 
r_mcbond_it              999  0.398  1.500  ? 'X-RAY DIFFRACTION' ? 
r_mcangle_it             1592 0.722  2.000  ? 'X-RAY DIFFRACTION' ? 
r_scbond_it              669  1.220  3.000  ? 'X-RAY DIFFRACTION' ? 
r_scangle_it             578  2.030  4.500  ? 'X-RAY DIFFRACTION' ? 
# 
loop_
_refine_ls_restr_ncs.dom_id 
_refine_ls_restr_ncs.pdbx_type 
_refine_ls_restr_ncs.pdbx_auth_asym_id 
_refine_ls_restr_ncs.pdbx_number 
_refine_ls_restr_ncs.pdbx_rms 
_refine_ls_restr_ncs.pdbx_weight 
_refine_ls_restr_ncs.pdbx_ens_id 
_refine_ls_restr_ncs.pdbx_refine_id 
_refine_ls_restr_ncs.pdbx_ordinal 
_refine_ls_restr_ncs.ncs_model_details 
_refine_ls_restr_ncs.rms_dev_position 
_refine_ls_restr_ncs.weight_position 
_refine_ls_restr_ncs.rms_dev_B_iso 
_refine_ls_restr_ncs.weight_B_iso 
_refine_ls_restr_ncs.pdbx_asym_id 
1 'MEDIUM POSITIONAL' A 775 0.440 0.500 1 'X-RAY DIFFRACTION' 1 ? ? ? ? ? ? 
1 'MEDIUM THERMAL'    A 775 0.570 2.000 1 'X-RAY DIFFRACTION' 2 ? ? ? ? ? ? 
# 
_refine_ls_shell.d_res_high                       2.90 
_refine_ls_shell.d_res_low                        2.977 
_refine_ls_shell.pdbx_total_number_of_bins_used   20 
_refine_ls_shell.percent_reflns_obs               100.000 
_refine_ls_shell.number_reflns_R_work             565 
_refine_ls_shell.R_factor_R_work                  0.304 
_refine_ls_shell.R_factor_R_free                  0.461 
_refine_ls_shell.percent_reflns_R_free            ? 
_refine_ls_shell.number_reflns_R_free             25 
_refine_ls_shell.R_factor_R_free_error            ? 
_refine_ls_shell.number_reflns_all                590 
_refine_ls_shell.number_reflns_obs                ? 
_refine_ls_shell.redundancy_reflns_obs            ? 
_refine_ls_shell.R_factor_all                     ? 
_refine_ls_shell.pdbx_refine_id                   'X-RAY DIFFRACTION' 
# 
loop_
_struct_ncs_dom.pdbx_ens_id 
_struct_ncs_dom.id 
_struct_ncs_dom.details 
1 1 A 
1 2 B 
# 
loop_
_struct_ncs_dom_lim.pdbx_ens_id 
_struct_ncs_dom_lim.dom_id 
_struct_ncs_dom_lim.pdbx_component_id 
_struct_ncs_dom_lim.beg_label_asym_id 
_struct_ncs_dom_lim.beg_label_comp_id 
_struct_ncs_dom_lim.beg_label_seq_id 
_struct_ncs_dom_lim.beg_label_alt_id 
_struct_ncs_dom_lim.end_label_asym_id 
_struct_ncs_dom_lim.end_label_comp_id 
_struct_ncs_dom_lim.end_label_seq_id 
_struct_ncs_dom_lim.end_label_alt_id 
_struct_ncs_dom_lim.beg_auth_asym_id 
_struct_ncs_dom_lim.beg_auth_comp_id 
_struct_ncs_dom_lim.beg_auth_seq_id 
_struct_ncs_dom_lim.end_auth_asym_id 
_struct_ncs_dom_lim.end_auth_comp_id 
_struct_ncs_dom_lim.end_auth_seq_id 
_struct_ncs_dom_lim.pdbx_refine_code 
_struct_ncs_dom_lim.selection_details 
1 1 1 A GLY 2 . A ASP 99 . A GLY 1 A ASP 98 4 ? 
1 2 1 B GLY 2 . B ASP 99 . B GLY 1 B ASP 98 4 ? 
# 
_struct_ncs_ens.id        1 
_struct_ncs_ens.details   ? 
# 
_struct.entry_id                  2A4C 
_struct.title                     'Crystal structure of mouse cadherin-11 EC1' 
_struct.pdbx_model_details        ? 
_struct.pdbx_CASP_flag            ? 
_struct.pdbx_model_type_details   ? 
# 
_struct_keywords.entry_id        2A4C 
_struct_keywords.pdbx_keywords   'CELL ADHESION' 
_struct_keywords.text            'Cadherin, Extracellular domain, Dimer, CELL ADHESION' 
# 
loop_
_struct_asym.id 
_struct_asym.pdbx_blank_PDB_chainid_flag 
_struct_asym.pdbx_modified 
_struct_asym.entity_id 
_struct_asym.details 
A N N 1 ? 
B N N 1 ? 
C N N 2 ? 
D N N 2 ? 
# 
_struct_biol.id                    1 
_struct_biol.pdbx_parent_biol_id   ? 
_struct_biol.details               ? 
# 
loop_
_struct_conf.conf_type_id 
_struct_conf.id 
_struct_conf.pdbx_PDB_helix_id 
_struct_conf.beg_label_comp_id 
_struct_conf.beg_label_asym_id 
_struct_conf.beg_label_seq_id 
_struct_conf.pdbx_beg_PDB_ins_code 
_struct_conf.end_label_comp_id 
_struct_conf.end_label_asym_id 
_struct_conf.end_label_seq_id 
_struct_conf.pdbx_end_PDB_ins_code 
_struct_conf.beg_auth_comp_id 
_struct_conf.beg_auth_asym_id 
_struct_conf.beg_auth_seq_id 
_struct_conf.end_auth_comp_id 
_struct_conf.end_auth_asym_id 
_struct_conf.end_auth_seq_id 
_struct_conf.pdbx_PDB_helix_class 
_struct_conf.details 
_struct_conf.pdbx_PDB_helix_length 
HELX_P HELX_P1 1 GLU A 13 ? THR A 15 ? GLU A 12 THR A 14 5 ? 3 
HELX_P HELX_P2 2 GLU B 13 ? THR B 15 ? GLU B 12 THR B 14 5 ? 3 
# 
_struct_conf_type.id          HELX_P 
_struct_conf_type.criteria    ? 
_struct_conf_type.reference   ? 
# 
loop_
_struct_sheet.id 
_struct_sheet.type 
_struct_sheet.number_strands 
_struct_sheet.details 
A ? 4 ? 
B ? 3 ? 
C ? 4 ? 
D ? 3 ? 
# 
loop_
_struct_sheet_order.sheet_id 
_struct_sheet_order.range_id_1 
_struct_sheet_order.range_id_2 
_struct_sheet_order.offset 
_struct_sheet_order.sense 
A 1 2 ? parallel      
A 2 3 ? anti-parallel 
A 3 4 ? anti-parallel 
B 1 2 ? anti-parallel 
B 2 3 ? anti-parallel 
C 1 2 ? parallel      
C 2 3 ? anti-parallel 
C 3 4 ? anti-parallel 
D 1 2 ? anti-parallel 
D 2 3 ? anti-parallel 
# 
loop_
_struct_sheet_range.sheet_id 
_struct_sheet_range.id 
_struct_sheet_range.beg_label_comp_id 
_struct_sheet_range.beg_label_asym_id 
_struct_sheet_range.beg_label_seq_id 
_struct_sheet_range.pdbx_beg_PDB_ins_code 
_struct_sheet_range.end_label_comp_id 
_struct_sheet_range.end_label_asym_id 
_struct_sheet_range.end_label_seq_id 
_struct_sheet_range.pdbx_end_PDB_ins_code 
_struct_sheet_range.beg_auth_comp_id 
_struct_sheet_range.beg_auth_asym_id 
_struct_sheet_range.beg_auth_seq_id 
_struct_sheet_range.end_auth_comp_id 
_struct_sheet_range.end_auth_asym_id 
_struct_sheet_range.end_auth_seq_id 
A 1 GLN A 7  ? ILE A 11 ? GLN A 6  ILE A 10 
A 2 SER A 91 ? GLN A 98 ? SER A 90 GLN A 97 
A 3 GLN A 71 ? ASP A 80 ? GLN A 70 ASP A 79 
A 4 ILE A 36 ? GLY A 42 ? ILE A 35 GLY A 41 
B 1 VAL A 20 ? ARG A 24 ? VAL A 19 ARG A 23 
B 2 ASN A 57 ? ALA A 60 ? ASN A 56 ALA A 59 
B 3 PHE A 49 ? ILE A 51 ? PHE A 48 ILE A 50 
C 1 GLN B 7  ? ILE B 11 ? GLN B 6  ILE B 10 
C 2 PRO B 86 ? GLN B 98 ? PRO B 85 GLN B 97 
C 3 GLN B 71 ? ASP B 80 ? GLN B 70 ASP B 79 
C 4 ILE B 36 ? GLY B 42 ? ILE B 35 GLY B 41 
D 1 VAL B 20 ? ARG B 24 ? VAL B 19 ARG B 23 
D 2 ASN B 57 ? ALA B 60 ? ASN B 56 ALA B 59 
D 3 PHE B 49 ? ILE B 51 ? PHE B 48 ILE B 50 
# 
loop_
_pdbx_struct_sheet_hbond.sheet_id 
_pdbx_struct_sheet_hbond.range_id_1 
_pdbx_struct_sheet_hbond.range_id_2 
_pdbx_struct_sheet_hbond.range_1_label_atom_id 
_pdbx_struct_sheet_hbond.range_1_label_comp_id 
_pdbx_struct_sheet_hbond.range_1_label_asym_id 
_pdbx_struct_sheet_hbond.range_1_label_seq_id 
_pdbx_struct_sheet_hbond.range_1_PDB_ins_code 
_pdbx_struct_sheet_hbond.range_1_auth_atom_id 
_pdbx_struct_sheet_hbond.range_1_auth_comp_id 
_pdbx_struct_sheet_hbond.range_1_auth_asym_id 
_pdbx_struct_sheet_hbond.range_1_auth_seq_id 
_pdbx_struct_sheet_hbond.range_2_label_atom_id 
_pdbx_struct_sheet_hbond.range_2_label_comp_id 
_pdbx_struct_sheet_hbond.range_2_label_asym_id 
_pdbx_struct_sheet_hbond.range_2_label_seq_id 
_pdbx_struct_sheet_hbond.range_2_PDB_ins_code 
_pdbx_struct_sheet_hbond.range_2_auth_atom_id 
_pdbx_struct_sheet_hbond.range_2_auth_comp_id 
_pdbx_struct_sheet_hbond.range_2_auth_asym_id 
_pdbx_struct_sheet_hbond.range_2_auth_seq_id 
A 1 2 N VAL A 10 ? N VAL A 9  O GLN A 98 ? O GLN A 97 
A 2 3 O PHE A 93 ? O PHE A 92 N LEU A 74 ? N LEU A 73 
A 3 4 O GLN A 77 ? O GLN A 76 N ILE A 39 ? N ILE A 38 
B 1 2 N GLY A 23 ? N GLY A 22 O ILE A 58 ? O ILE A 57 
B 2 3 O HIS A 59 ? O HIS A 58 N VAL A 50 ? N VAL A 49 
C 1 2 N VAL B 10 ? N VAL B 9  O GLN B 98 ? O GLN B 97 
C 2 3 O LEU B 87 ? O LEU B 86 N ALA B 78 ? N ALA B 77 
C 3 4 O MET B 75 ? O MET B 74 N SER B 41 ? N SER B 40 
D 1 2 N VAL B 22 ? N VAL B 21 O ILE B 58 ? O ILE B 57 
D 2 3 O HIS B 59 ? O HIS B 58 N VAL B 50 ? N VAL B 49 
# 
_atom_sites.entry_id                    2A4C 
_atom_sites.fract_transf_matrix[1][1]   -0.01279556 
_atom_sites.fract_transf_matrix[1][2]   0.00229665 
_atom_sites.fract_transf_matrix[1][3]   0.00750047 
_atom_sites.fract_transf_matrix[2][1]   -0.00770929 
_atom_sites.fract_transf_matrix[2][2]   0.01271554 
_atom_sites.fract_transf_matrix[2][3]   -0.00203025 
_atom_sites.fract_transf_matrix[3][1]   -0.00501218 
_atom_sites.fract_transf_matrix[3][2]   -0.00419879 
_atom_sites.fract_transf_matrix[3][3]   -0.00726493 
_atom_sites.fract_transf_vector[1]      0.447742 
_atom_sites.fract_transf_vector[2]      -0.184438 
_atom_sites.fract_transf_vector[3]      -0.179424 
# 
loop_
_atom_type.symbol 
C 
N 
O 
S 
# 
loop_
_atom_site.group_PDB 
_atom_site.id 
_atom_site.type_symbol 
_atom_site.label_atom_id 
_atom_site.label_alt_id 
_atom_site.label_comp_id 
_atom_site.label_asym_id 
_atom_site.label_entity_id 
_atom_site.label_seq_id 
_atom_site.pdbx_PDB_ins_code 
_atom_site.Cartn_x 
_atom_site.Cartn_y 
_atom_site.Cartn_z 
_atom_site.occupancy 
_atom_site.B_iso_or_equiv 
_atom_site.pdbx_formal_charge 
_atom_site.auth_seq_id 
_atom_site.auth_comp_id 
_atom_site.auth_asym_id 
_atom_site.auth_atom_id 
_atom_site.pdbx_PDB_model_num 
ATOM   1    N N   . SER A 1 1  ? 13.914  -8.465  4.397   1.00 44.73 ? 0   SER A N   1 
ATOM   2    C CA  . SER A 1 1  ? 14.243  -8.942  3.014   1.00 44.38 ? 0   SER A CA  1 
ATOM   3    C C   . SER A 1 1  ? 14.140  -7.791  2.000   1.00 43.43 ? 0   SER A C   1 
ATOM   4    O O   . SER A 1 1  ? 14.048  -6.625  2.382   1.00 43.62 ? 0   SER A O   1 
ATOM   5    C CB  . SER A 1 1  ? 13.300  -10.083 2.634   1.00 44.71 ? 0   SER A CB  1 
ATOM   6    O OG  . SER A 1 1  ? 11.943  -9.642  2.667   1.00 46.05 ? 0   SER A OG  1 
ATOM   7    N N   . GLY A 1 2  ? 14.166  -8.114  0.713   1.00 42.25 ? 1   GLY A N   1 
ATOM   8    C CA  . GLY A 1 2  ? 14.066  -7.094  -0.323  1.00 41.00 ? 1   GLY A CA  1 
ATOM   9    C C   . GLY A 1 2  ? 12.663  -6.825  -0.862  1.00 40.23 ? 1   GLY A C   1 
ATOM   10   O O   . GLY A 1 2  ? 12.515  -6.207  -1.922  1.00 40.40 ? 1   GLY A O   1 
ATOM   11   N N   . TRP A 1 3  ? 11.631  -7.293  -0.160  1.00 39.06 ? 2   TRP A N   1 
ATOM   12   C CA  . TRP A 1 3  ? 10.271  -6.950  -0.527  1.00 38.03 ? 2   TRP A CA  1 
ATOM   13   C C   . TRP A 1 3  ? 10.058  -5.463  -0.314  1.00 38.11 ? 2   TRP A C   1 
ATOM   14   O O   . TRP A 1 3  ? 10.559  -4.903  0.657   1.00 38.46 ? 2   TRP A O   1 
ATOM   15   C CB  . TRP A 1 3  ? 9.301   -7.702  0.344   1.00 37.34 ? 2   TRP A CB  1 
ATOM   16   C CG  . TRP A 1 3  ? 9.076   -9.104  -0.061  1.00 37.28 ? 2   TRP A CG  1 
ATOM   17   C CD1 . TRP A 1 3  ? 9.326   -10.223 0.687   1.00 36.65 ? 2   TRP A CD1 1 
ATOM   18   C CD2 . TRP A 1 3  ? 8.522   -9.567  -1.303  1.00 37.30 ? 2   TRP A CD2 1 
ATOM   19   N NE1 . TRP A 1 3  ? 8.966   -11.352 -0.009  1.00 36.40 ? 2   TRP A NE1 1 
ATOM   20   C CE2 . TRP A 1 3  ? 8.470   -10.984 -1.234  1.00 36.83 ? 2   TRP A CE2 1 
ATOM   21   C CE3 . TRP A 1 3  ? 8.061   -8.926  -2.469  1.00 36.53 ? 2   TRP A CE3 1 
ATOM   22   C CZ2 . TRP A 1 3  ? 7.978   -11.775 -2.290  1.00 35.90 ? 2   TRP A CZ2 1 
ATOM   23   C CZ3 . TRP A 1 3  ? 7.576   -9.724  -3.522  1.00 36.19 ? 2   TRP A CZ3 1 
ATOM   24   C CH2 . TRP A 1 3  ? 7.538   -11.131 -3.416  1.00 35.73 ? 2   TRP A CH2 1 
ATOM   25   N N   . VAL A 1 4  ? 9.325   -4.817  -1.210  1.00 37.95 ? 3   VAL A N   1 
ATOM   26   C CA  . VAL A 1 4  ? 9.088   -3.381  -1.102  1.00 37.81 ? 3   VAL A CA  1 
ATOM   27   C C   . VAL A 1 4  ? 7.619   -3.121  -0.806  1.00 38.05 ? 3   VAL A C   1 
ATOM   28   O O   . VAL A 1 4  ? 6.780   -3.252  -1.686  1.00 38.22 ? 3   VAL A O   1 
ATOM   29   C CB  . VAL A 1 4  ? 9.498   -2.637  -2.407  1.00 37.88 ? 3   VAL A CB  1 
ATOM   30   C CG1 . VAL A 1 4  ? 9.243   -1.116  -2.293  1.00 37.19 ? 3   VAL A CG1 1 
ATOM   31   C CG2 . VAL A 1 4  ? 10.952  -2.930  -2.764  1.00 37.31 ? 3   VAL A CG2 1 
ATOM   32   N N   . TRP A 1 5  ? 7.295   -2.743  0.421   1.00 38.30 ? 4   TRP A N   1 
ATOM   33   C CA  . TRP A 1 5  ? 5.878   -2.602  0.791   1.00 38.38 ? 4   TRP A CA  1 
ATOM   34   C C   . TRP A 1 5  ? 5.479   -1.137  1.020   1.00 39.39 ? 4   TRP A C   1 
ATOM   35   O O   . TRP A 1 5  ? 4.307   -0.810  1.248   1.00 39.75 ? 4   TRP A O   1 
ATOM   36   C CB  . TRP A 1 5  ? 5.560   -3.440  2.037   1.00 36.81 ? 4   TRP A CB  1 
ATOM   37   C CG  . TRP A 1 5  ? 5.804   -4.919  1.898   1.00 35.34 ? 4   TRP A CG  1 
ATOM   38   C CD1 . TRP A 1 5  ? 6.814   -5.649  2.464   1.00 34.19 ? 4   TRP A CD1 1 
ATOM   39   C CD2 . TRP A 1 5  ? 5.008   -5.849  1.167   1.00 34.06 ? 4   TRP A CD2 1 
ATOM   40   N NE1 . TRP A 1 5  ? 6.693   -6.977  2.129   1.00 33.35 ? 4   TRP A NE1 1 
ATOM   41   C CE2 . TRP A 1 5  ? 5.596   -7.122  1.324   1.00 33.27 ? 4   TRP A CE2 1 
ATOM   42   C CE3 . TRP A 1 5  ? 3.854   -5.730  0.387   1.00 33.40 ? 4   TRP A CE3 1 
ATOM   43   C CZ2 . TRP A 1 5  ? 5.081   -8.250  0.721   1.00 33.74 ? 4   TRP A CZ2 1 
ATOM   44   C CZ3 . TRP A 1 5  ? 3.342   -6.857  -0.213  1.00 33.71 ? 4   TRP A CZ3 1 
ATOM   45   C CH2 . TRP A 1 5  ? 3.953   -8.101  -0.041  1.00 34.35 ? 4   TRP A CH2 1 
ATOM   46   N N   . ASN A 1 6  ? 6.460   -0.253  0.936   1.00 40.44 ? 5   ASN A N   1 
ATOM   47   C CA  . ASN A 1 6  ? 6.301   1.102   1.438   1.00 41.31 ? 5   ASN A CA  1 
ATOM   48   C C   . ASN A 1 6  ? 6.097   2.083   0.298   1.00 41.93 ? 5   ASN A C   1 
ATOM   49   O O   . ASN A 1 6  ? 6.719   3.145   0.236   1.00 42.03 ? 5   ASN A O   1 
ATOM   50   C CB  . ASN A 1 6  ? 7.524   1.479   2.284   1.00 41.36 ? 5   ASN A CB  1 
ATOM   51   C CG  . ASN A 1 6  ? 8.778   1.700   1.432   1.00 42.24 ? 5   ASN A CG  1 
ATOM   52   O OD1 . ASN A 1 6  ? 9.083   0.886   0.586   1.00 44.06 ? 5   ASN A OD1 1 
ATOM   53   N ND2 . ASN A 1 6  ? 9.529   2.768   1.697   1.00 43.53 ? 5   ASN A ND2 1 
ATOM   54   N N   . GLN A 1 7  ? 5.248   1.712   -0.641  1.00 42.76 ? 6   GLN A N   1 
ATOM   55   C CA  . GLN A 1 7  ? 4.794   2.707   -1.585  1.00 43.88 ? 6   GLN A CA  1 
ATOM   56   C C   . GLN A 1 7  ? 3.309   2.616   -1.734  1.00 43.98 ? 6   GLN A C   1 
ATOM   57   O O   . GLN A 1 7  ? 2.793   1.549   -1.986  1.00 44.38 ? 6   GLN A O   1 
ATOM   58   C CB  . GLN A 1 7  ? 5.517   2.643   -2.945  1.00 43.62 ? 6   GLN A CB  1 
ATOM   59   C CG  . GLN A 1 7  ? 5.979   1.279   -3.463  1.00 44.81 ? 6   GLN A CG  1 
ATOM   60   C CD  . GLN A 1 7  ? 7.070   1.390   -4.577  1.00 45.11 ? 6   GLN A CD  1 
ATOM   61   O OE1 . GLN A 1 7  ? 8.104   2.054   -4.403  1.00 45.40 ? 6   GLN A OE1 1 
ATOM   62   N NE2 . GLN A 1 7  ? 6.840   0.711   -5.711  1.00 45.68 ? 6   GLN A NE2 1 
ATOM   63   N N   . PHE A 1 8  ? 2.613   3.721   -1.528  1.00 44.45 ? 7   PHE A N   1 
ATOM   64   C CA  . PHE A 1 8  ? 1.216   3.749   -1.891  1.00 45.18 ? 7   PHE A CA  1 
ATOM   65   C C   . PHE A 1 8  ? 1.075   4.208   -3.334  1.00 45.54 ? 7   PHE A C   1 
ATOM   66   O O   . PHE A 1 8  ? 2.069   4.493   -4.010  1.00 45.77 ? 7   PHE A O   1 
ATOM   67   C CB  . PHE A 1 8  ? 0.434   4.646   -0.952  1.00 45.49 ? 7   PHE A CB  1 
ATOM   68   C CG  . PHE A 1 8  ? 0.649   4.334   0.499   1.00 46.41 ? 7   PHE A CG  1 
ATOM   69   C CD1 . PHE A 1 8  ? 1.185   5.297   1.360   1.00 46.93 ? 7   PHE A CD1 1 
ATOM   70   C CD2 . PHE A 1 8  ? 0.329   3.075   1.013   1.00 47.13 ? 7   PHE A CD2 1 
ATOM   71   C CE1 . PHE A 1 8  ? 1.386   5.011   2.716   1.00 46.46 ? 7   PHE A CE1 1 
ATOM   72   C CE2 . PHE A 1 8  ? 0.531   2.775   2.372   1.00 46.95 ? 7   PHE A CE2 1 
ATOM   73   C CZ  . PHE A 1 8  ? 1.058   3.746   3.223   1.00 46.52 ? 7   PHE A CZ  1 
ATOM   74   N N   . PHE A 1 9  ? -0.159  4.248   -3.817  1.00 46.00 ? 8   PHE A N   1 
ATOM   75   C CA  . PHE A 1 9  ? -0.447  4.764   -5.157  1.00 46.54 ? 8   PHE A CA  1 
ATOM   76   C C   . PHE A 1 9  ? -1.815  5.465   -5.129  1.00 45.77 ? 8   PHE A C   1 
ATOM   77   O O   . PHE A 1 9  ? -2.663  5.169   -4.270  1.00 46.03 ? 8   PHE A O   1 
ATOM   78   C CB  . PHE A 1 9  ? -0.483  3.625   -6.181  1.00 47.17 ? 8   PHE A CB  1 
ATOM   79   C CG  . PHE A 1 9  ? -1.604  2.679   -5.941  1.00 49.17 ? 8   PHE A CG  1 
ATOM   80   C CD1 . PHE A 1 9  ? -2.933  3.080   -6.164  1.00 51.25 ? 8   PHE A CD1 1 
ATOM   81   C CD2 . PHE A 1 9  ? -1.358  1.413   -5.431  1.00 51.74 ? 8   PHE A CD2 1 
ATOM   82   C CE1 . PHE A 1 9  ? -4.025  2.225   -5.895  1.00 53.12 ? 8   PHE A CE1 1 
ATOM   83   C CE2 . PHE A 1 9  ? -2.432  0.533   -5.165  1.00 54.00 ? 8   PHE A CE2 1 
ATOM   84   C CZ  . PHE A 1 9  ? -3.778  0.946   -5.398  1.00 52.64 ? 8   PHE A CZ  1 
ATOM   85   N N   . VAL A 1 10 ? -2.032  6.372   -6.076  1.00 44.48 ? 9   VAL A N   1 
ATOM   86   C CA  . VAL A 1 10 ? -3.341  6.971   -6.266  1.00 43.34 ? 9   VAL A CA  1 
ATOM   87   C C   . VAL A 1 10 ? -3.684  6.913   -7.749  1.00 42.96 ? 9   VAL A C   1 
ATOM   88   O O   . VAL A 1 10 ? -2.834  7.233   -8.579  1.00 43.04 ? 9   VAL A O   1 
ATOM   89   C CB  . VAL A 1 10 ? -3.378  8.412   -5.732  1.00 43.00 ? 9   VAL A CB  1 
ATOM   90   C CG1 . VAL A 1 10 ? -2.918  8.417   -4.309  1.00 43.94 ? 9   VAL A CG1 1 
ATOM   91   C CG2 . VAL A 1 10 ? -2.479  9.329   -6.529  1.00 42.33 ? 9   VAL A CG2 1 
ATOM   92   N N   . ILE A 1 11 ? -4.893  6.473   -8.100  1.00 42.30 ? 10  ILE A N   1 
ATOM   93   C CA  . ILE A 1 11 ? -5.304  6.513   -9.508  1.00 41.82 ? 10  ILE A CA  1 
ATOM   94   C C   . ILE A 1 11 ? -5.695  7.939   -9.850  1.00 41.61 ? 10  ILE A C   1 
ATOM   95   O O   . ILE A 1 11 ? -6.549  8.526   -9.186  1.00 41.19 ? 10  ILE A O   1 
ATOM   96   C CB  . ILE A 1 11 ? -6.486  5.559   -9.847  1.00 41.84 ? 10  ILE A CB  1 
ATOM   97   C CG1 . ILE A 1 11 ? -6.201  4.129   -9.388  1.00 41.52 ? 10  ILE A CG1 1 
ATOM   98   C CG2 . ILE A 1 11 ? -6.815  5.624   -11.346 1.00 41.84 ? 10  ILE A CG2 1 
ATOM   99   C CD1 . ILE A 1 11 ? -4.965  3.530   -9.995  1.00 41.73 ? 10  ILE A CD1 1 
ATOM   100  N N   . GLU A 1 12 ? -5.062  8.485   -10.891 1.00 41.80 ? 11  GLU A N   1 
ATOM   101  C CA  . GLU A 1 12 ? -5.271  9.869   -11.313 1.00 41.87 ? 11  GLU A CA  1 
ATOM   102  C C   . GLU A 1 12 ? -6.732  10.243  -11.291 1.00 42.44 ? 11  GLU A C   1 
ATOM   103  O O   . GLU A 1 12 ? -7.118  11.197  -10.614 1.00 42.91 ? 11  GLU A O   1 
ATOM   104  C CB  . GLU A 1 12 ? -4.744  10.097  -12.717 1.00 41.45 ? 11  GLU A CB  1 
ATOM   105  C CG  . GLU A 1 12 ? -3.348  10.589  -12.763 1.00 40.80 ? 11  GLU A CG  1 
ATOM   106  C CD  . GLU A 1 12 ? -2.881  10.826  -14.169 1.00 40.94 ? 11  GLU A CD  1 
ATOM   107  O OE1 . GLU A 1 12 ? -3.511  10.306  -15.101 1.00 41.87 ? 11  GLU A OE1 1 
ATOM   108  O OE2 . GLU A 1 12 ? -1.879  11.531  -14.358 1.00 41.63 ? 11  GLU A OE2 1 
ATOM   109  N N   . GLU A 1 13 ? -7.550  9.477   -12.006 1.00 42.75 ? 12  GLU A N   1 
ATOM   110  C CA  . GLU A 1 13 ? -8.948  9.858   -12.211 1.00 43.01 ? 12  GLU A CA  1 
ATOM   111  C C   . GLU A 1 13 ? -9.848  9.818   -10.963 1.00 42.73 ? 12  GLU A C   1 
ATOM   112  O O   . GLU A 1 13 ? -11.051 9.961   -11.083 1.00 42.88 ? 12  GLU A O   1 
ATOM   113  C CB  . GLU A 1 13 ? -9.551  9.036   -13.344 1.00 43.14 ? 12  GLU A CB  1 
ATOM   114  C CG  . GLU A 1 13 ? -9.256  7.553   -13.226 1.00 44.21 ? 12  GLU A CG  1 
ATOM   115  C CD  . GLU A 1 13 ? -10.489 6.698   -13.479 1.00 45.20 ? 12  GLU A CD  1 
ATOM   116  O OE1 . GLU A 1 13 ? -11.620 7.147   -13.154 1.00 45.08 ? 12  GLU A OE1 1 
ATOM   117  O OE2 . GLU A 1 13 ? -10.323 5.570   -13.993 1.00 44.75 ? 12  GLU A OE2 1 
ATOM   118  N N   . TYR A 1 14 ? -9.268  9.633   -9.782  1.00 42.61 ? 13  TYR A N   1 
ATOM   119  C CA  . TYR A 1 14 ? -10.014 9.728   -8.531  1.00 42.54 ? 13  TYR A CA  1 
ATOM   120  C C   . TYR A 1 14 ? -9.592  10.930  -7.711  1.00 42.47 ? 13  TYR A C   1 
ATOM   121  O O   . TYR A 1 14 ? -10.271 11.321  -6.760  1.00 42.81 ? 13  TYR A O   1 
ATOM   122  C CB  . TYR A 1 14 ? -9.801  8.498   -7.670  1.00 42.66 ? 13  TYR A CB  1 
ATOM   123  C CG  . TYR A 1 14 ? -10.321 7.219   -8.258  1.00 43.51 ? 13  TYR A CG  1 
ATOM   124  C CD1 . TYR A 1 14 ? -9.600  6.022   -8.094  1.00 44.37 ? 13  TYR A CD1 1 
ATOM   125  C CD2 . TYR A 1 14 ? -11.535 7.182   -8.959  1.00 43.07 ? 13  TYR A CD2 1 
ATOM   126  C CE1 . TYR A 1 14 ? -10.065 4.819   -8.614  1.00 43.34 ? 13  TYR A CE1 1 
ATOM   127  C CE2 . TYR A 1 14 ? -12.013 5.990   -9.492  1.00 43.37 ? 13  TYR A CE2 1 
ATOM   128  C CZ  . TYR A 1 14 ? -11.270 4.805   -9.315  1.00 43.79 ? 13  TYR A CZ  1 
ATOM   129  O OH  . TYR A 1 14 ? -11.724 3.603   -9.834  1.00 43.71 ? 13  TYR A OH  1 
ATOM   130  N N   . THR A 1 15 ? -8.453  11.511  -8.046  1.00 42.01 ? 14  THR A N   1 
ATOM   131  C CA  . THR A 1 15 ? -8.027  12.690  -7.332  1.00 41.65 ? 14  THR A CA  1 
ATOM   132  C C   . THR A 1 15 ? -8.924  13.854  -7.729  1.00 41.41 ? 14  THR A C   1 
ATOM   133  O O   . THR A 1 15 ? -9.570  13.808  -8.764  1.00 41.44 ? 14  THR A O   1 
ATOM   134  C CB  . THR A 1 15 ? -6.555  12.984  -7.580  1.00 41.93 ? 14  THR A CB  1 
ATOM   135  O OG1 . THR A 1 15 ? -6.314  13.158  -8.988  1.00 41.44 ? 14  THR A OG1 1 
ATOM   136  C CG2 . THR A 1 15 ? -5.709  11.840  -7.042  1.00 41.60 ? 14  THR A CG2 1 
ATOM   137  N N   . GLY A 1 16 ? -8.990  14.876  -6.889  1.00 41.15 ? 15  GLY A N   1 
ATOM   138  C CA  . GLY A 1 16 ? -9.896  15.987  -7.112  1.00 40.75 ? 15  GLY A CA  1 
ATOM   139  C C   . GLY A 1 16 ? -9.969  16.815  -5.852  1.00 40.81 ? 15  GLY A C   1 
ATOM   140  O O   . GLY A 1 16 ? -9.107  16.678  -4.982  1.00 40.72 ? 15  GLY A O   1 
ATOM   141  N N   . PRO A 1 17 ? -10.989 17.688  -5.740  1.00 40.66 ? 16  PRO A N   1 
ATOM   142  C CA  . PRO A 1 17 ? -11.175 18.437  -4.503  1.00 40.50 ? 16  PRO A CA  1 
ATOM   143  C C   . PRO A 1 17 ? -11.716 17.569  -3.354  1.00 40.63 ? 16  PRO A C   1 
ATOM   144  O O   . PRO A 1 17 ? -11.732 18.016  -2.214  1.00 41.03 ? 16  PRO A O   1 
ATOM   145  C CB  . PRO A 1 17 ? -12.183 19.504  -4.896  1.00 40.47 ? 16  PRO A CB  1 
ATOM   146  C CG  . PRO A 1 17 ? -12.962 18.883  -5.992  1.00 40.63 ? 16  PRO A CG  1 
ATOM   147  C CD  . PRO A 1 17 ? -12.014 18.015  -6.744  1.00 40.59 ? 16  PRO A CD  1 
ATOM   148  N N   . ASP A 1 18 ? -12.152 16.343  -3.648  1.00 40.75 ? 17  ASP A N   1 
ATOM   149  C CA  . ASP A 1 18 ? -12.553 15.390  -2.612  1.00 40.53 ? 17  ASP A CA  1 
ATOM   150  C C   . ASP A 1 18 ? -11.390 14.528  -2.253  1.00 40.28 ? 17  ASP A C   1 
ATOM   151  O O   . ASP A 1 18 ? -10.803 13.910  -3.136  1.00 40.62 ? 17  ASP A O   1 
ATOM   152  C CB  . ASP A 1 18 ? -13.710 14.532  -3.085  1.00 40.64 ? 17  ASP A CB  1 
ATOM   153  C CG  . ASP A 1 18 ? -14.937 15.363  -3.346  1.00 42.31 ? 17  ASP A CG  1 
ATOM   154  O OD1 . ASP A 1 18 ? -14.937 16.531  -2.881  1.00 44.67 ? 17  ASP A OD1 1 
ATOM   155  O OD2 . ASP A 1 18 ? -15.888 14.888  -4.008  1.00 42.66 ? 17  ASP A OD2 1 
ATOM   156  N N   . PRO A 1 19 ? -11.023 14.516  -0.960  1.00 40.07 ? 18  PRO A N   1 
ATOM   157  C CA  . PRO A 1 19 ? -9.898  13.736  -0.435  1.00 39.86 ? 18  PRO A CA  1 
ATOM   158  C C   . PRO A 1 19 ? -10.040 12.242  -0.716  1.00 39.62 ? 18  PRO A C   1 
ATOM   159  O O   . PRO A 1 19 ? -11.086 11.668  -0.434  1.00 39.59 ? 18  PRO A O   1 
ATOM   160  C CB  . PRO A 1 19 ? -9.954  14.006  1.075   1.00 39.72 ? 18  PRO A CB  1 
ATOM   161  C CG  . PRO A 1 19 ? -10.706 15.277  1.212   1.00 39.79 ? 18  PRO A CG  1 
ATOM   162  C CD  . PRO A 1 19 ? -11.683 15.311  0.092   1.00 39.92 ? 18  PRO A CD  1 
ATOM   163  N N   . VAL A 1 20 ? -9.000  11.635  -1.285  1.00 39.56 ? 19  VAL A N   1 
ATOM   164  C CA  . VAL A 1 20 ? -8.978  10.190  -1.553  1.00 39.52 ? 19  VAL A CA  1 
ATOM   165  C C   . VAL A 1 20 ? -8.045  9.495   -0.580  1.00 39.40 ? 19  VAL A C   1 
ATOM   166  O O   . VAL A 1 20 ? -6.941  9.976   -0.309  1.00 39.19 ? 19  VAL A O   1 
ATOM   167  C CB  . VAL A 1 20 ? -8.440  9.848   -2.951  1.00 39.39 ? 19  VAL A CB  1 
ATOM   168  C CG1 . VAL A 1 20 ? -9.231  8.677   -3.544  1.00 39.76 ? 19  VAL A CG1 1 
ATOM   169  C CG2 . VAL A 1 20 ? -8.468  11.060  -3.859  1.00 39.41 ? 19  VAL A CG2 1 
ATOM   170  N N   . LEU A 1 21 ? -8.474  8.352   -0.068  1.00 39.19 ? 20  LEU A N   1 
ATOM   171  C CA  . LEU A 1 21 ? -7.616  7.587   0.813   1.00 39.11 ? 20  LEU A CA  1 
ATOM   172  C C   . LEU A 1 21 ? -6.378  7.053   0.072   1.00 39.35 ? 20  LEU A C   1 
ATOM   173  O O   . LEU A 1 21 ? -6.493  6.413   -0.970  1.00 39.44 ? 20  LEU A O   1 
ATOM   174  C CB  . LEU A 1 21 ? -8.405  6.460   1.462   1.00 38.79 ? 20  LEU A CB  1 
ATOM   175  C CG  . LEU A 1 21 ? -7.632  5.596   2.454   1.00 38.97 ? 20  LEU A CG  1 
ATOM   176  C CD1 . LEU A 1 21 ? -7.331  6.337   3.774   1.00 38.84 ? 20  LEU A CD1 1 
ATOM   177  C CD2 . LEU A 1 21 ? -8.363  4.281   2.699   1.00 37.82 ? 20  LEU A CD2 1 
ATOM   178  N N   . VAL A 1 22 ? -5.200  7.320   0.633   1.00 39.78 ? 21  VAL A N   1 
ATOM   179  C CA  . VAL A 1 22 ? -3.909  6.934   0.052   1.00 40.00 ? 21  VAL A CA  1 
ATOM   180  C C   . VAL A 1 22 ? -3.318  5.671   0.698   1.00 40.55 ? 21  VAL A C   1 
ATOM   181  O O   . VAL A 1 22 ? -2.732  4.821   0.013   1.00 40.50 ? 21  VAL A O   1 
ATOM   182  C CB  . VAL A 1 22 ? -2.906  8.085   0.210   1.00 39.84 ? 21  VAL A CB  1 
ATOM   183  C CG1 . VAL A 1 22 ? -1.521  7.679   -0.247  1.00 39.57 ? 21  VAL A CG1 1 
ATOM   184  C CG2 . VAL A 1 22 ? -3.382  9.270   -0.571  1.00 39.72 ? 21  VAL A CG2 1 
ATOM   185  N N   . GLY A 1 23 ? -3.486  5.565   2.016   1.00 40.97 ? 22  GLY A N   1 
ATOM   186  C CA  . GLY A 1 23 ? -2.851  4.527   2.824   1.00 41.57 ? 22  GLY A CA  1 
ATOM   187  C C   . GLY A 1 23 ? -2.916  4.850   4.313   1.00 42.07 ? 22  GLY A C   1 
ATOM   188  O O   . GLY A 1 23 ? -3.418  5.901   4.710   1.00 42.84 ? 22  GLY A O   1 
ATOM   189  N N   . ARG A 1 24 ? -2.414  3.938   5.139   1.00 41.96 ? 23  ARG A N   1 
ATOM   190  C CA  . ARG A 1 24 ? -2.485  4.058   6.591   1.00 42.06 ? 23  ARG A CA  1 
ATOM   191  C C   . ARG A 1 24 ? -1.048  3.927   7.049   1.00 41.53 ? 23  ARG A C   1 
ATOM   192  O O   . ARG A 1 24 ? -0.334  3.059   6.550   1.00 41.76 ? 23  ARG A O   1 
ATOM   193  C CB  . ARG A 1 24 ? -3.292  2.880   7.172   1.00 42.52 ? 23  ARG A CB  1 
ATOM   194  C CG  . ARG A 1 24 ? -4.116  3.169   8.439   1.00 44.87 ? 23  ARG A CG  1 
ATOM   195  C CD  . ARG A 1 24 ? -3.802  2.131   9.530   1.00 50.54 ? 23  ARG A CD  1 
ATOM   196  N NE  . ARG A 1 24 ? -4.821  1.105   9.838   1.00 52.30 ? 23  ARG A NE  1 
ATOM   197  C CZ  . ARG A 1 24 ? -4.536  -0.176  10.143  1.00 53.50 ? 23  ARG A CZ  1 
ATOM   198  N NH1 . ARG A 1 24 ? -3.283  -0.647  10.130  1.00 52.19 ? 23  ARG A NH1 1 
ATOM   199  N NH2 . ARG A 1 24 ? -5.515  -1.018  10.438  1.00 54.88 ? 23  ARG A NH2 1 
ATOM   200  N N   . LEU A 1 25 ? -0.593  4.787   7.955   1.00 40.85 ? 24  LEU A N   1 
ATOM   201  C CA  . LEU A 1 25 ? 0.659   4.498   8.651   1.00 40.15 ? 24  LEU A CA  1 
ATOM   202  C C   . LEU A 1 25 ? 0.267   3.654   9.829   1.00 40.13 ? 24  LEU A C   1 
ATOM   203  O O   . LEU A 1 25 ? -0.852  3.767   10.346  1.00 40.41 ? 24  LEU A O   1 
ATOM   204  C CB  . LEU A 1 25 ? 1.339   5.758   9.145   1.00 39.71 ? 24  LEU A CB  1 
ATOM   205  C CG  . LEU A 1 25 ? 1.817   6.784   8.136   1.00 39.19 ? 24  LEU A CG  1 
ATOM   206  C CD1 . LEU A 1 25 ? 2.560   7.863   8.886   1.00 37.43 ? 24  LEU A CD1 1 
ATOM   207  C CD2 . LEU A 1 25 ? 2.698   6.147   7.065   1.00 38.45 ? 24  LEU A CD2 1 
ATOM   208  N N   . HIS A 1 26 ? 1.157   2.783   10.262  1.00 40.03 ? 25  HIS A N   1 
ATOM   209  C CA  . HIS A 1 26 ? 0.796   1.950   11.398  1.00 40.04 ? 25  HIS A CA  1 
ATOM   210  C C   . HIS A 1 26 ? 1.987   1.270   12.038  1.00 40.07 ? 25  HIS A C   1 
ATOM   211  O O   . HIS A 1 26 ? 2.721   0.560   11.364  1.00 40.40 ? 25  HIS A O   1 
ATOM   212  C CB  . HIS A 1 26 ? -0.215  0.898   10.969  1.00 39.63 ? 25  HIS A CB  1 
ATOM   213  C CG  . HIS A 1 26 ? -0.646  0.014   12.084  1.00 40.56 ? 25  HIS A CG  1 
ATOM   214  N ND1 . HIS A 1 26 ? -1.471  0.453   13.096  1.00 41.69 ? 25  HIS A ND1 1 
ATOM   215  C CD2 . HIS A 1 26 ? -0.352  -1.278  12.364  1.00 40.92 ? 25  HIS A CD2 1 
ATOM   216  C CE1 . HIS A 1 26 ? -1.675  -0.538  13.950  1.00 41.50 ? 25  HIS A CE1 1 
ATOM   217  N NE2 . HIS A 1 26 ? -1.009  -1.599  13.528  1.00 41.12 ? 25  HIS A NE2 1 
ATOM   218  N N   . SER A 1 27 ? 2.188   1.471   13.335  1.00 39.77 ? 26  SER A N   1 
ATOM   219  C CA  . SER A 1 27 ? 3.169   0.668   14.014  1.00 39.78 ? 26  SER A CA  1 
ATOM   220  C C   . SER A 1 27 ? 2.485   -0.498  14.734  1.00 40.27 ? 26  SER A C   1 
ATOM   221  O O   . SER A 1 27 ? 1.320   -0.394  15.126  1.00 40.19 ? 26  SER A O   1 
ATOM   222  C CB  . SER A 1 27 ? 3.919   1.507   15.001  1.00 39.64 ? 26  SER A CB  1 
ATOM   223  O OG  . SER A 1 27 ? 4.437   0.653   15.992  1.00 40.70 ? 26  SER A OG  1 
ATOM   224  N N   . ASP A 1 28 ? 3.201   -1.609  14.911  1.00 40.70 ? 27  ASP A N   1 
ATOM   225  C CA  . ASP A 1 28 ? 2.658   -2.732  15.686  1.00 41.21 ? 27  ASP A CA  1 
ATOM   226  C C   . ASP A 1 28 ? 2.739   -2.483  17.186  1.00 41.20 ? 27  ASP A C   1 
ATOM   227  O O   . ASP A 1 28 ? 2.171   -3.236  17.957  1.00 41.25 ? 27  ASP A O   1 
ATOM   228  C CB  . ASP A 1 28 ? 3.242   -4.106  15.289  1.00 41.23 ? 27  ASP A CB  1 
ATOM   229  C CG  . ASP A 1 28 ? 4.742   -4.208  15.516  1.00 42.70 ? 27  ASP A CG  1 
ATOM   230  O OD1 . ASP A 1 28 ? 5.268   -3.599  16.469  1.00 44.29 ? 27  ASP A OD1 1 
ATOM   231  O OD2 . ASP A 1 28 ? 5.414   -4.920  14.742  1.00 45.14 ? 27  ASP A OD2 1 
ATOM   232  N N   . ILE A 1 29 ? 3.408   -1.416  17.613  1.00 41.41 ? 28  ILE A N   1 
ATOM   233  C CA  . ILE A 1 29 ? 3.274   -1.043  19.015  1.00 41.95 ? 28  ILE A CA  1 
ATOM   234  C C   . ILE A 1 29 ? 2.036   -0.217  19.285  1.00 41.82 ? 28  ILE A C   1 
ATOM   235  O O   . ILE A 1 29 ? 1.768   0.101   20.429  1.00 42.09 ? 28  ILE A O   1 
ATOM   236  C CB  . ILE A 1 29 ? 4.543   -0.416  19.657  1.00 42.14 ? 28  ILE A CB  1 
ATOM   237  C CG1 . ILE A 1 29 ? 4.878   0.947   19.043  1.00 42.03 ? 28  ILE A CG1 1 
ATOM   238  C CG2 . ILE A 1 29 ? 5.713   -1.452  19.657  1.00 43.71 ? 28  ILE A CG2 1 
ATOM   239  C CD1 . ILE A 1 29 ? 6.400   1.263   18.978  1.00 42.44 ? 28  ILE A CD1 1 
ATOM   240  N N   . ASP A 1 30 ? 1.274   0.102   18.240  1.00 41.81 ? 29  ASP A N   1 
ATOM   241  C CA  . ASP A 1 30 ? -0.039  0.743   18.380  1.00 41.87 ? 29  ASP A CA  1 
ATOM   242  C C   . ASP A 1 30 ? -1.002  -0.243  19.029  1.00 42.24 ? 29  ASP A C   1 
ATOM   243  O O   . ASP A 1 30 ? -1.227  -1.328  18.494  1.00 42.58 ? 29  ASP A O   1 
ATOM   244  C CB  . ASP A 1 30 ? -0.569  1.133   16.994  1.00 41.75 ? 29  ASP A CB  1 
ATOM   245  C CG  . ASP A 1 30 ? -1.849  1.970   17.039  1.00 40.83 ? 29  ASP A CG  1 
ATOM   246  O OD1 . ASP A 1 30 ? -2.611  1.923   18.036  1.00 39.34 ? 29  ASP A OD1 1 
ATOM   247  O OD2 . ASP A 1 30 ? -2.091  2.678   16.034  1.00 39.78 ? 29  ASP A OD2 1 
ATOM   248  N N   . SER A 1 31 ? -1.567  0.117   20.179  1.00 42.50 ? 30  SER A N   1 
ATOM   249  C CA  . SER A 1 31 ? -2.538  -0.757  20.841  1.00 42.81 ? 30  SER A CA  1 
ATOM   250  C C   . SER A 1 31 ? -3.981  -0.271  20.637  1.00 42.92 ? 30  SER A C   1 
ATOM   251  O O   . SER A 1 31 ? -4.889  -0.724  21.319  1.00 42.76 ? 30  SER A O   1 
ATOM   252  C CB  . SER A 1 31 ? -2.225  -0.877  22.327  1.00 42.84 ? 30  SER A CB  1 
ATOM   253  O OG  . SER A 1 31 ? -2.407  0.383   22.953  1.00 43.35 ? 30  SER A OG  1 
ATOM   254  N N   . GLY A 1 32 ? -4.179  0.648   19.693  1.00 43.26 ? 31  GLY A N   1 
ATOM   255  C CA  . GLY A 1 32 ? -5.513  1.111   19.323  1.00 43.53 ? 31  GLY A CA  1 
ATOM   256  C C   . GLY A 1 32 ? -6.181  1.868   20.449  1.00 43.77 ? 31  GLY A C   1 
ATOM   257  O O   . GLY A 1 32 ? -7.393  1.798   20.610  1.00 43.83 ? 31  GLY A O   1 
ATOM   258  N N   . ASP A 1 33 ? -5.381  2.585   21.232  1.00 44.04 ? 32  ASP A N   1 
ATOM   259  C CA  . ASP A 1 33 ? -5.868  3.355   22.373  1.00 44.41 ? 32  ASP A CA  1 
ATOM   260  C C   . ASP A 1 33 ? -5.526  4.827   22.197  1.00 44.47 ? 32  ASP A C   1 
ATOM   261  O O   . ASP A 1 33 ? -5.652  5.621   23.130  1.00 44.62 ? 32  ASP A O   1 
ATOM   262  C CB  . ASP A 1 33 ? -5.222  2.835   23.657  1.00 44.61 ? 32  ASP A CB  1 
ATOM   263  C CG  . ASP A 1 33 ? -3.723  3.171   23.748  1.00 45.51 ? 32  ASP A CG  1 
ATOM   264  O OD1 . ASP A 1 33 ? -3.048  3.378   22.700  1.00 46.78 ? 32  ASP A OD1 1 
ATOM   265  O OD2 . ASP A 1 33 ? -3.215  3.228   24.888  1.00 46.04 ? 32  ASP A OD2 1 
ATOM   266  N N   . GLY A 1 34 ? -5.046  5.174   21.006  1.00 44.66 ? 33  GLY A N   1 
ATOM   267  C CA  . GLY A 1 34 ? -4.740  6.562   20.656  1.00 44.67 ? 33  GLY A CA  1 
ATOM   268  C C   . GLY A 1 34 ? -3.519  7.190   21.311  1.00 44.59 ? 33  GLY A C   1 
ATOM   269  O O   . GLY A 1 34 ? -3.290  8.401   21.158  1.00 44.70 ? 33  GLY A O   1 
ATOM   270  N N   . ASN A 1 35 ? -2.725  6.388   22.025  1.00 44.19 ? 34  ASN A N   1 
ATOM   271  C CA  . ASN A 1 35 ? -1.521  6.921   22.666  1.00 43.90 ? 34  ASN A CA  1 
ATOM   272  C C   . ASN A 1 35 ? -0.337  7.183   21.735  1.00 43.60 ? 34  ASN A C   1 
ATOM   273  O O   . ASN A 1 35 ? 0.597   7.919   22.076  1.00 43.68 ? 34  ASN A O   1 
ATOM   274  C CB  . ASN A 1 35 ? -1.154  6.113   23.904  1.00 43.89 ? 34  ASN A CB  1 
ATOM   275  C CG  . ASN A 1 35 ? -2.050  6.467   25.085  1.00 44.55 ? 34  ASN A CG  1 
ATOM   276  O OD1 . ASN A 1 35 ? -2.695  7.524   25.088  1.00 44.15 ? 34  ASN A OD1 1 
ATOM   277  N ND2 . ASN A 1 35 ? -2.100  5.592   26.089  1.00 45.06 ? 34  ASN A ND2 1 
ATOM   278  N N   . ILE A 1 36 ? -0.390  6.584   20.551  1.00 43.00 ? 35  ILE A N   1 
ATOM   279  C CA  . ILE A 1 36 ? 0.597   6.842   19.515  1.00 42.30 ? 35  ILE A CA  1 
ATOM   280  C C   . ILE A 1 36 ? 0.053   7.900   18.512  1.00 41.96 ? 35  ILE A C   1 
ATOM   281  O O   . ILE A 1 36 ? -1.134  7.869   18.133  1.00 42.33 ? 35  ILE A O   1 
ATOM   282  C CB  . ILE A 1 36 ? 1.054   5.515   18.858  1.00 42.24 ? 35  ILE A CB  1 
ATOM   283  C CG1 . ILE A 1 36 ? 2.132   5.761   17.806  1.00 42.21 ? 35  ILE A CG1 1 
ATOM   284  C CG2 . ILE A 1 36 ? -0.136  4.737   18.294  1.00 42.02 ? 35  ILE A CG2 1 
ATOM   285  C CD1 . ILE A 1 36 ? 2.686   4.485   17.222  1.00 43.49 ? 35  ILE A CD1 1 
ATOM   286  N N   . LYS A 1 37 ? 0.911   8.857   18.140  1.00 40.82 ? 36  LYS A N   1 
ATOM   287  C CA  . LYS A 1 37 ? 0.557   9.956   17.251  1.00 39.42 ? 36  LYS A CA  1 
ATOM   288  C C   . LYS A 1 37 ? 1.327   9.780   15.964  1.00 39.30 ? 36  LYS A C   1 
ATOM   289  O O   . LYS A 1 37 ? 2.548   9.623   15.986  1.00 38.96 ? 36  LYS A O   1 
ATOM   290  C CB  . LYS A 1 37 ? 0.898   11.311  17.891  1.00 39.41 ? 36  LYS A CB  1 
ATOM   291  C CG  . LYS A 1 37 ? 0.790   12.520  16.937  1.00 38.72 ? 36  LYS A CG  1 
ATOM   292  C CD  . LYS A 1 37 ? 0.653   13.857  17.662  1.00 38.55 ? 36  LYS A CD  1 
ATOM   293  C CE  . LYS A 1 37 ? 1.994   14.481  18.027  1.00 38.08 ? 36  LYS A CE  1 
ATOM   294  N NZ  . LYS A 1 37 ? 1.848   15.481  19.128  1.00 38.73 ? 36  LYS A NZ  1 
ATOM   295  N N   . TYR A 1 38 ? 0.617   9.811   14.838  1.00 39.15 ? 37  TYR A N   1 
ATOM   296  C CA  . TYR A 1 38 ? 1.267   9.617   13.546  1.00 39.02 ? 37  TYR A CA  1 
ATOM   297  C C   . TYR A 1 38 ? 1.676   10.924  12.865  1.00 39.23 ? 37  TYR A C   1 
ATOM   298  O O   . TYR A 1 38 ? 0.883   11.860  12.743  1.00 39.40 ? 37  TYR A O   1 
ATOM   299  C CB  . TYR A 1 38 ? 0.422   8.736   12.644  1.00 38.31 ? 37  TYR A CB  1 
ATOM   300  C CG  . TYR A 1 38 ? 0.357   7.312   13.124  1.00 37.97 ? 37  TYR A CG  1 
ATOM   301  C CD1 . TYR A 1 38 ? -0.816  6.778   13.659  1.00 37.67 ? 37  TYR A CD1 1 
ATOM   302  C CD2 . TYR A 1 38 ? 1.476   6.489   13.056  1.00 37.84 ? 37  TYR A CD2 1 
ATOM   303  C CE1 . TYR A 1 38 ? -0.865  5.435   14.095  1.00 37.56 ? 37  TYR A CE1 1 
ATOM   304  C CE2 . TYR A 1 38 ? 1.432   5.155   13.495  1.00 37.72 ? 37  TYR A CE2 1 
ATOM   305  C CZ  . TYR A 1 38 ? 0.266   4.639   14.011  1.00 37.33 ? 37  TYR A CZ  1 
ATOM   306  O OH  . TYR A 1 38 ? 0.253   3.331   14.445  1.00 37.59 ? 37  TYR A OH  1 
ATOM   307  N N   . ILE A 1 39 ? 2.939   10.988  12.455  1.00 39.30 ? 38  ILE A N   1 
ATOM   308  C CA  . ILE A 1 39 ? 3.460   12.191  11.848  1.00 39.65 ? 38  ILE A CA  1 
ATOM   309  C C   . ILE A 1 39 ? 4.033   11.906  10.468  1.00 40.08 ? 38  ILE A C   1 
ATOM   310  O O   . ILE A 1 39 ? 4.729   10.910  10.252  1.00 40.18 ? 38  ILE A O   1 
ATOM   311  C CB  . ILE A 1 39 ? 4.499   12.890  12.741  1.00 39.65 ? 38  ILE A CB  1 
ATOM   312  C CG1 . ILE A 1 39 ? 3.868   13.272  14.090  1.00 38.80 ? 38  ILE A CG1 1 
ATOM   313  C CG2 . ILE A 1 39 ? 5.039   14.128  12.048  1.00 39.19 ? 38  ILE A CG2 1 
ATOM   314  C CD1 . ILE A 1 39 ? 4.882   13.598  15.191  1.00 37.71 ? 38  ILE A CD1 1 
ATOM   315  N N   . LEU A 1 40 ? 3.720   12.824  9.560   1.00 40.30 ? 39  LEU A N   1 
ATOM   316  C CA  . LEU A 1 40 ? 4.018   12.753  8.149   1.00 40.20 ? 39  LEU A CA  1 
ATOM   317  C C   . LEU A 1 40 ? 4.972   13.896  7.886   1.00 40.37 ? 39  LEU A C   1 
ATOM   318  O O   . LEU A 1 40 ? 4.820   14.967  8.456   1.00 40.70 ? 39  LEU A O   1 
ATOM   319  C CB  . LEU A 1 40 ? 2.717   13.033  7.422   1.00 40.17 ? 39  LEU A CB  1 
ATOM   320  C CG  . LEU A 1 40 ? 2.311   12.375  6.124   1.00 40.45 ? 39  LEU A CG  1 
ATOM   321  C CD1 . LEU A 1 40 ? 2.042   10.938  6.328   1.00 41.38 ? 39  LEU A CD1 1 
ATOM   322  C CD2 . LEU A 1 40 ? 1.044   13.029  5.659   1.00 41.06 ? 39  LEU A CD2 1 
ATOM   323  N N   . SER A 1 41 ? 5.976   13.688  7.055   1.00 40.66 ? 40  SER A N   1 
ATOM   324  C CA  . SER A 1 41 ? 6.819   14.807  6.637   1.00 40.78 ? 40  SER A CA  1 
ATOM   325  C C   . SER A 1 41 ? 7.371   14.633  5.199   1.00 41.37 ? 40  SER A C   1 
ATOM   326  O O   . SER A 1 41 ? 7.237   13.564  4.574   1.00 41.32 ? 40  SER A O   1 
ATOM   327  C CB  . SER A 1 41 ? 7.926   15.070  7.659   1.00 40.62 ? 40  SER A CB  1 
ATOM   328  O OG  . SER A 1 41 ? 8.932   14.073  7.597   1.00 40.32 ? 40  SER A OG  1 
ATOM   329  N N   . GLY A 1 42 ? 7.964   15.698  4.665   1.00 41.75 ? 41  GLY A N   1 
ATOM   330  C CA  . GLY A 1 42 ? 8.531   15.644  3.321   1.00 41.95 ? 41  GLY A CA  1 
ATOM   331  C C   . GLY A 1 42 ? 7.599   16.194  2.262   1.00 42.29 ? 41  GLY A C   1 
ATOM   332  O O   . GLY A 1 42 ? 6.777   17.060  2.538   1.00 42.04 ? 41  GLY A O   1 
ATOM   333  N N   . GLU A 1 43 ? 7.706   15.654  1.048   1.00 42.78 ? 42  GLU A N   1 
ATOM   334  C CA  . GLU A 1 43 ? 7.101   16.262  -0.140  1.00 42.61 ? 42  GLU A CA  1 
ATOM   335  C C   . GLU A 1 43 ? 5.602   16.209  -0.075  1.00 42.20 ? 42  GLU A C   1 
ATOM   336  O O   . GLU A 1 43 ? 5.021   15.138  -0.121  1.00 42.24 ? 42  GLU A O   1 
ATOM   337  C CB  . GLU A 1 43 ? 7.598   15.575  -1.408  1.00 42.75 ? 42  GLU A CB  1 
ATOM   338  C CG  . GLU A 1 43 ? 9.111   15.509  -1.502  1.00 44.04 ? 42  GLU A CG  1 
ATOM   339  C CD  . GLU A 1 43 ? 9.604   14.828  -2.756  1.00 46.02 ? 42  GLU A CD  1 
ATOM   340  O OE1 . GLU A 1 43 ? 9.035   13.785  -3.161  1.00 47.75 ? 42  GLU A OE1 1 
ATOM   341  O OE2 . GLU A 1 43 ? 10.590  15.333  -3.328  1.00 46.72 ? 42  GLU A OE2 1 
ATOM   342  N N   . GLY A 1 44 ? 4.997   17.380  0.063   1.00 42.11 ? 43  GLY A N   1 
ATOM   343  C CA  . GLY A 1 44 ? 3.546   17.540  0.004   1.00 42.12 ? 43  GLY A CA  1 
ATOM   344  C C   . GLY A 1 44 ? 2.860   17.306  1.329   1.00 42.20 ? 43  GLY A C   1 
ATOM   345  O O   . GLY A 1 44 ? 1.640   17.414  1.424   1.00 42.34 ? 43  GLY A O   1 
ATOM   346  N N   . ALA A 1 45 ? 3.646   16.977  2.347   1.00 42.09 ? 44  ALA A N   1 
ATOM   347  C CA  . ALA A 1 45 ? 3.113   16.657  3.663   1.00 42.23 ? 44  ALA A CA  1 
ATOM   348  C C   . ALA A 1 45 ? 2.380   17.851  4.202   1.00 42.28 ? 44  ALA A C   1 
ATOM   349  O O   . ALA A 1 45 ? 2.944   18.934  4.239   1.00 42.95 ? 44  ALA A O   1 
ATOM   350  C CB  . ALA A 1 45 ? 4.236   16.290  4.595   1.00 42.17 ? 44  ALA A CB  1 
ATOM   351  N N   . GLY A 1 46 ? 1.123   17.668  4.602   1.00 42.14 ? 45  GLY A N   1 
ATOM   352  C CA  . GLY A 1 46 ? 0.341   18.767  5.186   1.00 41.76 ? 45  GLY A CA  1 
ATOM   353  C C   . GLY A 1 46 ? -0.350  19.704  4.196   1.00 41.59 ? 45  GLY A C   1 
ATOM   354  O O   . GLY A 1 46 ? -1.003  20.674  4.593   1.00 42.28 ? 45  GLY A O   1 
ATOM   355  N N   . THR A 1 47 ? -0.200  19.426  2.903   1.00 40.96 ? 46  THR A N   1 
ATOM   356  C CA  . THR A 1 47 ? -0.952  20.108  1.850   1.00 39.79 ? 46  THR A CA  1 
ATOM   357  C C   . THR A 1 47 ? -1.574  19.022  0.988   1.00 39.07 ? 46  THR A C   1 
ATOM   358  O O   . THR A 1 47 ? -2.708  18.619  1.244   1.00 39.08 ? 46  THR A O   1 
ATOM   359  C CB  . THR A 1 47 ? -0.048  21.013  1.012   1.00 39.71 ? 46  THR A CB  1 
ATOM   360  O OG1 . THR A 1 47 ? 1.204   20.351  0.781   1.00 40.73 ? 46  THR A OG1 1 
ATOM   361  C CG2 . THR A 1 47 ? 0.229   22.284  1.744   1.00 39.87 ? 46  THR A CG2 1 
ATOM   362  N N   . ILE A 1 48 ? -0.816  18.525  0.007   1.00 38.23 ? 47  ILE A N   1 
ATOM   363  C CA  . ILE A 1 48 ? -1.248  17.452  -0.898  1.00 37.58 ? 47  ILE A CA  1 
ATOM   364  C C   . ILE A 1 48 ? -1.753  16.263  -0.081  1.00 37.91 ? 47  ILE A C   1 
ATOM   365  O O   . ILE A 1 48 ? -2.847  15.752  -0.323  1.00 37.85 ? 47  ILE A O   1 
ATOM   366  C CB  . ILE A 1 48 ? -0.074  16.969  -1.803  1.00 37.35 ? 47  ILE A CB  1 
ATOM   367  C CG1 . ILE A 1 48 ? 0.614   18.153  -2.514  1.00 36.68 ? 47  ILE A CG1 1 
ATOM   368  C CG2 . ILE A 1 48 ? -0.524  15.853  -2.742  1.00 36.99 ? 47  ILE A CG2 1 
ATOM   369  C CD1 . ILE A 1 48 ? 0.534   18.198  -4.003  1.00 34.99 ? 47  ILE A CD1 1 
ATOM   370  N N   . PHE A 1 49 ? -0.940  15.865  0.903   1.00 37.99 ? 48  PHE A N   1 
ATOM   371  C CA  . PHE A 1 49 ? -1.179  14.708  1.752   1.00 37.86 ? 48  PHE A CA  1 
ATOM   372  C C   . PHE A 1 49 ? -1.396  15.104  3.191   1.00 38.29 ? 48  PHE A C   1 
ATOM   373  O O   . PHE A 1 49 ? -0.591  15.815  3.801   1.00 38.14 ? 48  PHE A O   1 
ATOM   374  C CB  . PHE A 1 49 ? -0.007  13.733  1.658   1.00 37.47 ? 48  PHE A CB  1 
ATOM   375  C CG  . PHE A 1 49 ? 0.282   13.289  0.253   1.00 37.34 ? 48  PHE A CG  1 
ATOM   376  C CD1 . PHE A 1 49 ? 1.431   13.711  -0.397  1.00 36.60 ? 48  PHE A CD1 1 
ATOM   377  C CD2 . PHE A 1 49 ? -0.623  12.474  -0.439  1.00 36.03 ? 48  PHE A CD2 1 
ATOM   378  C CE1 . PHE A 1 49 ? 1.690   13.302  -1.698  1.00 35.91 ? 48  PHE A CE1 1 
ATOM   379  C CE2 . PHE A 1 49 ? -0.363  12.060  -1.723  1.00 34.48 ? 48  PHE A CE2 1 
ATOM   380  C CZ  . PHE A 1 49 ? 0.794   12.478  -2.355  1.00 35.33 ? 48  PHE A CZ  1 
ATOM   381  N N   . VAL A 1 50 ? -2.482  14.582  3.730   1.00 38.94 ? 49  VAL A N   1 
ATOM   382  C CA  . VAL A 1 50 ? -2.979  14.940  5.034   1.00 39.72 ? 49  VAL A CA  1 
ATOM   383  C C   . VAL A 1 50 ? -3.185  13.653  5.856   1.00 40.52 ? 49  VAL A C   1 
ATOM   384  O O   . VAL A 1 50 ? -3.685  12.636  5.341   1.00 40.69 ? 49  VAL A O   1 
ATOM   385  C CB  . VAL A 1 50 ? -4.296  15.715  4.842   1.00 39.30 ? 49  VAL A CB  1 
ATOM   386  C CG1 . VAL A 1 50 ? -5.267  15.411  5.924   1.00 40.41 ? 49  VAL A CG1 1 
ATOM   387  C CG2 . VAL A 1 50 ? -4.020  17.184  4.788   1.00 39.71 ? 49  VAL A CG2 1 
ATOM   388  N N   . ILE A 1 51 ? -2.793  13.686  7.126   1.00 41.15 ? 50  ILE A N   1 
ATOM   389  C CA  . ILE A 1 51 ? -2.957  12.516  7.987   1.00 41.96 ? 50  ILE A CA  1 
ATOM   390  C C   . ILE A 1 51 ? -3.918  12.772  9.152   1.00 42.44 ? 50  ILE A C   1 
ATOM   391  O O   . ILE A 1 51 ? -4.000  13.888  9.661   1.00 42.80 ? 50  ILE A O   1 
ATOM   392  C CB  . ILE A 1 51 ? -1.579  12.033  8.520   1.00 42.17 ? 50  ILE A CB  1 
ATOM   393  C CG1 . ILE A 1 51 ? -1.663  10.586  9.045   1.00 42.01 ? 50  ILE A CG1 1 
ATOM   394  C CG2 . ILE A 1 51 ? -1.007  13.031  9.552   1.00 42.35 ? 50  ILE A CG2 1 
ATOM   395  C CD1 . ILE A 1 51 ? -0.369  9.783   8.884   1.00 40.69 ? 50  ILE A CD1 1 
ATOM   396  N N   . ASP A 1 52 ? -4.668  11.756  9.566   1.00 42.98 ? 51  ASP A N   1 
ATOM   397  C CA  . ASP A 1 52 ? -5.246  11.824  10.900  1.00 43.65 ? 51  ASP A CA  1 
ATOM   398  C C   . ASP A 1 52 ? -4.241  11.150  11.851  1.00 43.04 ? 51  ASP A C   1 
ATOM   399  O O   . ASP A 1 52 ? -3.962  9.954   11.725  1.00 42.32 ? 51  ASP A O   1 
ATOM   400  C CB  . ASP A 1 52 ? -6.668  11.237  10.993  1.00 44.16 ? 51  ASP A CB  1 
ATOM   401  C CG  . ASP A 1 52 ? -7.155  11.072  12.483  1.00 47.85 ? 51  ASP A CG  1 
ATOM   402  O OD1 . ASP A 1 52 ? -7.701  12.028  13.148  1.00 48.94 ? 51  ASP A OD1 1 
ATOM   403  O OD2 . ASP A 1 52 ? -6.979  9.937   12.997  1.00 52.13 ? 51  ASP A OD2 1 
ATOM   404  N N   . ASP A 1 53 ? -3.687  11.937  12.776  1.00 42.60 ? 52  ASP A N   1 
ATOM   405  C CA  . ASP A 1 53 ? -2.562  11.468  13.573  1.00 42.52 ? 52  ASP A CA  1 
ATOM   406  C C   . ASP A 1 53 ? -2.963  10.393  14.590  1.00 42.43 ? 52  ASP A C   1 
ATOM   407  O O   . ASP A 1 53 ? -2.100  9.740   15.196  1.00 42.72 ? 52  ASP A O   1 
ATOM   408  C CB  . ASP A 1 53 ? -1.763  12.630  14.194  1.00 42.38 ? 52  ASP A CB  1 
ATOM   409  C CG  . ASP A 1 53 ? -2.499  13.325  15.332  1.00 43.32 ? 52  ASP A CG  1 
ATOM   410  O OD1 . ASP A 1 53 ? -2.018  14.410  15.763  1.00 43.20 ? 52  ASP A OD1 1 
ATOM   411  O OD2 . ASP A 1 53 ? -3.544  12.799  15.806  1.00 43.44 ? 52  ASP A OD2 1 
ATOM   412  N N   . LYS A 1 54 ? -4.270  10.183  14.732  1.00 42.12 ? 53  LYS A N   1 
ATOM   413  C CA  . LYS A 1 54 ? -4.805  9.108   15.578  1.00 41.81 ? 53  LYS A CA  1 
ATOM   414  C C   . LYS A 1 54 ? -4.937  7.729   14.860  1.00 41.67 ? 53  LYS A C   1 
ATOM   415  O O   . LYS A 1 54 ? -4.376  6.740   15.330  1.00 41.67 ? 53  LYS A O   1 
ATOM   416  C CB  . LYS A 1 54 ? -6.128  9.560   16.196  1.00 42.00 ? 53  LYS A CB  1 
ATOM   417  C CG  . LYS A 1 54 ? -6.454  8.918   17.509  1.00 42.61 ? 53  LYS A CG  1 
ATOM   418  C CD  . LYS A 1 54 ? -7.040  9.965   18.452  1.00 44.86 ? 53  LYS A CD  1 
ATOM   419  C CE  . LYS A 1 54 ? -7.367  9.354   19.804  1.00 46.44 ? 53  LYS A CE  1 
ATOM   420  N NZ  . LYS A 1 54 ? -8.205  8.116   19.632  1.00 47.24 ? 53  LYS A NZ  1 
ATOM   421  N N   . SER A 1 55 ? -5.657  7.675   13.731  1.00 41.33 ? 54  SER A N   1 
ATOM   422  C CA  . SER A 1 55 ? -5.863  6.434   12.941  1.00 41.21 ? 54  SER A CA  1 
ATOM   423  C C   . SER A 1 55 ? -4.674  6.095   12.043  1.00 41.05 ? 54  SER A C   1 
ATOM   424  O O   . SER A 1 55 ? -4.380  4.914   11.773  1.00 40.96 ? 54  SER A O   1 
ATOM   425  C CB  . SER A 1 55 ? -7.109  6.560   12.056  1.00 41.13 ? 54  SER A CB  1 
ATOM   426  O OG  . SER A 1 55 ? -6.924  7.507   11.002  1.00 41.11 ? 54  SER A OG  1 
ATOM   427  N N   . GLY A 1 56 ? -4.019  7.154   11.564  1.00 40.76 ? 55  GLY A N   1 
ATOM   428  C CA  . GLY A 1 56 ? -2.875  7.047   10.683  1.00 40.25 ? 55  GLY A CA  1 
ATOM   429  C C   . GLY A 1 56 ? -3.275  7.021   9.225   1.00 40.27 ? 55  GLY A C   1 
ATOM   430  O O   . GLY A 1 56 ? -2.423  6.774   8.364   1.00 40.39 ? 55  GLY A O   1 
ATOM   431  N N   . ASN A 1 57 ? -4.562  7.264   8.947   1.00 39.83 ? 56  ASN A N   1 
ATOM   432  C CA  . ASN A 1 57 ? -5.050  7.379   7.577   1.00 39.69 ? 56  ASN A CA  1 
ATOM   433  C C   . ASN A 1 57 ? -4.479  8.597   6.870   1.00 39.82 ? 56  ASN A C   1 
ATOM   434  O O   . ASN A 1 57 ? -4.532  9.715   7.401   1.00 40.30 ? 56  ASN A O   1 
ATOM   435  C CB  . ASN A 1 57 ? -6.573  7.435   7.548   1.00 39.78 ? 56  ASN A CB  1 
ATOM   436  C CG  . ASN A 1 57 ? -7.201  6.083   7.801   1.00 39.84 ? 56  ASN A CG  1 
ATOM   437  O OD1 . ASN A 1 57 ? -6.599  5.054   7.513   1.00 42.36 ? 56  ASN A OD1 1 
ATOM   438  N ND2 . ASN A 1 57 ? -8.397  6.074   8.343   1.00 37.81 ? 56  ASN A ND2 1 
ATOM   439  N N   . ILE A 1 58 ? -3.919  8.367   5.683   1.00 39.39 ? 57  ILE A N   1 
ATOM   440  C CA  . ILE A 1 58 ? -3.390  9.422   4.833   1.00 38.89 ? 57  ILE A CA  1 
ATOM   441  C C   . ILE A 1 58 ? -4.385  9.712   3.707   1.00 39.17 ? 57  ILE A C   1 
ATOM   442  O O   . ILE A 1 58 ? -5.014  8.788   3.185   1.00 39.51 ? 57  ILE A O   1 
ATOM   443  C CB  . ILE A 1 58 ? -2.051  9.010   4.241   1.00 38.54 ? 57  ILE A CB  1 
ATOM   444  C CG1 . ILE A 1 58 ? -1.031  8.832   5.361   1.00 38.38 ? 57  ILE A CG1 1 
ATOM   445  C CG2 . ILE A 1 58 ? -1.551  10.074  3.292   1.00 38.55 ? 57  ILE A CG2 1 
ATOM   446  C CD1 . ILE A 1 58 ? 0.153   7.959   4.994   1.00 37.60 ? 57  ILE A CD1 1 
ATOM   447  N N   . HIS A 1 59 ? -4.536  10.988  3.343   1.00 39.05 ? 58  HIS A N   1 
ATOM   448  C CA  . HIS A 1 59 ? -5.405  11.391  2.226   1.00 38.36 ? 58  HIS A CA  1 
ATOM   449  C C   . HIS A 1 59 ? -4.735  12.362  1.262   1.00 38.47 ? 58  HIS A C   1 
ATOM   450  O O   . HIS A 1 59 ? -3.866  13.151  1.652   1.00 38.43 ? 58  HIS A O   1 
ATOM   451  C CB  . HIS A 1 59 ? -6.665  12.035  2.753   1.00 37.91 ? 58  HIS A CB  1 
ATOM   452  C CG  . HIS A 1 59 ? -7.574  11.080  3.432   1.00 37.50 ? 58  HIS A CG  1 
ATOM   453  N ND1 . HIS A 1 59 ? -8.653  10.502  2.792   1.00 38.97 ? 58  HIS A ND1 1 
ATOM   454  C CD2 . HIS A 1 59 ? -7.567  10.585  4.688   1.00 36.57 ? 58  HIS A CD2 1 
ATOM   455  C CE1 . HIS A 1 59 ? -9.284  9.702   3.632   1.00 36.98 ? 58  HIS A CE1 1 
ATOM   456  N NE2 . HIS A 1 59 ? -8.642  9.735   4.787   1.00 37.68 ? 58  HIS A NE2 1 
ATOM   457  N N   . ALA A 1 60 ? -5.161  12.294  0.004   1.00 38.48 ? 59  ALA A N   1 
ATOM   458  C CA  . ALA A 1 60 ? -4.730  13.211  -1.037  1.00 38.50 ? 59  ALA A CA  1 
ATOM   459  C C   . ALA A 1 60 ? -5.799  14.284  -1.182  1.00 38.69 ? 59  ALA A C   1 
ATOM   460  O O   . ALA A 1 60 ? -6.982  13.970  -1.324  1.00 39.17 ? 59  ALA A O   1 
ATOM   461  C CB  . ALA A 1 60 ? -4.551  12.468  -2.337  1.00 38.35 ? 59  ALA A CB  1 
ATOM   462  N N   . THR A 1 61 ? -5.390  15.546  -1.161  1.00 38.57 ? 60  THR A N   1 
ATOM   463  C CA  . THR A 1 61 ? -6.346  16.653  -1.050  1.00 38.56 ? 60  THR A CA  1 
ATOM   464  C C   . THR A 1 61 ? -6.647  17.383  -2.357  1.00 38.00 ? 60  THR A C   1 
ATOM   465  O O   . THR A 1 61 ? -7.509  18.238  -2.390  1.00 37.92 ? 60  THR A O   1 
ATOM   466  C CB  . THR A 1 61 ? -5.852  17.700  -0.012  1.00 39.08 ? 60  THR A CB  1 
ATOM   467  O OG1 . THR A 1 61 ? -4.592  18.241  -0.434  1.00 39.64 ? 60  THR A OG1 1 
ATOM   468  C CG2 . THR A 1 61 ? -5.709  17.073  1.398   1.00 38.60 ? 60  THR A CG2 1 
ATOM   469  N N   . LYS A 1 62 ? -5.953  17.003  -3.426  1.00 37.78 ? 61  LYS A N   1 
ATOM   470  C CA  . LYS A 1 62 ? -5.843  17.763  -4.664  1.00 37.17 ? 61  LYS A CA  1 
ATOM   471  C C   . LYS A 1 62 ? -6.018  16.797  -5.820  1.00 37.22 ? 61  LYS A C   1 
ATOM   472  O O   . LYS A 1 62 ? -5.980  15.586  -5.641  1.00 37.17 ? 61  LYS A O   1 
ATOM   473  C CB  . LYS A 1 62 ? -4.422  18.299  -4.717  1.00 36.70 ? 61  LYS A CB  1 
ATOM   474  C CG  . LYS A 1 62 ? -4.142  19.322  -5.754  1.00 37.88 ? 61  LYS A CG  1 
ATOM   475  C CD  . LYS A 1 62 ? -2.715  19.831  -5.602  1.00 39.53 ? 61  LYS A CD  1 
ATOM   476  C CE  . LYS A 1 62 ? -1.745  19.173  -6.571  1.00 39.80 ? 61  LYS A CE  1 
ATOM   477  N NZ  . LYS A 1 62 ? -1.801  19.868  -7.885  1.00 40.72 ? 61  LYS A NZ  1 
ATOM   478  N N   . THR A 1 63 ? -6.207  17.328  -7.015  1.00 37.45 ? 62  THR A N   1 
ATOM   479  C CA  . THR A 1 63 ? -6.014  16.539  -8.218  1.00 37.60 ? 62  THR A CA  1 
ATOM   480  C C   . THR A 1 63 ? -4.519  16.293  -8.377  1.00 38.12 ? 62  THR A C   1 
ATOM   481  O O   . THR A 1 63 ? -3.701  17.173  -8.093  1.00 38.02 ? 62  THR A O   1 
ATOM   482  C CB  . THR A 1 63 ? -6.506  17.295  -9.449  1.00 37.50 ? 62  THR A CB  1 
ATOM   483  O OG1 . THR A 1 63 ? -7.912  17.497  -9.333  1.00 37.23 ? 62  THR A OG1 1 
ATOM   484  C CG2 . THR A 1 63 ? -6.207  16.526  -10.727 1.00 36.68 ? 62  THR A CG2 1 
ATOM   485  N N   . LEU A 1 64 ? -4.163  15.103  -8.840  1.00 38.66 ? 63  LEU A N   1 
ATOM   486  C CA  . LEU A 1 64 ? -2.767  14.798  -9.138  1.00 38.94 ? 63  LEU A CA  1 
ATOM   487  C C   . LEU A 1 64 ? -2.621  14.353  -10.587 1.00 39.24 ? 63  LEU A C   1 
ATOM   488  O O   . LEU A 1 64 ? -3.524  13.740  -11.153 1.00 39.74 ? 63  LEU A O   1 
ATOM   489  C CB  . LEU A 1 64 ? -2.222  13.751  -8.166  1.00 38.70 ? 63  LEU A CB  1 
ATOM   490  C CG  . LEU A 1 64 ? -2.273  14.146  -6.680  1.00 38.36 ? 63  LEU A CG  1 
ATOM   491  C CD1 . LEU A 1 64 ? -1.866  12.978  -5.832  1.00 37.86 ? 63  LEU A CD1 1 
ATOM   492  C CD2 . LEU A 1 64 ? -1.407  15.372  -6.324  1.00 37.90 ? 63  LEU A CD2 1 
ATOM   493  N N   . ASP A 1 65 ? -1.485  14.685  -11.183 1.00 39.54 ? 64  ASP A N   1 
ATOM   494  C CA  . ASP A 1 65 ? -1.230  14.417  -12.587 1.00 39.66 ? 64  ASP A CA  1 
ATOM   495  C C   . ASP A 1 65 ? 0.206   13.899  -12.703 1.00 39.76 ? 64  ASP A C   1 
ATOM   496  O O   . ASP A 1 65 ? 1.152   14.641  -12.447 1.00 40.06 ? 64  ASP A O   1 
ATOM   497  C CB  . ASP A 1 65 ? -1.414  15.716  -13.368 1.00 39.61 ? 64  ASP A CB  1 
ATOM   498  C CG  . ASP A 1 65 ? -1.075  15.579  -14.832 1.00 40.74 ? 64  ASP A CG  1 
ATOM   499  O OD1 . ASP A 1 65 ? -0.786  16.614  -15.482 1.00 41.81 ? 64  ASP A OD1 1 
ATOM   500  O OD2 . ASP A 1 65 ? -1.105  14.445  -15.348 1.00 42.25 ? 64  ASP A OD2 1 
ATOM   501  N N   . ARG A 1 66 ? 0.370   12.631  -13.067 1.00 39.72 ? 65  ARG A N   1 
ATOM   502  C CA  . ARG A 1 66 ? 1.697   12.010  -13.123 1.00 40.23 ? 65  ARG A CA  1 
ATOM   503  C C   . ARG A 1 66 ? 2.611   12.648  -14.174 1.00 40.18 ? 65  ARG A C   1 
ATOM   504  O O   . ARG A 1 66 ? 3.825   12.478  -14.134 1.00 40.11 ? 65  ARG A O   1 
ATOM   505  C CB  . ARG A 1 66 ? 1.597   10.495  -13.332 1.00 39.90 ? 65  ARG A CB  1 
ATOM   506  C CG  . ARG A 1 66 ? 1.653   10.063  -14.784 1.00 40.93 ? 65  ARG A CG  1 
ATOM   507  C CD  . ARG A 1 66 ? 1.658   8.555   -14.952 1.00 41.49 ? 65  ARG A CD  1 
ATOM   508  N NE  . ARG A 1 66 ? 2.563   7.855   -14.040 1.00 43.04 ? 65  ARG A NE  1 
ATOM   509  C CZ  . ARG A 1 66 ? 3.828   7.554   -14.306 1.00 42.95 ? 65  ARG A CZ  1 
ATOM   510  N NH1 . ARG A 1 66 ? 4.388   7.909   -15.462 1.00 43.48 ? 65  ARG A NH1 1 
ATOM   511  N NH2 . ARG A 1 66 ? 4.533   6.901   -13.398 1.00 42.76 ? 65  ARG A NH2 1 
ATOM   512  N N   . GLU A 1 67 ? 2.012   13.364  -15.117 1.00 40.57 ? 66  GLU A N   1 
ATOM   513  C CA  . GLU A 1 67 ? 2.740   14.179  -16.058 1.00 41.11 ? 66  GLU A CA  1 
ATOM   514  C C   . GLU A 1 67 ? 3.508   15.233  -15.265 1.00 41.24 ? 66  GLU A C   1 
ATOM   515  O O   . GLU A 1 67 ? 4.694   15.428  -15.479 1.00 41.10 ? 66  GLU A O   1 
ATOM   516  C CB  . GLU A 1 67 ? 1.745   14.841  -17.010 1.00 41.49 ? 66  GLU A CB  1 
ATOM   517  C CG  . GLU A 1 67 ? 2.335   15.798  -18.059 1.00 42.88 ? 66  GLU A CG  1 
ATOM   518  C CD  . GLU A 1 67 ? 2.261   15.225  -19.472 1.00 44.68 ? 66  GLU A CD  1 
ATOM   519  O OE1 . GLU A 1 67 ? 2.188   13.981  -19.586 1.00 45.43 ? 66  GLU A OE1 1 
ATOM   520  O OE2 . GLU A 1 67 ? 2.264   16.005  -20.463 1.00 44.43 ? 66  GLU A OE2 1 
ATOM   521  N N   . GLU A 1 68 ? 2.833   15.897  -14.332 1.00 41.81 ? 67  GLU A N   1 
ATOM   522  C CA  . GLU A 1 68 ? 3.470   16.934  -13.516 1.00 42.79 ? 67  GLU A CA  1 
ATOM   523  C C   . GLU A 1 68 ? 4.352   16.372  -12.406 1.00 42.88 ? 67  GLU A C   1 
ATOM   524  O O   . GLU A 1 68 ? 5.377   16.956  -12.083 1.00 43.27 ? 67  GLU A O   1 
ATOM   525  C CB  . GLU A 1 68 ? 2.432   17.838  -12.862 1.00 42.82 ? 67  GLU A CB  1 
ATOM   526  C CG  . GLU A 1 68 ? 1.464   18.545  -13.786 1.00 43.59 ? 67  GLU A CG  1 
ATOM   527  C CD  . GLU A 1 68 ? 0.206   19.017  -13.047 1.00 43.75 ? 67  GLU A CD  1 
ATOM   528  O OE1 . GLU A 1 68 ? 0.054   18.752  -11.825 1.00 44.43 ? 67  GLU A OE1 1 
ATOM   529  O OE2 . GLU A 1 68 ? -0.646  19.650  -13.700 1.00 45.49 ? 67  GLU A OE2 1 
ATOM   530  N N   . ARG A 1 69 ? 3.926   15.268  -11.797 1.00 43.08 ? 68  ARG A N   1 
ATOM   531  C CA  . ARG A 1 69 ? 4.663   14.626  -10.726 1.00 43.34 ? 68  ARG A CA  1 
ATOM   532  C C   . ARG A 1 69 ? 4.340   13.170  -10.655 1.00 43.08 ? 68  ARG A C   1 
ATOM   533  O O   . ARG A 1 69 ? 3.212   12.806  -10.325 1.00 43.08 ? 68  ARG A O   1 
ATOM   534  C CB  . ARG A 1 69 ? 4.273   15.216  -9.392  1.00 43.87 ? 68  ARG A CB  1 
ATOM   535  C CG  . ARG A 1 69 ? 5.280   16.142  -8.861  1.00 46.50 ? 68  ARG A CG  1 
ATOM   536  C CD  . ARG A 1 69 ? 6.622   15.459  -8.686  1.00 50.86 ? 68  ARG A CD  1 
ATOM   537  N NE  . ARG A 1 69 ? 7.369   16.211  -7.692  1.00 55.03 ? 68  ARG A NE  1 
ATOM   538  C CZ  . ARG A 1 69 ? 7.179   16.067  -6.382  1.00 59.03 ? 68  ARG A CZ  1 
ATOM   539  N NH1 . ARG A 1 69 ? 6.299   15.176  -5.936  1.00 60.86 ? 68  ARG A NH1 1 
ATOM   540  N NH2 . ARG A 1 69 ? 7.872   16.792  -5.513  1.00 61.21 ? 68  ARG A NH2 1 
ATOM   541  N N   . ALA A 1 70 ? 5.333   12.336  -10.928 1.00 42.86 ? 69  ALA A N   1 
ATOM   542  C CA  . ALA A 1 70 ? 5.127   10.895  -10.913 1.00 42.65 ? 69  ALA A CA  1 
ATOM   543  C C   . ALA A 1 70 ? 5.069   10.377  -9.492  1.00 42.41 ? 69  ALA A C   1 
ATOM   544  O O   . ALA A 1 70 ? 4.403   9.383   -9.211  1.00 42.25 ? 69  ALA A O   1 
ATOM   545  C CB  . ALA A 1 70 ? 6.230   10.187  -11.679 1.00 42.64 ? 69  ALA A CB  1 
ATOM   546  N N   . GLN A 1 71 ? 5.750   11.080  -8.595  1.00 42.31 ? 70  GLN A N   1 
ATOM   547  C CA  . GLN A 1 71 ? 6.183   10.475  -7.352  1.00 42.08 ? 70  GLN A CA  1 
ATOM   548  C C   . GLN A 1 71 ? 6.371   11.465  -6.207  1.00 41.68 ? 70  GLN A C   1 
ATOM   549  O O   . GLN A 1 71 ? 6.940   12.547  -6.389  1.00 41.98 ? 70  GLN A O   1 
ATOM   550  C CB  . GLN A 1 71 ? 7.507   9.789   -7.634  1.00 42.16 ? 70  GLN A CB  1 
ATOM   551  C CG  . GLN A 1 71 ? 7.823   8.661   -6.703  1.00 43.60 ? 70  GLN A CG  1 
ATOM   552  C CD  . GLN A 1 71 ? 9.083   7.965   -7.117  1.00 43.69 ? 70  GLN A CD  1 
ATOM   553  O OE1 . GLN A 1 71 ? 10.158  8.551   -7.048  1.00 43.48 ? 70  GLN A OE1 1 
ATOM   554  N NE2 . GLN A 1 71 ? 8.963   6.713   -7.567  1.00 43.81 ? 70  GLN A NE2 1 
ATOM   555  N N   . TYR A 1 72 ? 5.909   11.088  -5.023  1.00 41.11 ? 71  TYR A N   1 
ATOM   556  C CA  . TYR A 1 72 ? 6.144   11.901  -3.831  1.00 40.98 ? 71  TYR A CA  1 
ATOM   557  C C   . TYR A 1 72 ? 6.883   11.057  -2.813  1.00 41.06 ? 71  TYR A C   1 
ATOM   558  O O   . TYR A 1 72 ? 6.409   9.981   -2.459  1.00 41.57 ? 71  TYR A O   1 
ATOM   559  C CB  . TYR A 1 72 ? 4.824   12.417  -3.233  1.00 40.63 ? 71  TYR A CB  1 
ATOM   560  C CG  . TYR A 1 72 ? 4.072   13.304  -4.177  1.00 40.44 ? 71  TYR A CG  1 
ATOM   561  C CD1 . TYR A 1 72 ? 3.376   12.765  -5.246  1.00 40.78 ? 71  TYR A CD1 1 
ATOM   562  C CD2 . TYR A 1 72 ? 4.069   14.680  -4.022  1.00 40.28 ? 71  TYR A CD2 1 
ATOM   563  C CE1 . TYR A 1 72 ? 2.703   13.564  -6.140  1.00 41.10 ? 71  TYR A CE1 1 
ATOM   564  C CE2 . TYR A 1 72 ? 3.385   15.496  -4.919  1.00 40.47 ? 71  TYR A CE2 1 
ATOM   565  C CZ  . TYR A 1 72 ? 2.713   14.920  -5.976  1.00 40.59 ? 71  TYR A CZ  1 
ATOM   566  O OH  . TYR A 1 72 ? 2.037   15.678  -6.886  1.00 40.85 ? 71  TYR A OH  1 
ATOM   567  N N   . THR A 1 73 ? 8.035   11.531  -2.352  1.00 40.69 ? 72  THR A N   1 
ATOM   568  C CA  . THR A 1 73 ? 8.736   10.862  -1.277  1.00 40.64 ? 72  THR A CA  1 
ATOM   569  C C   . THR A 1 73 ? 8.430   11.531  0.054   1.00 40.91 ? 72  THR A C   1 
ATOM   570  O O   . THR A 1 73 ? 8.666   12.741  0.229   1.00 41.13 ? 72  THR A O   1 
ATOM   571  C CB  . THR A 1 73 ? 10.225  10.872  -1.524  1.00 40.46 ? 72  THR A CB  1 
ATOM   572  O OG1 . THR A 1 73 ? 10.489  10.124  -2.706  1.00 41.29 ? 72  THR A OG1 1 
ATOM   573  C CG2 . THR A 1 73 ? 10.954  10.213  -0.382  1.00 40.24 ? 72  THR A CG2 1 
ATOM   574  N N   . LEU A 1 74 ? 7.894   10.743  0.984   1.00 40.79 ? 73  LEU A N   1 
ATOM   575  C CA  . LEU A 1 74 ? 7.614   11.234  2.325   1.00 41.10 ? 73  LEU A CA  1 
ATOM   576  C C   . LEU A 1 74 ? 8.237   10.385  3.425   1.00 41.89 ? 73  LEU A C   1 
ATOM   577  O O   . LEU A 1 74 ? 8.909   9.363   3.184   1.00 42.18 ? 73  LEU A O   1 
ATOM   578  C CB  . LEU A 1 74 ? 6.125   11.331  2.584   1.00 40.77 ? 73  LEU A CB  1 
ATOM   579  C CG  . LEU A 1 74 ? 5.260   11.954  1.514   1.00 40.86 ? 73  LEU A CG  1 
ATOM   580  C CD1 . LEU A 1 74 ? 4.514   10.856  0.818   1.00 40.42 ? 73  LEU A CD1 1 
ATOM   581  C CD2 . LEU A 1 74 ? 4.299   12.860  2.180   1.00 40.98 ? 73  LEU A CD2 1 
ATOM   582  N N   . MET A 1 75 ? 7.984   10.821  4.651   1.00 42.31 ? 74  MET A N   1 
ATOM   583  C CA  . MET A 1 75 ? 8.626   10.272  5.811   1.00 42.63 ? 74  MET A CA  1 
ATOM   584  C C   . MET A 1 75 ? 7.530   9.979   6.830   1.00 42.34 ? 74  MET A C   1 
ATOM   585  O O   . MET A 1 75 ? 6.657   10.821  7.078   1.00 42.58 ? 74  MET A O   1 
ATOM   586  C CB  . MET A 1 75 ? 9.603   11.317  6.334   1.00 43.36 ? 74  MET A CB  1 
ATOM   587  C CG  . MET A 1 75 ? 10.909  10.790  6.889   1.00 45.46 ? 74  MET A CG  1 
ATOM   588  S SD  . MET A 1 75 ? 11.858  9.715   5.775   1.00 50.67 ? 74  MET A SD  1 
ATOM   589  C CE  . MET A 1 75 ? 13.218  9.237   6.858   1.00 47.07 ? 74  MET A CE  1 
ATOM   590  N N   . ALA A 1 76 ? 7.557   8.771   7.391   1.00 41.74 ? 75  ALA A N   1 
ATOM   591  C CA  . ALA A 1 76 ? 6.600   8.363   8.416   1.00 41.14 ? 75  ALA A CA  1 
ATOM   592  C C   . ALA A 1 76 ? 7.261   8.398   9.773   1.00 41.16 ? 75  ALA A C   1 
ATOM   593  O O   . ALA A 1 76 ? 8.363   7.870   9.948   1.00 41.46 ? 75  ALA A O   1 
ATOM   594  C CB  . ALA A 1 76 ? 6.123   6.982   8.145   1.00 40.90 ? 75  ALA A CB  1 
ATOM   595  N N   . GLN A 1 77 ? 6.598   9.019   10.738  1.00 40.96 ? 76  GLN A N   1 
ATOM   596  C CA  . GLN A 1 77 ? 7.083   9.008   12.115  1.00 41.00 ? 76  GLN A CA  1 
ATOM   597  C C   . GLN A 1 77 ? 5.950   8.665   13.069  1.00 40.97 ? 76  GLN A C   1 
ATOM   598  O O   . GLN A 1 77 ? 4.768   8.791   12.726  1.00 41.47 ? 76  GLN A O   1 
ATOM   599  C CB  . GLN A 1 77 ? 7.684   10.360  12.495  1.00 41.08 ? 76  GLN A CB  1 
ATOM   600  C CG  . GLN A 1 77 ? 8.898   10.786  11.665  1.00 42.34 ? 76  GLN A CG  1 
ATOM   601  C CD  . GLN A 1 77 ? 8.568   11.743  10.464  1.00 44.75 ? 76  GLN A CD  1 
ATOM   602  O OE1 . GLN A 1 77 ? 9.471   12.388  9.932   1.00 44.67 ? 76  GLN A OE1 1 
ATOM   603  N NE2 . GLN A 1 77 ? 7.288   11.822  10.046  1.00 45.50 ? 76  GLN A NE2 1 
ATOM   604  N N   . ALA A 1 78 ? 6.319   8.238   14.272  1.00 40.61 ? 77  ALA A N   1 
ATOM   605  C CA  . ALA A 1 78 ? 5.374   7.985   15.348  1.00 40.08 ? 77  ALA A CA  1 
ATOM   606  C C   . ALA A 1 78 ? 5.959   8.488   16.649  1.00 40.20 ? 77  ALA A C   1 
ATOM   607  O O   . ALA A 1 78 ? 7.076   8.143   17.022  1.00 40.60 ? 77  ALA A O   1 
ATOM   608  C CB  . ALA A 1 78 ? 5.085   6.515   15.460  1.00 39.70 ? 77  ALA A CB  1 
ATOM   609  N N   . VAL A 1 79 ? 5.206   9.312   17.352  1.00 40.19 ? 78  VAL A N   1 
ATOM   610  C CA  . VAL A 1 79 ? 5.629   9.732   18.671  1.00 39.85 ? 78  VAL A CA  1 
ATOM   611  C C   . VAL A 1 79 ? 4.611   9.338   19.709  1.00 39.87 ? 78  VAL A C   1 
ATOM   612  O O   . VAL A 1 79 ? 3.488   8.992   19.377  1.00 40.27 ? 78  VAL A O   1 
ATOM   613  C CB  . VAL A 1 79 ? 5.862   11.228  18.734  1.00 39.79 ? 78  VAL A CB  1 
ATOM   614  C CG1 . VAL A 1 79 ? 7.021   11.582  17.823  1.00 39.49 ? 78  VAL A CG1 1 
ATOM   615  C CG2 . VAL A 1 79 ? 4.577   11.980  18.372  1.00 39.23 ? 78  VAL A CG2 1 
ATOM   616  N N   . ASP A 1 80 ? 5.020   9.373   20.966  1.00 39.66 ? 79  ASP A N   1 
ATOM   617  C CA  . ASP A 1 80 ? 4.109   9.194   22.055  1.00 39.69 ? 79  ASP A CA  1 
ATOM   618  C C   . ASP A 1 80 ? 3.236   10.440  22.092  1.00 39.87 ? 79  ASP A C   1 
ATOM   619  O O   . ASP A 1 80 ? 3.751   11.552  22.082  1.00 39.67 ? 79  ASP A O   1 
ATOM   620  C CB  . ASP A 1 80 ? 4.913   9.033   23.338  1.00 39.69 ? 79  ASP A CB  1 
ATOM   621  C CG  . ASP A 1 80 ? 4.039   8.925   24.568  1.00 39.62 ? 79  ASP A CG  1 
ATOM   622  O OD1 . ASP A 1 80 ? 3.490   9.954   25.021  1.00 38.94 ? 79  ASP A OD1 1 
ATOM   623  O OD2 . ASP A 1 80 ? 3.921   7.800   25.093  1.00 40.78 ? 79  ASP A OD2 1 
ATOM   624  N N   . ARG A 1 81 ? 1.919   10.249  22.135  1.00 40.44 ? 80  ARG A N   1 
ATOM   625  C CA  . ARG A 1 81 ? 0.958   11.360  22.017  1.00 41.05 ? 80  ARG A CA  1 
ATOM   626  C C   . ARG A 1 81 ? 1.186   12.561  22.956  1.00 41.35 ? 80  ARG A C   1 
ATOM   627  O O   . ARG A 1 81 ? 0.848   13.679  22.576  1.00 41.72 ? 80  ARG A O   1 
ATOM   628  C CB  . ARG A 1 81 ? -0.506  10.853  22.087  1.00 41.21 ? 80  ARG A CB  1 
ATOM   629  C CG  . ARG A 1 81 ? -1.612  11.913  22.417  1.00 41.07 ? 80  ARG A CG  1 
ATOM   630  C CD  . ARG A 1 81 ? -2.389  12.398  21.200  1.00 41.56 ? 80  ARG A CD  1 
ATOM   631  N NE  . ARG A 1 81 ? -2.696  11.262  20.340  1.00 43.25 ? 80  ARG A NE  1 
ATOM   632  C CZ  . ARG A 1 81 ? -2.798  11.328  19.016  1.00 44.33 ? 80  ARG A CZ  1 
ATOM   633  N NH1 . ARG A 1 81 ? -2.650  12.492  18.393  1.00 44.42 ? 80  ARG A NH1 1 
ATOM   634  N NH2 . ARG A 1 81 ? -3.039  10.223  18.313  1.00 44.97 ? 80  ARG A NH2 1 
ATOM   635  N N   . ASP A 1 82 ? 1.737   12.361  24.154  1.00 41.47 ? 81  ASP A N   1 
ATOM   636  C CA  . ASP A 1 82 ? 1.971   13.521  25.035  1.00 41.92 ? 81  ASP A CA  1 
ATOM   637  C C   . ASP A 1 82 ? 3.406   13.867  25.378  1.00 41.68 ? 81  ASP A C   1 
ATOM   638  O O   . ASP A 1 82 ? 3.707   15.034  25.595  1.00 41.91 ? 81  ASP A O   1 
ATOM   639  C CB  . ASP A 1 82 ? 1.115   13.505  26.311  1.00 42.29 ? 81  ASP A CB  1 
ATOM   640  C CG  . ASP A 1 82 ? 0.780   12.119  26.768  1.00 43.32 ? 81  ASP A CG  1 
ATOM   641  O OD1 . ASP A 1 82 ? -0.347  11.934  27.273  1.00 44.88 ? 81  ASP A OD1 1 
ATOM   642  O OD2 . ASP A 1 82 ? 1.629   11.216  26.611  1.00 44.22 ? 81  ASP A OD2 1 
ATOM   643  N N   . THR A 1 83 ? 4.286   12.876  25.450  1.00 41.53 ? 82  THR A N   1 
ATOM   644  C CA  . THR A 1 83 ? 5.701   13.169  25.674  1.00 41.34 ? 82  THR A CA  1 
ATOM   645  C C   . THR A 1 83 ? 6.327   13.655  24.361  1.00 41.16 ? 82  THR A C   1 
ATOM   646  O O   . THR A 1 83 ? 7.332   14.371  24.362  1.00 41.47 ? 82  THR A O   1 
ATOM   647  C CB  . THR A 1 83 ? 6.502   11.949  26.220  1.00 41.34 ? 82  THR A CB  1 
ATOM   648  O OG1 . THR A 1 83 ? 6.727   11.005  25.168  1.00 41.63 ? 82  THR A OG1 1 
ATOM   649  C CG2 . THR A 1 83 ? 5.780   11.259  27.385  1.00 41.19 ? 82  THR A CG2 1 
ATOM   650  N N   . ASN A 1 84 ? 5.714   13.267  23.247  1.00 40.53 ? 83  ASN A N   1 
ATOM   651  C CA  . ASN A 1 84 ? 6.287   13.462  21.923  1.00 40.25 ? 83  ASN A CA  1 
ATOM   652  C C   . ASN A 1 84 ? 7.593   12.704  21.661  1.00 40.43 ? 83  ASN A C   1 
ATOM   653  O O   . ASN A 1 84 ? 8.230   12.936  20.652  1.00 40.74 ? 83  ASN A O   1 
ATOM   654  C CB  . ASN A 1 84 ? 6.456   14.953  21.595  1.00 40.00 ? 83  ASN A CB  1 
ATOM   655  C CG  . ASN A 1 84 ? 5.173   15.601  21.050  1.00 39.28 ? 83  ASN A CG  1 
ATOM   656  O OD1 . ASN A 1 84 ? 4.780   16.667  21.509  1.00 37.92 ? 83  ASN A OD1 1 
ATOM   657  N ND2 . ASN A 1 84 ? 4.539   14.972  20.062  1.00 37.17 ? 83  ASN A ND2 1 
ATOM   658  N N   . ARG A 1 85 ? 8.000   11.801  22.547  1.00 40.38 ? 84  ARG A N   1 
ATOM   659  C CA  . ARG A 1 85 ? 9.174   10.979  22.276  1.00 40.54 ? 84  ARG A CA  1 
ATOM   660  C C   . ARG A 1 85 ? 8.918   10.089  21.066  1.00 40.33 ? 84  ARG A C   1 
ATOM   661  O O   . ARG A 1 85 ? 7.881   9.426   21.017  1.00 40.96 ? 84  ARG A O   1 
ATOM   662  C CB  . ARG A 1 85 ? 9.489   10.064  23.458  1.00 40.82 ? 84  ARG A CB  1 
ATOM   663  C CG  . ARG A 1 85 ? 10.041  10.746  24.681  1.00 43.00 ? 84  ARG A CG  1 
ATOM   664  C CD  . ARG A 1 85 ? 10.690  12.138  24.403  1.00 45.09 ? 84  ARG A CD  1 
ATOM   665  N NE  . ARG A 1 85 ? 11.509  12.571  25.545  1.00 46.40 ? 84  ARG A NE  1 
ATOM   666  C CZ  . ARG A 1 85 ? 11.039  13.109  26.672  1.00 46.42 ? 84  ARG A CZ  1 
ATOM   667  N NH1 . ARG A 1 85 ? 9.732   13.324  26.842  1.00 46.22 ? 84  ARG A NH1 1 
ATOM   668  N NH2 . ARG A 1 85 ? 11.889  13.446  27.631  1.00 46.08 ? 84  ARG A NH2 1 
ATOM   669  N N   . PRO A 1 86 ? 9.857   10.045  20.091  1.00 39.72 ? 85  PRO A N   1 
ATOM   670  C CA  . PRO A 1 86 ? 9.659   9.075   19.020  1.00 38.92 ? 85  PRO A CA  1 
ATOM   671  C C   . PRO A 1 86 ? 9.543   7.676   19.593  1.00 38.45 ? 85  PRO A C   1 
ATOM   672  O O   . PRO A 1 86 ? 10.226  7.347   20.563  1.00 37.80 ? 85  PRO A O   1 
ATOM   673  C CB  . PRO A 1 86 ? 10.939  9.190   18.188  1.00 38.69 ? 85  PRO A CB  1 
ATOM   674  C CG  . PRO A 1 86 ? 11.479  10.497  18.484  1.00 39.04 ? 85  PRO A CG  1 
ATOM   675  C CD  . PRO A 1 86 ? 11.090  10.828  19.898  1.00 39.63 ? 85  PRO A CD  1 
ATOM   676  N N   . LEU A 1 87 ? 8.657   6.879   19.001  1.00 38.44 ? 86  LEU A N   1 
ATOM   677  C CA  . LEU A 1 87 ? 8.513   5.464   19.345  1.00 38.10 ? 86  LEU A CA  1 
ATOM   678  C C   . LEU A 1 87 ? 9.011   4.530   18.260  1.00 38.24 ? 86  LEU A C   1 
ATOM   679  O O   . LEU A 1 87 ? 9.024   3.332   18.473  1.00 38.93 ? 86  LEU A O   1 
ATOM   680  C CB  . LEU A 1 87 ? 7.057   5.120   19.632  1.00 37.62 ? 86  LEU A CB  1 
ATOM   681  C CG  . LEU A 1 87 ? 6.366   5.946   20.692  1.00 36.56 ? 86  LEU A CG  1 
ATOM   682  C CD1 . LEU A 1 87 ? 4.893   5.798   20.497  1.00 35.74 ? 86  LEU A CD1 1 
ATOM   683  C CD2 . LEU A 1 87 ? 6.797   5.506   22.073  1.00 35.67 ? 86  LEU A CD2 1 
ATOM   684  N N   . GLU A 1 88 ? 9.379   5.065   17.100  1.00 38.27 ? 87  GLU A N   1 
ATOM   685  C CA  . GLU A 1 88 ? 9.831   4.268   15.960  1.00 38.65 ? 87  GLU A CA  1 
ATOM   686  C C   . GLU A 1 88 ? 10.908  5.042   15.239  1.00 38.87 ? 87  GLU A C   1 
ATOM   687  O O   . GLU A 1 88 ? 10.937  6.259   15.336  1.00 39.59 ? 87  GLU A O   1 
ATOM   688  C CB  . GLU A 1 88 ? 8.677   4.021   14.983  1.00 38.55 ? 87  GLU A CB  1 
ATOM   689  C CG  . GLU A 1 88 ? 7.588   3.033   15.453  1.00 40.00 ? 87  GLU A CG  1 
ATOM   690  C CD  . GLU A 1 88 ? 8.095   1.610   15.573  1.00 41.86 ? 87  GLU A CD  1 
ATOM   691  O OE1 . GLU A 1 88 ? 9.327   1.443   15.558  1.00 43.74 ? 87  GLU A OE1 1 
ATOM   692  O OE2 . GLU A 1 88 ? 7.292   0.656   15.679  1.00 42.08 ? 87  GLU A OE2 1 
ATOM   693  N N   . PRO A 1 89 ? 11.780  4.376   14.472  1.00 38.93 ? 88  PRO A N   1 
ATOM   694  C CA  . PRO A 1 89 ? 12.621  5.285   13.700  1.00 39.39 ? 88  PRO A CA  1 
ATOM   695  C C   . PRO A 1 89 ? 11.823  5.839   12.515  1.00 39.81 ? 88  PRO A C   1 
ATOM   696  O O   . PRO A 1 89 ? 10.909  5.164   12.029  1.00 40.29 ? 88  PRO A O   1 
ATOM   697  C CB  . PRO A 1 89 ? 13.756  4.389   13.194  1.00 39.29 ? 88  PRO A CB  1 
ATOM   698  C CG  . PRO A 1 89 ? 13.508  3.024   13.803  1.00 39.39 ? 88  PRO A CG  1 
ATOM   699  C CD  . PRO A 1 89 ? 12.075  2.971   14.174  1.00 38.92 ? 88  PRO A CD  1 
ATOM   700  N N   . PRO A 1 90 ? 12.140  7.056   12.047  1.00 39.81 ? 89  PRO A N   1 
ATOM   701  C CA  . PRO A 1 90 ? 11.485  7.473   10.810  1.00 39.98 ? 89  PRO A CA  1 
ATOM   702  C C   . PRO A 1 90 ? 11.661  6.402   9.704   1.00 40.13 ? 89  PRO A C   1 
ATOM   703  O O   . PRO A 1 90 ? 12.688  5.721   9.650   1.00 39.65 ? 89  PRO A O   1 
ATOM   704  C CB  . PRO A 1 90 ? 12.231  8.758   10.442  1.00 40.02 ? 89  PRO A CB  1 
ATOM   705  C CG  . PRO A 1 90 ? 12.698  9.293   11.748  1.00 39.99 ? 89  PRO A CG  1 
ATOM   706  C CD  . PRO A 1 90 ? 13.069  8.081   12.551  1.00 39.86 ? 89  PRO A CD  1 
ATOM   707  N N   . SER A 1 91 ? 10.647  6.244   8.861   1.00 40.35 ? 90  SER A N   1 
ATOM   708  C CA  . SER A 1 91 ? 10.693  5.319   7.736   1.00 40.43 ? 90  SER A CA  1 
ATOM   709  C C   . SER A 1 91 ? 10.237  6.095   6.517   1.00 40.54 ? 90  SER A C   1 
ATOM   710  O O   . SER A 1 91 ? 9.177   6.721   6.541   1.00 40.89 ? 90  SER A O   1 
ATOM   711  C CB  . SER A 1 91 ? 9.758   4.141   7.990   1.00 40.34 ? 90  SER A CB  1 
ATOM   712  O OG  . SER A 1 91 ? 10.057  3.070   7.124   1.00 41.10 ? 90  SER A OG  1 
ATOM   713  N N   . GLU A 1 92 ? 11.049  6.097   5.467   1.00 40.46 ? 91  GLU A N   1 
ATOM   714  C CA  . GLU A 1 92 ? 10.673  6.763   4.220   1.00 40.26 ? 91  GLU A CA  1 
ATOM   715  C C   . GLU A 1 92 ? 9.630   5.913   3.460   1.00 40.18 ? 91  GLU A C   1 
ATOM   716  O O   . GLU A 1 92 ? 9.653   4.692   3.530   1.00 40.02 ? 91  GLU A O   1 
ATOM   717  C CB  . GLU A 1 92 ? 11.916  6.978   3.391   1.00 39.93 ? 91  GLU A CB  1 
ATOM   718  C CG  . GLU A 1 92 ? 11.681  7.299   1.961   1.00 42.02 ? 91  GLU A CG  1 
ATOM   719  C CD  . GLU A 1 92 ? 12.959  7.772   1.283   1.00 45.76 ? 91  GLU A CD  1 
ATOM   720  O OE1 . GLU A 1 92 ? 13.562  6.976   0.523   1.00 46.27 ? 91  GLU A OE1 1 
ATOM   721  O OE2 . GLU A 1 92 ? 13.370  8.939   1.520   1.00 47.31 ? 91  GLU A OE2 1 
ATOM   722  N N   . PHE A 1 93 ? 8.680   6.556   2.786   1.00 39.87 ? 92  PHE A N   1 
ATOM   723  C CA  . PHE A 1 93 ? 7.746   5.854   1.905   1.00 39.40 ? 92  PHE A CA  1 
ATOM   724  C C   . PHE A 1 93 ? 7.413   6.793   0.761   1.00 39.09 ? 92  PHE A C   1 
ATOM   725  O O   . PHE A 1 93 ? 7.587   8.005   0.887   1.00 39.08 ? 92  PHE A O   1 
ATOM   726  C CB  . PHE A 1 93 ? 6.482   5.414   2.652   1.00 39.51 ? 92  PHE A CB  1 
ATOM   727  C CG  . PHE A 1 93 ? 5.578   6.550   3.067   1.00 40.44 ? 92  PHE A CG  1 
ATOM   728  C CD1 . PHE A 1 93 ? 5.908   7.377   4.141   1.00 40.84 ? 92  PHE A CD1 1 
ATOM   729  C CD2 . PHE A 1 93 ? 4.380   6.789   2.388   1.00 41.57 ? 92  PHE A CD2 1 
ATOM   730  C CE1 . PHE A 1 93 ? 5.068   8.425   4.534   1.00 40.71 ? 92  PHE A CE1 1 
ATOM   731  C CE2 . PHE A 1 93 ? 3.529   7.844   2.769   1.00 40.93 ? 92  PHE A CE2 1 
ATOM   732  C CZ  . PHE A 1 93 ? 3.877   8.655   3.850   1.00 40.92 ? 92  PHE A CZ  1 
ATOM   733  N N   . ILE A 1 94 ? 6.979   6.252   -0.369  1.00 38.68 ? 93  ILE A N   1 
ATOM   734  C CA  . ILE A 1 94 ? 6.678   7.126   -1.496  1.00 38.79 ? 93  ILE A CA  1 
ATOM   735  C C   . ILE A 1 94 ? 5.272   6.883   -2.013  1.00 38.81 ? 93  ILE A C   1 
ATOM   736  O O   . ILE A 1 94 ? 4.771   5.769   -1.915  1.00 39.17 ? 93  ILE A O   1 
ATOM   737  C CB  . ILE A 1 94 ? 7.752   7.068   -2.652  1.00 38.97 ? 93  ILE A CB  1 
ATOM   738  C CG1 . ILE A 1 94 ? 7.526   5.885   -3.555  1.00 39.04 ? 93  ILE A CG1 1 
ATOM   739  C CG2 . ILE A 1 94 ? 9.206   7.029   -2.102  1.00 37.58 ? 93  ILE A CG2 1 
ATOM   740  C CD1 . ILE A 1 94 ? 8.126   4.651   -2.936  1.00 42.43 ? 93  ILE A CD1 1 
ATOM   741  N N   . VAL A 1 95 ? 4.604   7.923   -2.504  1.00 38.67 ? 94  VAL A N   1 
ATOM   742  C CA  . VAL A 1 95 ? 3.315   7.684   -3.151  1.00 38.53 ? 94  VAL A CA  1 
ATOM   743  C C   . VAL A 1 95 ? 3.466   7.920   -4.645  1.00 38.67 ? 94  VAL A C   1 
ATOM   744  O O   . VAL A 1 95 ? 4.051   8.919   -5.070  1.00 38.66 ? 94  VAL A O   1 
ATOM   745  C CB  . VAL A 1 95 ? 2.092   8.459   -2.523  1.00 38.47 ? 94  VAL A CB  1 
ATOM   746  C CG1 . VAL A 1 95 ? 2.353   8.861   -1.097  1.00 37.45 ? 94  VAL A CG1 1 
ATOM   747  C CG2 . VAL A 1 95 ? 1.713   9.650   -3.334  1.00 37.84 ? 94  VAL A CG2 1 
ATOM   748  N N   . LYS A 1 96 ? 2.970   6.963   -5.424  1.00 38.95 ? 95  LYS A N   1 
ATOM   749  C CA  . LYS A 1 96 ? 3.034   7.013   -6.880  1.00 39.17 ? 95  LYS A CA  1 
ATOM   750  C C   . LYS A 1 96 ? 1.705   7.426   -7.515  1.00 39.37 ? 95  LYS A C   1 
ATOM   751  O O   . LYS A 1 96 ? 0.633   6.923   -7.164  1.00 39.00 ? 95  LYS A O   1 
ATOM   752  C CB  . LYS A 1 96 ? 3.476   5.670   -7.430  1.00 39.15 ? 95  LYS A CB  1 
ATOM   753  C CG  . LYS A 1 96 ? 4.657   5.107   -6.730  1.00 39.72 ? 95  LYS A CG  1 
ATOM   754  C CD  . LYS A 1 96 ? 5.588   4.496   -7.719  1.00 41.59 ? 95  LYS A CD  1 
ATOM   755  C CE  . LYS A 1 96 ? 6.763   3.922   -6.985  1.00 43.48 ? 95  LYS A CE  1 
ATOM   756  N NZ  . LYS A 1 96 ? 7.732   3.360   -7.951  1.00 46.45 ? 95  LYS A NZ  1 
ATOM   757  N N   . VAL A 1 97 ? 1.790   8.360   -8.454  1.00 40.01 ? 96  VAL A N   1 
ATOM   758  C CA  . VAL A 1 97 ? 0.608   8.873   -9.125  1.00 40.62 ? 96  VAL A CA  1 
ATOM   759  C C   . VAL A 1 97 ? 0.366   8.007   -10.351 1.00 41.40 ? 96  VAL A C   1 
ATOM   760  O O   . VAL A 1 97 ? 1.176   7.964   -11.286 1.00 41.46 ? 96  VAL A O   1 
ATOM   761  C CB  . VAL A 1 97 ? 0.743   10.367  -9.474  1.00 40.50 ? 96  VAL A CB  1 
ATOM   762  C CG1 . VAL A 1 97 ? -0.492  10.861  -10.210 1.00 40.28 ? 96  VAL A CG1 1 
ATOM   763  C CG2 . VAL A 1 97 ? 0.948   11.181  -8.201  1.00 40.38 ? 96  VAL A CG2 1 
ATOM   764  N N   . GLN A 1 98 ? -0.754  7.300   -10.327 1.00 42.11 ? 97  GLN A N   1 
ATOM   765  C CA  . GLN A 1 98 ? -0.945  6.210   -11.238 1.00 42.85 ? 97  GLN A CA  1 
ATOM   766  C C   . GLN A 1 98 ? -1.673  6.598   -12.488 1.00 43.44 ? 97  GLN A C   1 
ATOM   767  O O   . GLN A 1 98 ? -2.706  7.260   -12.466 1.00 43.22 ? 97  GLN A O   1 
ATOM   768  C CB  . GLN A 1 98 ? -1.651  5.055   -10.540 1.00 43.32 ? 97  GLN A CB  1 
ATOM   769  C CG  . GLN A 1 98 ? -1.321  3.669   -11.089 1.00 44.00 ? 97  GLN A CG  1 
ATOM   770  C CD  . GLN A 1 98 ? 0.172   3.438   -11.237 1.00 44.61 ? 97  GLN A CD  1 
ATOM   771  O OE1 . GLN A 1 98 ? 0.949   3.554   -10.272 1.00 42.11 ? 97  GLN A OE1 1 
ATOM   772  N NE2 . GLN A 1 98 ? 0.588   3.113   -12.468 1.00 46.07 ? 97  GLN A NE2 1 
ATOM   773  N N   . ASP A 1 99 ? -1.100  6.132   -13.584 1.00 44.83 ? 98  ASP A N   1 
ATOM   774  C CA  . ASP A 1 99 ? -1.557  6.380   -14.941 1.00 45.70 ? 98  ASP A CA  1 
ATOM   775  C C   . ASP A 1 99 ? -3.056  6.208   -15.183 1.00 45.73 ? 98  ASP A C   1 
ATOM   776  O O   . ASP A 1 99 ? -3.758  5.389   -14.580 1.00 45.74 ? 98  ASP A O   1 
ATOM   777  C CB  . ASP A 1 99 ? -0.782  5.465   -15.890 1.00 46.04 ? 98  ASP A CB  1 
ATOM   778  C CG  . ASP A 1 99 ? -0.420  6.165   -17.170 1.00 47.36 ? 98  ASP A CG  1 
ATOM   779  O OD1 . ASP A 1 99 ? 0.004   7.344   -17.078 1.00 47.44 ? 98  ASP A OD1 1 
ATOM   780  O OD2 . ASP A 1 99 ? -0.578  5.549   -18.255 1.00 48.59 ? 98  ASP A OD2 1 
ATOM   781  O OXT . ASP A 1 99 ? -3.584  6.911   -16.034 1.00 45.90 ? 98  ASP A OXT 1 
ATOM   782  N N   . SER B 1 1  ? 11.250  -3.034  12.442  1.00 39.63 ? 0   SER B N   1 
ATOM   783  C CA  . SER B 1 1  ? 11.182  -1.897  13.379  1.00 39.09 ? 0   SER B CA  1 
ATOM   784  C C   . SER B 1 1  ? 9.759   -1.772  13.892  1.00 39.43 ? 0   SER B C   1 
ATOM   785  O O   . SER B 1 1  ? 9.450   -0.878  14.661  1.00 40.37 ? 0   SER B O   1 
ATOM   786  C CB  . SER B 1 1  ? 11.601  -0.597  12.677  1.00 39.05 ? 0   SER B CB  1 
ATOM   787  O OG  . SER B 1 1  ? 10.774  -0.309  11.542  1.00 37.92 ? 0   SER B OG  1 
ATOM   788  N N   . GLY B 1 2  ? 8.861   -2.645  13.478  1.00 39.19 ? 1   GLY B N   1 
ATOM   789  C CA  . GLY B 1 2  ? 7.486   -2.488  13.964  1.00 39.15 ? 1   GLY B CA  1 
ATOM   790  C C   . GLY B 1 2  ? 6.529   -1.645  13.121  1.00 38.71 ? 1   GLY B C   1 
ATOM   791  O O   . GLY B 1 2  ? 5.320   -1.745  13.297  1.00 38.89 ? 1   GLY B O   1 
ATOM   792  N N   . TRP B 1 3  ? 7.041   -0.817  12.209  1.00 38.15 ? 2   TRP B N   1 
ATOM   793  C CA  . TRP B 1 3  ? 6.180   -0.258  11.170  1.00 37.31 ? 2   TRP B CA  1 
ATOM   794  C C   . TRP B 1 3  ? 5.562   -1.429  10.435  1.00 37.16 ? 2   TRP B C   1 
ATOM   795  O O   . TRP B 1 3  ? 6.145   -2.487  10.407  1.00 37.75 ? 2   TRP B O   1 
ATOM   796  C CB  . TRP B 1 3  ? 6.971   0.578   10.187  1.00 37.10 ? 2   TRP B CB  1 
ATOM   797  C CG  . TRP B 1 3  ? 7.324   1.926   10.680  1.00 36.52 ? 2   TRP B CG  1 
ATOM   798  C CD1 . TRP B 1 3  ? 8.566   2.380   10.951  1.00 36.75 ? 2   TRP B CD1 1 
ATOM   799  C CD2 . TRP B 1 3  ? 6.429   3.017   10.947  1.00 36.60 ? 2   TRP B CD2 1 
ATOM   800  N NE1 . TRP B 1 3  ? 8.520   3.690   11.374  1.00 36.91 ? 2   TRP B NE1 1 
ATOM   801  C CE2 . TRP B 1 3  ? 7.216   4.104   11.386  1.00 36.97 ? 2   TRP B CE2 1 
ATOM   802  C CE3 . TRP B 1 3  ? 5.040   3.183   10.855  1.00 36.16 ? 2   TRP B CE3 1 
ATOM   803  C CZ2 . TRP B 1 3  ? 6.664   5.342   11.743  1.00 36.87 ? 2   TRP B CZ2 1 
ATOM   804  C CZ3 . TRP B 1 3  ? 4.492   4.413   11.216  1.00 36.41 ? 2   TRP B CZ3 1 
ATOM   805  C CH2 . TRP B 1 3  ? 5.306   5.476   11.654  1.00 36.41 ? 2   TRP B CH2 1 
ATOM   806  N N   . VAL B 1 4  ? 4.372   -1.251  9.879   1.00 36.92 ? 3   VAL B N   1 
ATOM   807  C CA  . VAL B 1 4  ? 3.684   -2.279  9.109   1.00 36.27 ? 3   VAL B CA  1 
ATOM   808  C C   . VAL B 1 4  ? 3.328   -1.677  7.759   1.00 36.36 ? 3   VAL B C   1 
ATOM   809  O O   . VAL B 1 4  ? 2.662   -0.658  7.677   1.00 36.28 ? 3   VAL B O   1 
ATOM   810  C CB  . VAL B 1 4  ? 2.427   -2.757  9.831   1.00 36.14 ? 3   VAL B CB  1 
ATOM   811  C CG1 . VAL B 1 4  ? 1.564   -3.607  8.912   1.00 36.27 ? 3   VAL B CG1 1 
ATOM   812  C CG2 . VAL B 1 4  ? 2.810   -3.546  11.062  1.00 35.82 ? 3   VAL B CG2 1 
ATOM   813  N N   . TRP B 1 5  ? 3.803   -2.294  6.695   1.00 36.62 ? 4   TRP B N   1 
ATOM   814  C CA  . TRP B 1 5  ? 3.698   -1.683  5.383   1.00 36.65 ? 4   TRP B CA  1 
ATOM   815  C C   . TRP B 1 5  ? 3.075   -2.651  4.388   1.00 37.62 ? 4   TRP B C   1 
ATOM   816  O O   . TRP B 1 5  ? 2.700   -2.261  3.294   1.00 38.13 ? 4   TRP B O   1 
ATOM   817  C CB  . TRP B 1 5  ? 5.081   -1.301  4.862   1.00 35.42 ? 4   TRP B CB  1 
ATOM   818  C CG  . TRP B 1 5  ? 5.761   -0.193  5.522   1.00 34.28 ? 4   TRP B CG  1 
ATOM   819  C CD1 . TRP B 1 5  ? 6.896   -0.265  6.283   1.00 34.19 ? 4   TRP B CD1 1 
ATOM   820  C CD2 . TRP B 1 5  ? 5.420   1.194   5.440   1.00 34.47 ? 4   TRP B CD2 1 
ATOM   821  N NE1 . TRP B 1 5  ? 7.269   0.994   6.712   1.00 34.73 ? 4   TRP B NE1 1 
ATOM   822  C CE2 . TRP B 1 5  ? 6.379   1.908   6.203   1.00 34.34 ? 4   TRP B CE2 1 
ATOM   823  C CE3 . TRP B 1 5  ? 4.390   1.903   4.812   1.00 33.03 ? 4   TRP B CE3 1 
ATOM   824  C CZ2 . TRP B 1 5  ? 6.330   3.283   6.356   1.00 33.61 ? 4   TRP B CZ2 1 
ATOM   825  C CZ3 . TRP B 1 5  ? 4.348   3.261   4.961   1.00 33.87 ? 4   TRP B CZ3 1 
ATOM   826  C CH2 . TRP B 1 5  ? 5.311   3.943   5.728   1.00 34.19 ? 4   TRP B CH2 1 
ATOM   827  N N   . ASN B 1 6  ? 3.001   -3.922  4.746   1.00 38.81 ? 5   ASN B N   1 
ATOM   828  C CA  . ASN B 1 6  ? 2.542   -4.944  3.814   1.00 40.24 ? 5   ASN B CA  1 
ATOM   829  C C   . ASN B 1 6  ? 1.015   -5.121  3.825   1.00 41.22 ? 5   ASN B C   1 
ATOM   830  O O   . ASN B 1 6  ? 0.484   -6.198  4.134   1.00 41.25 ? 5   ASN B O   1 
ATOM   831  C CB  . ASN B 1 6  ? 3.254   -6.267  4.099   1.00 40.24 ? 5   ASN B CB  1 
ATOM   832  C CG  . ASN B 1 6  ? 3.033   -6.747  5.510   1.00 40.98 ? 5   ASN B CG  1 
ATOM   833  O OD1 . ASN B 1 6  ? 3.078   -5.965  6.460   1.00 42.38 ? 5   ASN B OD1 1 
ATOM   834  N ND2 . ASN B 1 6  ? 2.823   -8.048  5.663   1.00 42.21 ? 5   ASN B ND2 1 
ATOM   835  N N   . GLN B 1 7  ? 0.312   -4.036  3.523   1.00 42.22 ? 6   GLN B N   1 
ATOM   836  C CA  . GLN B 1 7  ? -1.097  -4.127  3.204   1.00 43.53 ? 6   GLN B CA  1 
ATOM   837  C C   . GLN B 1 7  ? -1.478  -3.233  2.052   1.00 43.75 ? 6   GLN B C   1 
ATOM   838  O O   . GLN B 1 7  ? -0.901  -2.166  1.859   1.00 43.71 ? 6   GLN B O   1 
ATOM   839  C CB  . GLN B 1 7  ? -2.006  -3.904  4.416   1.00 43.35 ? 6   GLN B CB  1 
ATOM   840  C CG  . GLN B 1 7  ? -1.684  -2.760  5.356   1.00 44.06 ? 6   GLN B CG  1 
ATOM   841  C CD  . GLN B 1 7  ? -2.299  -3.006  6.743   1.00 45.20 ? 6   GLN B CD  1 
ATOM   842  O OE1 . GLN B 1 7  ? -2.428  -4.172  7.175   1.00 46.60 ? 6   GLN B OE1 1 
ATOM   843  N NE2 . GLN B 1 7  ? -2.685  -1.920  7.446   1.00 46.72 ? 6   GLN B NE2 1 
ATOM   844  N N   . PHE B 1 8  ? -2.425  -3.703  1.254   1.00 44.53 ? 7   PHE B N   1 
ATOM   845  C CA  . PHE B 1 8  ? -3.071  -2.844  0.275   1.00 45.27 ? 7   PHE B CA  1 
ATOM   846  C C   . PHE B 1 8  ? -4.516  -2.704  0.690   1.00 45.60 ? 7   PHE B C   1 
ATOM   847  O O   . PHE B 1 8  ? -4.948  -3.317  1.674   1.00 46.13 ? 7   PHE B O   1 
ATOM   848  C CB  . PHE B 1 8  ? -2.934  -3.405  -1.136  1.00 45.21 ? 7   PHE B CB  1 
ATOM   849  C CG  . PHE B 1 8  ? -1.524  -3.765  -1.501  1.00 45.76 ? 7   PHE B CG  1 
ATOM   850  C CD1 . PHE B 1 8  ? -1.161  -5.106  -1.684  1.00 46.26 ? 7   PHE B CD1 1 
ATOM   851  C CD2 . PHE B 1 8  ? -0.550  -2.768  -1.641  1.00 45.95 ? 7   PHE B CD2 1 
ATOM   852  C CE1 . PHE B 1 8  ? 0.146   -5.450  -2.019  1.00 46.14 ? 7   PHE B CE1 1 
ATOM   853  C CE2 . PHE B 1 8  ? 0.761   -3.094  -1.967  1.00 45.96 ? 7   PHE B CE2 1 
ATOM   854  C CZ  . PHE B 1 8  ? 1.112   -4.443  -2.159  1.00 45.93 ? 7   PHE B CZ  1 
ATOM   855  N N   . PHE B 1 9  ? -5.258  -1.879  -0.028  1.00 45.81 ? 8   PHE B N   1 
ATOM   856  C CA  . PHE B 1 9  ? -6.661  -1.684  0.287   1.00 46.02 ? 8   PHE B CA  1 
ATOM   857  C C   . PHE B 1 9  ? -7.365  -1.428  -1.026  1.00 45.25 ? 8   PHE B C   1 
ATOM   858  O O   . PHE B 1 9  ? -6.750  -0.976  -1.995  1.00 45.21 ? 8   PHE B O   1 
ATOM   859  C CB  . PHE B 1 9  ? -6.832  -0.484  1.219   1.00 46.77 ? 8   PHE B CB  1 
ATOM   860  C CG  . PHE B 1 9  ? -6.357  0.785   0.611   1.00 48.90 ? 8   PHE B CG  1 
ATOM   861  C CD1 . PHE B 1 9  ? -7.258  1.633   -0.058  1.00 50.45 ? 8   PHE B CD1 1 
ATOM   862  C CD2 . PHE B 1 9  ? -4.989  1.105   0.631   1.00 51.63 ? 8   PHE B CD2 1 
ATOM   863  C CE1 . PHE B 1 9  ? -6.819  2.808   -0.675  1.00 52.02 ? 8   PHE B CE1 1 
ATOM   864  C CE2 . PHE B 1 9  ? -4.516  2.277   0.020   1.00 53.09 ? 8   PHE B CE2 1 
ATOM   865  C CZ  . PHE B 1 9  ? -5.436  3.138   -0.639  1.00 52.24 ? 8   PHE B CZ  1 
ATOM   866  N N   . VAL B 1 10 ? -8.650  -1.731  -1.065  1.00 44.37 ? 9   VAL B N   1 
ATOM   867  C CA  . VAL B 1 10 ? -9.462  -1.345  -2.202  1.00 43.60 ? 9   VAL B CA  1 
ATOM   868  C C   . VAL B 1 10 ? -10.682 -0.647  -1.685  1.00 42.97 ? 9   VAL B C   1 
ATOM   869  O O   . VAL B 1 10 ? -11.388 -1.152  -0.821  1.00 42.93 ? 9   VAL B O   1 
ATOM   870  C CB  . VAL B 1 10 ? -9.852  -2.538  -3.063  1.00 43.54 ? 9   VAL B CB  1 
ATOM   871  C CG1 . VAL B 1 10 ? -8.698  -2.885  -3.987  1.00 44.33 ? 9   VAL B CG1 1 
ATOM   872  C CG2 . VAL B 1 10 ? -10.221 -3.719  -2.191  1.00 43.15 ? 9   VAL B CG2 1 
ATOM   873  N N   . ILE B 1 11 ? -10.942 0.541   -2.221  1.00 42.38 ? 10  ILE B N   1 
ATOM   874  C CA  . ILE B 1 11 ? -12.069 1.353   -1.778  1.00 41.93 ? 10  ILE B CA  1 
ATOM   875  C C   . ILE B 1 11 ? -13.315 1.067   -2.608  1.00 41.78 ? 10  ILE B C   1 
ATOM   876  O O   . ILE B 1 11 ? -13.351 1.343   -3.807  1.00 41.76 ? 10  ILE B O   1 
ATOM   877  C CB  . ILE B 1 11 ? -11.716 2.850   -1.851  1.00 41.75 ? 10  ILE B CB  1 
ATOM   878  C CG1 . ILE B 1 11 ? -12.940 3.703   -1.508  1.00 42.13 ? 10  ILE B CG1 1 
ATOM   879  C CG2 . ILE B 1 11 ? -11.184 3.205   -3.230  1.00 41.31 ? 10  ILE B CG2 1 
ATOM   880  C CD1 . ILE B 1 11 ? -13.927 3.841   -2.645  1.00 42.53 ? 10  ILE B CD1 1 
ATOM   881  N N   . GLU B 1 12 ? -14.335 0.511   -1.963  1.00 41.74 ? 11  GLU B N   1 
ATOM   882  C CA  . GLU B 1 12 ? -14.999 -0.686  -2.465  1.00 42.12 ? 11  GLU B CA  1 
ATOM   883  C C   . GLU B 1 12 ? -15.877 -0.366  -3.669  1.00 42.75 ? 11  GLU B C   1 
ATOM   884  O O   . GLU B 1 12 ? -15.766 -1.002  -4.716  1.00 43.12 ? 11  GLU B O   1 
ATOM   885  C CB  . GLU B 1 12 ? -15.837 -1.336  -1.362  1.00 41.83 ? 11  GLU B CB  1 
ATOM   886  C CG  . GLU B 1 12 ? -17.338 -1.237  -1.582  1.00 41.91 ? 11  GLU B CG  1 
ATOM   887  C CD  . GLU B 1 12 ? -18.134 -1.627  -0.352  1.00 42.64 ? 11  GLU B CD  1 
ATOM   888  O OE1 . GLU B 1 12 ? -19.281 -1.151  -0.209  1.00 42.48 ? 11  GLU B OE1 1 
ATOM   889  O OE2 . GLU B 1 12 ? -17.615 -2.408  0.472   1.00 43.41 ? 11  GLU B OE2 1 
ATOM   890  N N   . GLU B 1 13 ? -16.749 0.625   -3.514  1.00 43.03 ? 12  GLU B N   1 
ATOM   891  C CA  . GLU B 1 13 ? -17.674 1.007   -4.574  1.00 43.47 ? 12  GLU B CA  1 
ATOM   892  C C   . GLU B 1 13 ? -16.961 1.099   -5.919  1.00 43.67 ? 12  GLU B C   1 
ATOM   893  O O   . GLU B 1 13 ? -17.587 0.986   -6.973  1.00 43.95 ? 12  GLU B O   1 
ATOM   894  C CB  . GLU B 1 13 ? -18.348 2.339   -4.244  1.00 43.24 ? 12  GLU B CB  1 
ATOM   895  C CG  . GLU B 1 13 ? -17.446 3.550   -4.413  1.00 43.62 ? 12  GLU B CG  1 
ATOM   896  C CD  . GLU B 1 13 ? -17.813 4.686   -3.479  1.00 43.88 ? 12  GLU B CD  1 
ATOM   897  O OE1 . GLU B 1 13 ? -18.902 5.274   -3.654  1.00 42.67 ? 12  GLU B OE1 1 
ATOM   898  O OE2 . GLU B 1 13 ? -17.015 4.991   -2.568  1.00 44.23 ? 12  GLU B OE2 1 
ATOM   899  N N   . TYR B 1 14 ? -15.648 1.306   -5.875  1.00 43.72 ? 13  TYR B N   1 
ATOM   900  C CA  . TYR B 1 14 ? -14.832 1.307   -7.083  1.00 43.77 ? 13  TYR B CA  1 
ATOM   901  C C   . TYR B 1 14 ? -14.769 -0.083  -7.708  1.00 43.84 ? 13  TYR B C   1 
ATOM   902  O O   . TYR B 1 14 ? -14.393 -0.236  -8.869  1.00 44.29 ? 13  TYR B O   1 
ATOM   903  C CB  . TYR B 1 14 ? -13.421 1.811   -6.775  1.00 43.81 ? 13  TYR B CB  1 
ATOM   904  C CG  . TYR B 1 14 ? -13.364 3.264   -6.364  1.00 43.94 ? 13  TYR B CG  1 
ATOM   905  C CD1 . TYR B 1 14 ? -12.328 3.742   -5.574  1.00 43.94 ? 13  TYR B CD1 1 
ATOM   906  C CD2 . TYR B 1 14 ? -14.347 4.159   -6.767  1.00 43.68 ? 13  TYR B CD2 1 
ATOM   907  C CE1 . TYR B 1 14 ? -12.271 5.070   -5.195  1.00 43.75 ? 13  TYR B CE1 1 
ATOM   908  C CE2 . TYR B 1 14 ? -14.300 5.488   -6.393  1.00 43.72 ? 13  TYR B CE2 1 
ATOM   909  C CZ  . TYR B 1 14 ? -13.261 5.939   -5.608  1.00 43.88 ? 13  TYR B CZ  1 
ATOM   910  O OH  . TYR B 1 14 ? -13.208 7.262   -5.233  1.00 43.87 ? 13  TYR B OH  1 
ATOM   911  N N   . THR B 1 15 ? -15.140 -1.094  -6.928  1.00 43.44 ? 14  THR B N   1 
ATOM   912  C CA  . THR B 1 15 ? -15.062 -2.477  -7.379  1.00 42.91 ? 14  THR B CA  1 
ATOM   913  C C   . THR B 1 15 ? -16.290 -2.859  -8.199  1.00 42.67 ? 14  THR B C   1 
ATOM   914  O O   . THR B 1 15 ? -17.341 -2.226  -8.093  1.00 42.55 ? 14  THR B O   1 
ATOM   915  C CB  . THR B 1 15 ? -14.911 -3.430  -6.179  1.00 42.71 ? 14  THR B CB  1 
ATOM   916  O OG1 . THR B 1 15 ? -15.994 -3.225  -5.263  1.00 42.57 ? 14  THR B OG1 1 
ATOM   917  C CG2 . THR B 1 15 ? -13.685 -3.059  -5.358  1.00 42.57 ? 14  THR B CG2 1 
ATOM   918  N N   . GLY B 1 16 ? -16.151 -3.899  -9.015  1.00 42.48 ? 15  GLY B N   1 
ATOM   919  C CA  . GLY B 1 16 ? -17.236 -4.342  -9.886  1.00 42.22 ? 15  GLY B CA  1 
ATOM   920  C C   . GLY B 1 16 ? -16.694 -5.295  -10.936 1.00 42.04 ? 15  GLY B C   1 
ATOM   921  O O   . GLY B 1 16 ? -15.642 -5.896  -10.732 1.00 42.04 ? 15  GLY B O   1 
ATOM   922  N N   . PRO B 1 17 ? -17.420 -5.460  -12.059 1.00 41.94 ? 16  PRO B N   1 
ATOM   923  C CA  . PRO B 1 17 ? -16.845 -6.117  -13.243 1.00 41.67 ? 16  PRO B CA  1 
ATOM   924  C C   . PRO B 1 17 ? -15.469 -5.547  -13.698 1.00 41.65 ? 16  PRO B C   1 
ATOM   925  O O   . PRO B 1 17 ? -14.545 -6.332  -13.927 1.00 41.70 ? 16  PRO B O   1 
ATOM   926  C CB  . PRO B 1 17 ? -17.925 -5.904  -14.313 1.00 41.67 ? 16  PRO B CB  1 
ATOM   927  C CG  . PRO B 1 17 ? -19.203 -5.802  -13.528 1.00 41.46 ? 16  PRO B CG  1 
ATOM   928  C CD  . PRO B 1 17 ? -18.835 -5.078  -12.271 1.00 41.75 ? 16  PRO B CD  1 
ATOM   929  N N   . ASP B 1 18 ? -15.335 -4.216  -13.808 1.00 41.48 ? 17  ASP B N   1 
ATOM   930  C CA  . ASP B 1 18 ? -14.076 -3.552  -14.227 1.00 41.26 ? 17  ASP B CA  1 
ATOM   931  C C   . ASP B 1 18 ? -12.956 -3.727  -13.215 1.00 41.06 ? 17  ASP B C   1 
ATOM   932  O O   . ASP B 1 18 ? -13.120 -3.343  -12.052 1.00 41.37 ? 17  ASP B O   1 
ATOM   933  C CB  . ASP B 1 18 ? -14.291 -2.057  -14.429 1.00 41.15 ? 17  ASP B CB  1 
ATOM   934  C CG  . ASP B 1 18 ? -15.297 -1.762  -15.497 1.00 41.78 ? 17  ASP B CG  1 
ATOM   935  O OD1 . ASP B 1 18 ? -15.602 -2.683  -16.285 1.00 42.73 ? 17  ASP B OD1 1 
ATOM   936  O OD2 . ASP B 1 18 ? -15.789 -0.615  -15.549 1.00 41.75 ? 17  ASP B OD2 1 
ATOM   937  N N   . PRO B 1 19 ? -11.806 -4.285  -13.649 1.00 40.67 ? 18  PRO B N   1 
ATOM   938  C CA  . PRO B 1 19 ? -10.704 -4.568  -12.721 1.00 40.39 ? 18  PRO B CA  1 
ATOM   939  C C   . PRO B 1 19 ? -10.091 -3.278  -12.177 1.00 40.14 ? 18  PRO B C   1 
ATOM   940  O O   . PRO B 1 19 ? -9.870  -2.361  -12.961 1.00 40.53 ? 18  PRO B O   1 
ATOM   941  C CB  . PRO B 1 19 ? -9.683  -5.311  -13.602 1.00 40.39 ? 18  PRO B CB  1 
ATOM   942  C CG  . PRO B 1 19 ? -10.432 -5.717  -14.833 1.00 40.36 ? 18  PRO B CG  1 
ATOM   943  C CD  . PRO B 1 19 ? -11.473 -4.672  -15.031 1.00 40.55 ? 18  PRO B CD  1 
ATOM   944  N N   . VAL B 1 20 ? -9.851  -3.193  -10.863 1.00 39.64 ? 19  VAL B N   1 
ATOM   945  C CA  . VAL B 1 20 ? -9.139  -2.046  -10.253 1.00 39.17 ? 19  VAL B CA  1 
ATOM   946  C C   . VAL B 1 20 ? -7.785  -2.459  -9.698  1.00 39.14 ? 19  VAL B C   1 
ATOM   947  O O   . VAL B 1 20 ? -7.628  -3.593  -9.236  1.00 39.31 ? 19  VAL B O   1 
ATOM   948  C CB  . VAL B 1 20 ? -9.934  -1.365  -9.105  1.00 39.01 ? 19  VAL B CB  1 
ATOM   949  C CG1 . VAL B 1 20 ? -11.073 -0.538  -9.664  1.00 39.31 ? 19  VAL B CG1 1 
ATOM   950  C CG2 . VAL B 1 20 ? -10.438 -2.386  -8.082  1.00 38.64 ? 19  VAL B CG2 1 
ATOM   951  N N   . LEU B 1 21 ? -6.818  -1.544  -9.720  1.00 38.89 ? 20  LEU B N   1 
ATOM   952  C CA  . LEU B 1 21 ? -5.471  -1.840  -9.207  1.00 38.93 ? 20  LEU B CA  1 
ATOM   953  C C   . LEU B 1 21 ? -5.434  -1.922  -7.679  1.00 39.14 ? 20  LEU B C   1 
ATOM   954  O O   . LEU B 1 21 ? -5.860  -1.009  -6.997  1.00 39.73 ? 20  LEU B O   1 
ATOM   955  C CB  . LEU B 1 21 ? -4.464  -0.802  -9.720  1.00 38.82 ? 20  LEU B CB  1 
ATOM   956  C CG  . LEU B 1 21 ? -2.954  -0.961  -9.513  1.00 38.48 ? 20  LEU B CG  1 
ATOM   957  C CD1 . LEU B 1 21 ? -2.474  -2.349  -9.845  1.00 37.84 ? 20  LEU B CD1 1 
ATOM   958  C CD2 . LEU B 1 21 ? -2.222  0.047   -10.370 1.00 38.46 ? 20  LEU B CD2 1 
ATOM   959  N N   . VAL B 1 22 ? -4.925  -3.015  -7.140  1.00 39.39 ? 21  VAL B N   1 
ATOM   960  C CA  . VAL B 1 22 ? -4.848  -3.169  -5.696  1.00 39.84 ? 21  VAL B CA  1 
ATOM   961  C C   . VAL B 1 22 ? -3.486  -2.695  -5.211  1.00 40.29 ? 21  VAL B C   1 
ATOM   962  O O   . VAL B 1 22 ? -3.373  -1.984  -4.213  1.00 40.21 ? 21  VAL B O   1 
ATOM   963  C CB  . VAL B 1 22 ? -5.037  -4.644  -5.296  1.00 39.99 ? 21  VAL B CB  1 
ATOM   964  C CG1 . VAL B 1 22 ? -4.948  -4.823  -3.782  1.00 39.36 ? 21  VAL B CG1 1 
ATOM   965  C CG2 . VAL B 1 22 ? -6.373  -5.163  -5.826  1.00 40.07 ? 21  VAL B CG2 1 
ATOM   966  N N   . GLY B 1 23 ? -2.453  -3.098  -5.938  1.00 40.83 ? 22  GLY B N   1 
ATOM   967  C CA  . GLY B 1 23 ? -1.074  -2.856  -5.538  1.00 41.38 ? 22  GLY B CA  1 
ATOM   968  C C   . GLY B 1 23 ? -0.091  -3.659  -6.376  1.00 41.75 ? 22  GLY B C   1 
ATOM   969  O O   . GLY B 1 23 ? -0.461  -4.303  -7.379  1.00 42.24 ? 22  GLY B O   1 
ATOM   970  N N   . ARG B 1 24 ? 1.174   -3.632  -5.977  1.00 41.47 ? 23  ARG B N   1 
ATOM   971  C CA  . ARG B 1 24 ? 2.185   -4.285  -6.772  1.00 41.56 ? 23  ARG B CA  1 
ATOM   972  C C   . ARG B 1 24 ? 3.062   -5.084  -5.858  1.00 40.99 ? 23  ARG B C   1 
ATOM   973  O O   . ARG B 1 24 ? 3.557   -4.551  -4.889  1.00 40.98 ? 23  ARG B O   1 
ATOM   974  C CB  . ARG B 1 24 ? 3.010   -3.234  -7.512  1.00 41.93 ? 23  ARG B CB  1 
ATOM   975  C CG  . ARG B 1 24 ? 3.848   -3.745  -8.664  1.00 44.07 ? 23  ARG B CG  1 
ATOM   976  C CD  . ARG B 1 24 ? 4.278   -2.581  -9.513  1.00 47.96 ? 23  ARG B CD  1 
ATOM   977  N NE  . ARG B 1 24 ? 5.518   -1.978  -9.036  1.00 50.96 ? 23  ARG B NE  1 
ATOM   978  C CZ  . ARG B 1 24 ? 6.657   -2.013  -9.721  1.00 52.73 ? 23  ARG B CZ  1 
ATOM   979  N NH1 . ARG B 1 24 ? 6.674   -2.625  -10.899 1.00 53.41 ? 23  ARG B NH1 1 
ATOM   980  N NH2 . ARG B 1 24 ? 7.767   -1.445  -9.245  1.00 52.50 ? 23  ARG B NH2 1 
ATOM   981  N N   . LEU B 1 25 ? 3.231   -6.368  -6.146  1.00 40.71 ? 24  LEU B N   1 
ATOM   982  C CA  . LEU B 1 25 ? 4.312   -7.119  -5.530  1.00 40.44 ? 24  LEU B CA  1 
ATOM   983  C C   . LEU B 1 25 ? 5.580   -6.670  -6.235  1.00 40.72 ? 24  LEU B C   1 
ATOM   984  O O   . LEU B 1 25 ? 5.588   -6.456  -7.467  1.00 41.17 ? 24  LEU B O   1 
ATOM   985  C CB  . LEU B 1 25 ? 4.122   -8.624  -5.680  1.00 39.85 ? 24  LEU B CB  1 
ATOM   986  C CG  . LEU B 1 25 ? 2.887   -9.209  -5.002  1.00 39.12 ? 24  LEU B CG  1 
ATOM   987  C CD1 . LEU B 1 25 ? 2.958   -10.705 -5.047  1.00 38.40 ? 24  LEU B CD1 1 
ATOM   988  C CD2 . LEU B 1 25 ? 2.756   -8.735  -3.566  1.00 38.70 ? 24  LEU B CD2 1 
ATOM   989  N N   . HIS B 1 26 ? 6.645   -6.488  -5.459  1.00 40.51 ? 25  HIS B N   1 
ATOM   990  C CA  . HIS B 1 26 ? 7.886   -6.004  -6.025  1.00 40.01 ? 25  HIS B CA  1 
ATOM   991  C C   . HIS B 1 26 ? 9.055   -6.252  -5.088  1.00 39.90 ? 25  HIS B C   1 
ATOM   992  O O   . HIS B 1 26 ? 9.021   -5.873  -3.919  1.00 39.92 ? 25  HIS B O   1 
ATOM   993  C CB  . HIS B 1 26 ? 7.753   -4.525  -6.377  1.00 39.87 ? 25  HIS B CB  1 
ATOM   994  C CG  . HIS B 1 26 ? 8.976   -3.950  -7.001  1.00 40.47 ? 25  HIS B CG  1 
ATOM   995  N ND1 . HIS B 1 26 ? 9.282   -4.132  -8.331  1.00 41.33 ? 25  HIS B ND1 1 
ATOM   996  C CD2 . HIS B 1 26 ? 9.986   -3.217  -6.474  1.00 40.13 ? 25  HIS B CD2 1 
ATOM   997  C CE1 . HIS B 1 26 ? 10.426  -3.524  -8.602  1.00 41.41 ? 25  HIS B CE1 1 
ATOM   998  N NE2 . HIS B 1 26 ? 10.876  -2.969  -7.490  1.00 41.27 ? 25  HIS B NE2 1 
ATOM   999  N N   . SER B 1 27 ? 10.083  -6.905  -5.615  1.00 39.96 ? 26  SER B N   1 
ATOM   1000 C CA  . SER B 1 27 ? 11.333  -7.103  -4.890  1.00 40.46 ? 26  SER B CA  1 
ATOM   1001 C C   . SER B 1 27 ? 12.348  -6.081  -5.360  1.00 40.85 ? 26  SER B C   1 
ATOM   1002 O O   . SER B 1 27 ? 12.330  -5.688  -6.530  1.00 40.94 ? 26  SER B O   1 
ATOM   1003 C CB  . SER B 1 27 ? 11.884  -8.501  -5.143  1.00 40.36 ? 26  SER B CB  1 
ATOM   1004 O OG  . SER B 1 27 ? 13.253  -8.574  -4.797  1.00 40.55 ? 26  SER B OG  1 
ATOM   1005 N N   . ASP B 1 28 ? 13.239  -5.658  -4.465  1.00 41.14 ? 27  ASP B N   1 
ATOM   1006 C CA  . ASP B 1 28 ? 14.213  -4.625  -4.819  1.00 41.79 ? 27  ASP B CA  1 
ATOM   1007 C C   . ASP B 1 28 ? 15.333  -5.160  -5.733  1.00 41.74 ? 27  ASP B C   1 
ATOM   1008 O O   . ASP B 1 28 ? 16.156  -4.398  -6.243  1.00 41.79 ? 27  ASP B O   1 
ATOM   1009 C CB  . ASP B 1 28 ? 14.752  -3.890  -3.571  1.00 42.00 ? 27  ASP B CB  1 
ATOM   1010 C CG  . ASP B 1 28 ? 15.461  -4.816  -2.585  1.00 43.55 ? 27  ASP B CG  1 
ATOM   1011 O OD1 . ASP B 1 28 ? 15.940  -4.318  -1.542  1.00 44.83 ? 27  ASP B OD1 1 
ATOM   1012 O OD2 . ASP B 1 28 ? 15.550  -6.041  -2.831  1.00 46.34 ? 27  ASP B OD2 1 
ATOM   1013 N N   . ILE B 1 29 ? 15.335  -6.467  -5.967  1.00 41.86 ? 28  ILE B N   1 
ATOM   1014 C CA  . ILE B 1 29 ? 16.353  -7.072  -6.815  1.00 41.96 ? 28  ILE B CA  1 
ATOM   1015 C C   . ILE B 1 29 ? 15.859  -7.168  -8.268  1.00 41.80 ? 28  ILE B C   1 
ATOM   1016 O O   . ILE B 1 29 ? 16.648  -7.424  -9.192  1.00 41.77 ? 28  ILE B O   1 
ATOM   1017 C CB  . ILE B 1 29 ? 16.888  -8.438  -6.231  1.00 42.18 ? 28  ILE B CB  1 
ATOM   1018 C CG1 . ILE B 1 29 ? 16.059  -9.642  -6.701  1.00 42.03 ? 28  ILE B CG1 1 
ATOM   1019 C CG2 . ILE B 1 29 ? 17.051  -8.383  -4.692  1.00 42.34 ? 28  ILE B CG2 1 
ATOM   1020 C CD1 . ILE B 1 29 ? 16.777  -10.451 -7.810  1.00 42.48 ? 28  ILE B CD1 1 
ATOM   1021 N N   . ASP B 1 30 ? 14.554  -6.949  -8.455  1.00 41.42 ? 29  ASP B N   1 
ATOM   1022 C CA  . ASP B 1 30 ? 13.958  -6.850  -9.785  1.00 41.24 ? 29  ASP B CA  1 
ATOM   1023 C C   . ASP B 1 30 ? 14.641  -5.739  -10.564 1.00 41.60 ? 29  ASP B C   1 
ATOM   1024 O O   . ASP B 1 30 ? 14.402  -4.559  -10.296 1.00 41.78 ? 29  ASP B O   1 
ATOM   1025 C CB  . ASP B 1 30 ? 12.461  -6.543  -9.682  1.00 40.91 ? 29  ASP B CB  1 
ATOM   1026 C CG  . ASP B 1 30 ? 11.723  -6.663  -11.018 1.00 40.04 ? 29  ASP B CG  1 
ATOM   1027 O OD1 . ASP B 1 30 ? 12.350  -6.752  -12.097 1.00 40.38 ? 29  ASP B OD1 1 
ATOM   1028 O OD2 . ASP B 1 30 ? 10.479  -6.684  -10.985 1.00 38.56 ? 29  ASP B OD2 1 
ATOM   1029 N N   . SER B 1 31 ? 15.485  -6.112  -11.529 1.00 41.77 ? 30  SER B N   1 
ATOM   1030 C CA  . SER B 1 31 ? 16.150  -5.114  -12.361 1.00 41.81 ? 30  SER B CA  1 
ATOM   1031 C C   . SER B 1 31 ? 15.239  -4.600  -13.478 1.00 41.96 ? 30  SER B C   1 
ATOM   1032 O O   . SER B 1 31 ? 15.549  -3.616  -14.125 1.00 42.18 ? 30  SER B O   1 
ATOM   1033 C CB  . SER B 1 31 ? 17.490  -5.631  -12.900 1.00 41.61 ? 30  SER B CB  1 
ATOM   1034 O OG  . SER B 1 31 ? 17.308  -6.616  -13.886 1.00 41.38 ? 30  SER B OG  1 
ATOM   1035 N N   . GLY B 1 32 ? 14.100  -5.249  -13.681 1.00 42.31 ? 31  GLY B N   1 
ATOM   1036 C CA  . GLY B 1 32 ? 13.149  -4.816  -14.700 1.00 42.60 ? 31  GLY B CA  1 
ATOM   1037 C C   . GLY B 1 32 ? 13.300  -5.584  -15.998 1.00 42.91 ? 31  GLY B C   1 
ATOM   1038 O O   . GLY B 1 32 ? 12.540  -5.368  -16.934 1.00 43.02 ? 31  GLY B O   1 
ATOM   1039 N N   . ASP B 1 33 ? 14.292  -6.476  -16.047 1.00 43.17 ? 32  ASP B N   1 
ATOM   1040 C CA  . ASP B 1 33 ? 14.550  -7.359  -17.188 1.00 43.05 ? 32  ASP B CA  1 
ATOM   1041 C C   . ASP B 1 33 ? 13.413  -8.357  -17.367 1.00 43.17 ? 32  ASP B C   1 
ATOM   1042 O O   . ASP B 1 33 ? 13.411  -9.114  -18.327 1.00 43.30 ? 32  ASP B O   1 
ATOM   1043 C CB  . ASP B 1 33 ? 15.872  -8.122  -16.982 1.00 43.04 ? 32  ASP B CB  1 
ATOM   1044 C CG  . ASP B 1 33 ? 15.830  -9.089  -15.773 1.00 43.60 ? 32  ASP B CG  1 
ATOM   1045 O OD1 . ASP B 1 33 ? 15.019  -8.896  -14.838 1.00 45.03 ? 32  ASP B OD1 1 
ATOM   1046 O OD2 . ASP B 1 33 ? 16.613  -10.058 -15.749 1.00 43.24 ? 32  ASP B OD2 1 
ATOM   1047 N N   . GLY B 1 34 ? 12.468  -8.370  -16.423 1.00 43.30 ? 33  GLY B N   1 
ATOM   1048 C CA  . GLY B 1 34 ? 11.329  -9.285  -16.456 1.00 43.26 ? 33  GLY B CA  1 
ATOM   1049 C C   . GLY B 1 34 ? 11.681  -10.759 -16.277 1.00 43.30 ? 33  GLY B C   1 
ATOM   1050 O O   . GLY B 1 34 ? 10.952  -11.635 -16.754 1.00 43.45 ? 33  GLY B O   1 
ATOM   1051 N N   . ASN B 1 35 ? 12.787  -11.044 -15.589 1.00 43.10 ? 34  ASN B N   1 
ATOM   1052 C CA  . ASN B 1 35 ? 13.211  -12.433 -15.348 1.00 42.87 ? 34  ASN B CA  1 
ATOM   1053 C C   . ASN B 1 35 ? 12.974  -12.915 -13.941 1.00 42.71 ? 34  ASN B C   1 
ATOM   1054 O O   . ASN B 1 35 ? 13.607  -13.860 -13.473 1.00 42.90 ? 34  ASN B O   1 
ATOM   1055 C CB  . ASN B 1 35 ? 14.655  -12.634 -15.748 1.00 42.78 ? 34  ASN B CB  1 
ATOM   1056 C CG  . ASN B 1 35 ? 14.814  -12.611 -17.221 1.00 42.92 ? 34  ASN B CG  1 
ATOM   1057 O OD1 . ASN B 1 35 ? 14.370  -13.526 -17.912 1.00 42.75 ? 34  ASN B OD1 1 
ATOM   1058 N ND2 . ASN B 1 35 ? 15.396  -11.541 -17.733 1.00 43.63 ? 34  ASN B ND2 1 
ATOM   1059 N N   . ILE B 1 36 ? 12.049  -12.235 -13.283 1.00 42.33 ? 35  ILE B N   1 
ATOM   1060 C CA  . ILE B 1 36 ? 11.543  -12.630 -11.994 1.00 41.78 ? 35  ILE B CA  1 
ATOM   1061 C C   . ILE B 1 36 ? 10.029  -12.747 -12.157 1.00 41.48 ? 35  ILE B C   1 
ATOM   1062 O O   . ILE B 1 36 ? 9.413   -11.992 -12.934 1.00 41.55 ? 35  ILE B O   1 
ATOM   1063 C CB  . ILE B 1 36 ? 11.971  -11.639 -10.883 1.00 41.73 ? 35  ILE B CB  1 
ATOM   1064 C CG1 . ILE B 1 36 ? 10.908  -11.527 -9.805  1.00 41.82 ? 35  ILE B CG1 1 
ATOM   1065 C CG2 . ILE B 1 36 ? 12.254  -10.263 -11.456 1.00 41.63 ? 35  ILE B CG2 1 
ATOM   1066 C CD1 . ILE B 1 36 ? 11.392  -10.761 -8.626  1.00 43.88 ? 35  ILE B CD1 1 
ATOM   1067 N N   . LYS B 1 37 ? 9.467   -13.728 -11.445 1.00 40.81 ? 36  LYS B N   1 
ATOM   1068 C CA  . LYS B 1 37 ? 8.080   -14.144 -11.559 1.00 39.73 ? 36  LYS B CA  1 
ATOM   1069 C C   . LYS B 1 37 ? 7.453   -14.041 -10.187 1.00 39.81 ? 36  LYS B C   1 
ATOM   1070 O O   . LYS B 1 37 ? 7.946   -14.641 -9.214  1.00 39.58 ? 36  LYS B O   1 
ATOM   1071 C CB  . LYS B 1 37 ? 7.999   -15.587 -12.061 1.00 39.46 ? 36  LYS B CB  1 
ATOM   1072 C CG  . LYS B 1 37 ? 6.596   -16.090 -12.339 1.00 37.51 ? 36  LYS B CG  1 
ATOM   1073 C CD  . LYS B 1 37 ? 6.622   -17.433 -13.029 1.00 35.90 ? 36  LYS B CD  1 
ATOM   1074 C CE  . LYS B 1 37 ? 6.950   -18.571 -12.089 1.00 35.41 ? 36  LYS B CE  1 
ATOM   1075 N NZ  . LYS B 1 37 ? 7.052   -19.838 -12.838 1.00 35.47 ? 36  LYS B NZ  1 
ATOM   1076 N N   . TYR B 1 38 ? 6.366   -13.275 -10.130 1.00 39.70 ? 37  TYR B N   1 
ATOM   1077 C CA  . TYR B 1 38 ? 5.613   -13.052 -8.908  1.00 39.70 ? 37  TYR B CA  1 
ATOM   1078 C C   . TYR B 1 38 ? 4.436   -14.017 -8.785  1.00 40.05 ? 37  TYR B C   1 
ATOM   1079 O O   . TYR B 1 38 ? 3.542   -14.060 -9.641  1.00 40.29 ? 37  TYR B O   1 
ATOM   1080 C CB  . TYR B 1 38 ? 5.134   -11.607 -8.846  1.00 39.09 ? 37  TYR B CB  1 
ATOM   1081 C CG  . TYR B 1 38 ? 6.263   -10.610 -8.780  1.00 39.31 ? 37  TYR B CG  1 
ATOM   1082 C CD1 . TYR B 1 38 ? 6.583   -9.802  -9.876  1.00 40.14 ? 37  TYR B CD1 1 
ATOM   1083 C CD2 . TYR B 1 38 ? 7.028   -10.475 -7.625  1.00 39.22 ? 37  TYR B CD2 1 
ATOM   1084 C CE1 . TYR B 1 38 ? 7.631   -8.868  -9.799  1.00 38.96 ? 37  TYR B CE1 1 
ATOM   1085 C CE2 . TYR B 1 38 ? 8.072   -9.554  -7.553  1.00 37.88 ? 37  TYR B CE2 1 
ATOM   1086 C CZ  . TYR B 1 38 ? 8.361   -8.765  -8.637  1.00 37.85 ? 37  TYR B CZ  1 
ATOM   1087 O OH  . TYR B 1 38 ? 9.393   -7.879  -8.544  1.00 38.86 ? 37  TYR B OH  1 
ATOM   1088 N N   . ILE B 1 39 ? 4.441   -14.788 -7.706  1.00 40.33 ? 38  ILE B N   1 
ATOM   1089 C CA  . ILE B 1 39 ? 3.382   -15.757 -7.456  1.00 40.69 ? 38  ILE B CA  1 
ATOM   1090 C C   . ILE B 1 39 ? 2.454   -15.300 -6.318  1.00 41.16 ? 38  ILE B C   1 
ATOM   1091 O O   . ILE B 1 39 ? 2.874   -15.175 -5.143  1.00 41.89 ? 38  ILE B O   1 
ATOM   1092 C CB  . ILE B 1 39 ? 3.957   -17.140 -7.110  1.00 40.45 ? 38  ILE B CB  1 
ATOM   1093 C CG1 . ILE B 1 39 ? 4.773   -17.701 -8.274  1.00 39.58 ? 38  ILE B CG1 1 
ATOM   1094 C CG2 . ILE B 1 39 ? 2.834   -18.104 -6.702  1.00 41.38 ? 38  ILE B CG2 1 
ATOM   1095 C CD1 . ILE B 1 39 ? 5.761   -18.771 -7.850  1.00 37.47 ? 38  ILE B CD1 1 
ATOM   1096 N N   . LEU B 1 40 ? 1.192   -15.069 -6.669  1.00 40.92 ? 39  LEU B N   1 
ATOM   1097 C CA  . LEU B 1 40 ? 0.184   -14.715 -5.694  1.00 40.44 ? 39  LEU B CA  1 
ATOM   1098 C C   . LEU B 1 40 ? -0.553  -15.976 -5.300  1.00 40.46 ? 39  LEU B C   1 
ATOM   1099 O O   . LEU B 1 40 ? -0.933  -16.779 -6.158  1.00 40.26 ? 39  LEU B O   1 
ATOM   1100 C CB  . LEU B 1 40 ? -0.785  -13.690 -6.283  1.00 40.21 ? 39  LEU B CB  1 
ATOM   1101 C CG  . LEU B 1 40 ? -1.825  -13.104 -5.341  1.00 40.09 ? 39  LEU B CG  1 
ATOM   1102 C CD1 . LEU B 1 40 ? -1.126  -12.354 -4.233  1.00 41.08 ? 39  LEU B CD1 1 
ATOM   1103 C CD2 . LEU B 1 40 ? -2.753  -12.179 -6.089  1.00 40.47 ? 39  LEU B CD2 1 
ATOM   1104 N N   . SER B 1 41 ? -0.721  -16.161 -3.996  1.00 40.49 ? 40  SER B N   1 
ATOM   1105 C CA  . SER B 1 41 ? -1.635  -17.172 -3.484  1.00 40.09 ? 40  SER B CA  1 
ATOM   1106 C C   . SER B 1 41 ? -2.357  -16.670 -2.227  1.00 40.41 ? 40  SER B C   1 
ATOM   1107 O O   . SER B 1 41 ? -2.089  -15.569 -1.728  1.00 40.07 ? 40  SER B O   1 
ATOM   1108 C CB  . SER B 1 41 ? -0.914  -18.502 -3.243  1.00 40.05 ? 40  SER B CB  1 
ATOM   1109 O OG  . SER B 1 41 ? 0.079   -18.415 -2.245  1.00 39.15 ? 40  SER B OG  1 
ATOM   1110 N N   . GLY B 1 42 ? -3.296  -17.467 -1.735  1.00 40.67 ? 41  GLY B N   1 
ATOM   1111 C CA  . GLY B 1 42 ? -3.994  -17.116 -0.511  1.00 40.78 ? 41  GLY B CA  1 
ATOM   1112 C C   . GLY B 1 42 ? -5.420  -16.724 -0.789  1.00 40.94 ? 41  GLY B C   1 
ATOM   1113 O O   . GLY B 1 42 ? -5.916  -16.927 -1.898  1.00 40.56 ? 41  GLY B O   1 
ATOM   1114 N N   . GLU B 1 43 ? -6.056  -16.135 0.222   1.00 41.11 ? 42  GLU B N   1 
ATOM   1115 C CA  . GLU B 1 43 ? -7.478  -15.803 0.194   1.00 41.16 ? 42  GLU B CA  1 
ATOM   1116 C C   . GLU B 1 43 ? -7.867  -14.950 -1.010  1.00 41.11 ? 42  GLU B C   1 
ATOM   1117 O O   . GLU B 1 43 ? -7.371  -13.834 -1.166  1.00 41.04 ? 42  GLU B O   1 
ATOM   1118 C CB  . GLU B 1 43 ? -7.874  -15.122 1.501   1.00 41.13 ? 42  GLU B CB  1 
ATOM   1119 C CG  . GLU B 1 43 ? -7.770  -16.047 2.686   1.00 41.92 ? 42  GLU B CG  1 
ATOM   1120 C CD  . GLU B 1 43 ? -7.980  -15.364 4.013   1.00 44.12 ? 42  GLU B CD  1 
ATOM   1121 O OE1 . GLU B 1 43 ? -7.857  -14.128 4.109   1.00 45.69 ? 42  GLU B OE1 1 
ATOM   1122 O OE2 . GLU B 1 43 ? -8.248  -16.084 4.989   1.00 45.52 ? 42  GLU B OE2 1 
ATOM   1123 N N   . GLY B 1 44 ? -8.731  -15.508 -1.863  1.00 41.20 ? 43  GLY B N   1 
ATOM   1124 C CA  . GLY B 1 44 ? -9.253  -14.834 -3.054  1.00 41.54 ? 43  GLY B CA  1 
ATOM   1125 C C   . GLY B 1 44 ? -8.327  -14.755 -4.261  1.00 42.26 ? 43  GLY B C   1 
ATOM   1126 O O   . GLY B 1 44 ? -8.681  -14.145 -5.281  1.00 42.75 ? 43  GLY B O   1 
ATOM   1127 N N   . ALA B 1 45 ? -7.136  -15.352 -4.152  1.00 42.34 ? 44  ALA B N   1 
ATOM   1128 C CA  . ALA B 1 45 ? -6.178  -15.416 -5.260  1.00 41.96 ? 44  ALA B CA  1 
ATOM   1129 C C   . ALA B 1 45 ? -6.721  -16.261 -6.416  1.00 41.89 ? 44  ALA B C   1 
ATOM   1130 O O   . ALA B 1 45 ? -7.277  -17.357 -6.195  1.00 42.14 ? 44  ALA B O   1 
ATOM   1131 C CB  . ALA B 1 45 ? -4.854  -15.982 -4.777  1.00 41.92 ? 44  ALA B CB  1 
ATOM   1132 N N   . GLY B 1 46 ? -6.563  -15.741 -7.637  1.00 41.25 ? 45  GLY B N   1 
ATOM   1133 C CA  . GLY B 1 46 ? -6.993  -16.419 -8.852  1.00 40.35 ? 45  GLY B CA  1 
ATOM   1134 C C   . GLY B 1 46 ? -8.490  -16.357 -9.085  1.00 40.17 ? 45  GLY B C   1 
ATOM   1135 O O   . GLY B 1 46 ? -8.998  -16.938 -10.048 1.00 40.41 ? 45  GLY B O   1 
ATOM   1136 N N   . THR B 1 47 ? -9.202  -15.688 -8.184  1.00 39.79 ? 46  THR B N   1 
ATOM   1137 C CA  . THR B 1 47 ? -10.592 -15.305 -8.421  1.00 39.38 ? 46  THR B CA  1 
ATOM   1138 C C   . THR B 1 47 ? -10.740 -13.795 -8.229  1.00 39.03 ? 46  THR B C   1 
ATOM   1139 O O   . THR B 1 47 ? -10.731 -13.056 -9.218  1.00 39.14 ? 46  THR B O   1 
ATOM   1140 C CB  . THR B 1 47 ? -11.596 -16.098 -7.560  1.00 39.39 ? 46  THR B CB  1 
ATOM   1141 O OG1 . THR B 1 47 ? -11.129 -16.184 -6.212  1.00 39.48 ? 46  THR B OG1 1 
ATOM   1142 C CG2 . THR B 1 47 ? -11.735 -17.488 -8.099  1.00 39.83 ? 46  THR B CG2 1 
ATOM   1143 N N   . ILE B 1 48 ? -10.834 -13.335 -6.978  1.00 38.41 ? 47  ILE B N   1 
ATOM   1144 C CA  . ILE B 1 48 ? -10.991 -11.901 -6.693  1.00 37.73 ? 47  ILE B CA  1 
ATOM   1145 C C   . ILE B 1 48 ? -9.745  -11.107 -7.071  1.00 37.97 ? 47  ILE B C   1 
ATOM   1146 O O   . ILE B 1 48 ? -9.828  -10.074 -7.740  1.00 38.07 ? 47  ILE B O   1 
ATOM   1147 C CB  . ILE B 1 48 ? -11.331 -11.623 -5.214  1.00 37.61 ? 47  ILE B CB  1 
ATOM   1148 C CG1 . ILE B 1 48 ? -12.697 -12.227 -4.847  1.00 37.15 ? 47  ILE B CG1 1 
ATOM   1149 C CG2 . ILE B 1 48 ? -11.299 -10.105 -4.949  1.00 36.75 ? 47  ILE B CG2 1 
ATOM   1150 C CD1 . ILE B 1 48 ? -12.961 -12.366 -3.339  1.00 36.75 ? 47  ILE B CD1 1 
ATOM   1151 N N   . PHE B 1 49 ? -8.596  -11.597 -6.633  1.00 37.79 ? 48  PHE B N   1 
ATOM   1152 C CA  . PHE B 1 49 ? -7.348  -10.926 -6.893  1.00 38.20 ? 48  PHE B CA  1 
ATOM   1153 C C   . PHE B 1 49 ? -6.574  -11.755 -7.884  1.00 39.01 ? 48  PHE B C   1 
ATOM   1154 O O   . PHE B 1 49 ? -6.435  -12.964 -7.714  1.00 39.71 ? 48  PHE B O   1 
ATOM   1155 C CB  . PHE B 1 49 ? -6.545  -10.747 -5.603  1.00 37.72 ? 48  PHE B CB  1 
ATOM   1156 C CG  . PHE B 1 49 ? -7.305  -10.068 -4.525  1.00 36.72 ? 48  PHE B CG  1 
ATOM   1157 C CD1 . PHE B 1 49 ? -7.784  -10.790 -3.442  1.00 36.38 ? 48  PHE B CD1 1 
ATOM   1158 C CD2 . PHE B 1 49 ? -7.589  -8.704  -4.612  1.00 35.90 ? 48  PHE B CD2 1 
ATOM   1159 C CE1 . PHE B 1 49 ? -8.534  -10.155 -2.433  1.00 36.16 ? 48  PHE B CE1 1 
ATOM   1160 C CE2 . PHE B 1 49 ? -8.318  -8.053  -3.618  1.00 34.74 ? 48  PHE B CE2 1 
ATOM   1161 C CZ  . PHE B 1 49 ? -8.796  -8.781  -2.525  1.00 36.13 ? 48  PHE B CZ  1 
ATOM   1162 N N   . VAL B 1 50 ? -6.077  -11.087 -8.919  1.00 39.52 ? 49  VAL B N   1 
ATOM   1163 C CA  . VAL B 1 50 ? -5.318  -11.702 -9.988  1.00 39.73 ? 49  VAL B CA  1 
ATOM   1164 C C   . VAL B 1 50 ? -4.048  -10.885 -10.130 1.00 40.22 ? 49  VAL B C   1 
ATOM   1165 O O   . VAL B 1 50 ? -4.091  -9.655  -9.984  1.00 40.54 ? 49  VAL B O   1 
ATOM   1166 C CB  . VAL B 1 50 ? -6.118  -11.623 -11.290 1.00 39.61 ? 49  VAL B CB  1 
ATOM   1167 C CG1 . VAL B 1 50 ? -5.222  -11.880 -12.497 1.00 40.14 ? 49  VAL B CG1 1 
ATOM   1168 C CG2 . VAL B 1 50 ? -7.290  -12.594 -11.247 1.00 39.30 ? 49  VAL B CG2 1 
ATOM   1169 N N   . ILE B 1 51 ? -2.925  -11.549 -10.398 1.00 40.46 ? 50  ILE B N   1 
ATOM   1170 C CA  . ILE B 1 51 ? -1.655  -10.846 -10.619 1.00 40.87 ? 50  ILE B CA  1 
ATOM   1171 C C   . ILE B 1 51 ? -1.103  -11.038 -12.040 1.00 41.07 ? 50  ILE B C   1 
ATOM   1172 O O   . ILE B 1 51 ? -1.390  -12.021 -12.690 1.00 41.33 ? 50  ILE B O   1 
ATOM   1173 C CB  . ILE B 1 51 ? -0.578  -11.225 -9.563  1.00 40.93 ? 50  ILE B CB  1 
ATOM   1174 C CG1 . ILE B 1 51 ? 0.610   -10.238 -9.616  1.00 41.00 ? 50  ILE B CG1 1 
ATOM   1175 C CG2 . ILE B 1 51 ? -0.127  -12.682 -9.743  1.00 41.71 ? 50  ILE B CG2 1 
ATOM   1176 C CD1 . ILE B 1 51 ? 1.516   -10.236 -8.392  1.00 40.48 ? 50  ILE B CD1 1 
ATOM   1177 N N   . ASP B 1 52 ? -0.346  -10.059 -12.516 1.00 41.40 ? 51  ASP B N   1 
ATOM   1178 C CA  . ASP B 1 52 ? 0.489   -10.199 -13.690 1.00 41.67 ? 51  ASP B CA  1 
ATOM   1179 C C   . ASP B 1 52 ? 1.862   -10.557 -13.119 1.00 41.47 ? 51  ASP B C   1 
ATOM   1180 O O   . ASP B 1 52 ? 2.447   -9.767  -12.375 1.00 41.52 ? 51  ASP B O   1 
ATOM   1181 C CB  . ASP B 1 52 ? 0.515   -8.856  -14.424 1.00 42.07 ? 51  ASP B CB  1 
ATOM   1182 C CG  . ASP B 1 52 ? 1.410   -8.849  -15.657 1.00 43.81 ? 51  ASP B CG  1 
ATOM   1183 O OD1 . ASP B 1 52 ? 1.149   -8.039  -16.559 1.00 44.99 ? 51  ASP B OD1 1 
ATOM   1184 O OD2 . ASP B 1 52 ? 2.383   -9.618  -15.746 1.00 47.52 ? 51  ASP B OD2 1 
ATOM   1185 N N   . ASP B 1 53 ? 2.378   -11.740 -13.438 1.00 41.23 ? 52  ASP B N   1 
ATOM   1186 C CA  . ASP B 1 53 ? 3.612   -12.191 -12.784 1.00 41.20 ? 52  ASP B CA  1 
ATOM   1187 C C   . ASP B 1 53 ? 4.887   -11.559 -13.345 1.00 41.24 ? 52  ASP B C   1 
ATOM   1188 O O   . ASP B 1 53 ? 5.969   -11.755 -12.806 1.00 41.22 ? 52  ASP B O   1 
ATOM   1189 C CB  . ASP B 1 53 ? 3.693   -13.721 -12.685 1.00 41.06 ? 52  ASP B CB  1 
ATOM   1190 C CG  . ASP B 1 53 ? 3.912   -14.402 -14.018 1.00 41.41 ? 52  ASP B CG  1 
ATOM   1191 O OD1 . ASP B 1 53 ? 3.624   -15.605 -14.090 1.00 40.66 ? 52  ASP B OD1 1 
ATOM   1192 O OD2 . ASP B 1 53 ? 4.387   -13.773 -14.984 1.00 42.83 ? 52  ASP B OD2 1 
ATOM   1193 N N   . LYS B 1 54 ? 4.741   -10.805 -14.425 1.00 41.43 ? 53  LYS B N   1 
ATOM   1194 C CA  . LYS B 1 54 ? 5.827   -10.000 -14.958 1.00 41.90 ? 53  LYS B CA  1 
ATOM   1195 C C   . LYS B 1 54 ? 5.839   -8.631  -14.264 1.00 41.99 ? 53  LYS B C   1 
ATOM   1196 O O   . LYS B 1 54 ? 6.847   -8.240  -13.680 1.00 42.32 ? 53  LYS B O   1 
ATOM   1197 C CB  . LYS B 1 54 ? 5.685   -9.865  -16.475 1.00 42.06 ? 53  LYS B CB  1 
ATOM   1198 C CG  . LYS B 1 54 ? 6.910   -9.347  -17.212 1.00 42.89 ? 53  LYS B CG  1 
ATOM   1199 C CD  . LYS B 1 54 ? 6.834   -9.749  -18.691 1.00 44.90 ? 53  LYS B CD  1 
ATOM   1200 C CE  . LYS B 1 54 ? 7.257   -8.598  -19.608 1.00 46.16 ? 53  LYS B CE  1 
ATOM   1201 N NZ  . LYS B 1 54 ? 7.022   -8.906  -21.051 1.00 46.23 ? 53  LYS B NZ  1 
ATOM   1202 N N   . SER B 1 55 ? 4.711   -7.921  -14.290 1.00 41.81 ? 54  SER B N   1 
ATOM   1203 C CA  . SER B 1 55 ? 4.634   -6.561  -13.743 1.00 41.24 ? 54  SER B CA  1 
ATOM   1204 C C   . SER B 1 55 ? 4.441   -6.521  -12.231 1.00 41.11 ? 54  SER B C   1 
ATOM   1205 O O   . SER B 1 55 ? 4.792   -5.534  -11.579 1.00 41.49 ? 54  SER B O   1 
ATOM   1206 C CB  . SER B 1 55 ? 3.499   -5.799  -14.418 1.00 41.21 ? 54  SER B CB  1 
ATOM   1207 O OG  . SER B 1 55 ? 2.237   -6.312  -14.016 1.00 41.12 ? 54  SER B OG  1 
ATOM   1208 N N   . GLY B 1 56 ? 3.853   -7.579  -11.679 1.00 40.66 ? 55  GLY B N   1 
ATOM   1209 C CA  . GLY B 1 56 ? 3.610   -7.652  -10.247 1.00 40.21 ? 55  GLY B CA  1 
ATOM   1210 C C   . GLY B 1 56 ? 2.355   -6.942  -9.779  1.00 39.98 ? 55  GLY B C   1 
ATOM   1211 O O   . GLY B 1 56 ? 2.084   -6.869  -8.576  1.00 39.91 ? 55  GLY B O   1 
ATOM   1212 N N   . ASN B 1 57 ? 1.576   -6.419  -10.716 1.00 39.69 ? 56  ASN B N   1 
ATOM   1213 C CA  . ASN B 1 57 ? 0.373   -5.696  -10.340 1.00 39.66 ? 56  ASN B CA  1 
ATOM   1214 C C   . ASN B 1 57 ? -0.761  -6.624  -10.011 1.00 39.69 ? 56  ASN B C   1 
ATOM   1215 O O   . ASN B 1 57 ? -1.015  -7.599  -10.737 1.00 39.85 ? 56  ASN B O   1 
ATOM   1216 C CB  . ASN B 1 57 ? -0.088  -4.782  -11.453 1.00 39.67 ? 56  ASN B CB  1 
ATOM   1217 C CG  . ASN B 1 57 ? 0.937   -3.779  -11.823 1.00 39.76 ? 56  ASN B CG  1 
ATOM   1218 O OD1 . ASN B 1 57 ? 1.434   -3.031  -10.984 1.00 40.28 ? 56  ASN B OD1 1 
ATOM   1219 N ND2 . ASN B 1 57 ? 1.276   -3.750  -13.096 1.00 40.39 ? 56  ASN B ND2 1 
ATOM   1220 N N   . ILE B 1 58 ? -1.458  -6.295  -8.931  1.00 39.19 ? 57  ILE B N   1 
ATOM   1221 C CA  . ILE B 1 58 ? -2.620  -7.048  -8.515  1.00 38.94 ? 57  ILE B CA  1 
ATOM   1222 C C   . ILE B 1 58 ? -3.869  -6.249  -8.840  1.00 38.95 ? 57  ILE B C   1 
ATOM   1223 O O   . ILE B 1 58 ? -3.915  -5.043  -8.608  1.00 38.94 ? 57  ILE B O   1 
ATOM   1224 C CB  . ILE B 1 58 ? -2.550  -7.368  -7.015  1.00 38.93 ? 57  ILE B CB  1 
ATOM   1225 C CG1 . ILE B 1 58 ? -1.208  -8.039  -6.710  1.00 38.73 ? 57  ILE B CG1 1 
ATOM   1226 C CG2 . ILE B 1 58 ? -3.732  -8.246  -6.587  1.00 38.57 ? 57  ILE B CG2 1 
ATOM   1227 C CD1 . ILE B 1 58 ? -0.966  -8.324  -5.255  1.00 38.97 ? 57  ILE B CD1 1 
ATOM   1228 N N   . HIS B 1 59 ? -4.868  -6.924  -9.402  1.00 38.85 ? 58  HIS B N   1 
ATOM   1229 C CA  . HIS B 1 59 ? -6.161  -6.303  -9.635  1.00 38.94 ? 58  HIS B CA  1 
ATOM   1230 C C   . HIS B 1 59 ? -7.255  -7.036  -8.884  1.00 39.31 ? 58  HIS B C   1 
ATOM   1231 O O   . HIS B 1 59 ? -7.132  -8.240  -8.604  1.00 39.60 ? 58  HIS B O   1 
ATOM   1232 C CB  . HIS B 1 59 ? -6.487  -6.258  -11.121 1.00 38.80 ? 58  HIS B CB  1 
ATOM   1233 C CG  . HIS B 1 59 ? -5.634  -5.299  -11.883 1.00 39.33 ? 58  HIS B CG  1 
ATOM   1234 N ND1 . HIS B 1 59 ? -6.064  -4.033  -12.230 1.00 40.31 ? 58  HIS B ND1 1 
ATOM   1235 C CD2 . HIS B 1 59 ? -4.367  -5.408  -12.346 1.00 39.36 ? 58  HIS B CD2 1 
ATOM   1236 C CE1 . HIS B 1 59 ? -5.099  -3.404  -12.876 1.00 39.58 ? 58  HIS B CE1 1 
ATOM   1237 N NE2 . HIS B 1 59 ? -4.058  -4.216  -12.956 1.00 40.12 ? 58  HIS B NE2 1 
ATOM   1238 N N   . ALA B 1 60 ? -8.307  -6.296  -8.537  1.00 39.22 ? 59  ALA B N   1 
ATOM   1239 C CA  . ALA B 1 60 ? -9.534  -6.886  -8.027  1.00 39.23 ? 59  ALA B CA  1 
ATOM   1240 C C   . ALA B 1 60 ? -10.506 -7.017  -9.196  1.00 39.38 ? 59  ALA B C   1 
ATOM   1241 O O   . ALA B 1 60 ? -10.596 -6.111  -10.028 1.00 39.54 ? 59  ALA B O   1 
ATOM   1242 C CB  . ALA B 1 60 ? -10.115 -6.019  -6.950  1.00 39.16 ? 59  ALA B CB  1 
ATOM   1243 N N   . THR B 1 61 ? -11.228 -8.132  -9.271  1.00 39.31 ? 60  THR B N   1 
ATOM   1244 C CA  . THR B 1 61 ? -12.058 -8.394  -10.454 1.00 39.57 ? 60  THR B CA  1 
ATOM   1245 C C   . THR B 1 61 ? -13.569 -8.302  -10.218 1.00 39.29 ? 60  THR B C   1 
ATOM   1246 O O   . THR B 1 61 ? -14.319 -8.016  -11.150 1.00 39.31 ? 60  THR B O   1 
ATOM   1247 C CB  . THR B 1 61 ? -11.726 -9.769  -11.106 1.00 39.88 ? 60  THR B CB  1 
ATOM   1248 O OG1 . THR B 1 61 ? -12.421 -10.825 -10.418 1.00 40.78 ? 60  THR B OG1 1 
ATOM   1249 C CG2 . THR B 1 61 ? -10.216 -10.036 -11.105 1.00 39.71 ? 60  THR B CG2 1 
ATOM   1250 N N   . LYS B 1 62 ? -13.994 -8.552  -8.978  1.00 39.15 ? 61  LYS B N   1 
ATOM   1251 C CA  . LYS B 1 62 ? -15.407 -8.596  -8.581  1.00 38.88 ? 61  LYS B CA  1 
ATOM   1252 C C   . LYS B 1 62 ? -15.854 -7.336  -7.845  1.00 38.78 ? 61  LYS B C   1 
ATOM   1253 O O   . LYS B 1 62 ? -15.017 -6.539  -7.395  1.00 38.61 ? 61  LYS B O   1 
ATOM   1254 C CB  . LYS B 1 62 ? -15.654 -9.810  -7.677  1.00 38.62 ? 61  LYS B CB  1 
ATOM   1255 C CG  . LYS B 1 62 ? -16.028 -11.061 -8.433  1.00 39.50 ? 61  LYS B CG  1 
ATOM   1256 C CD  . LYS B 1 62 ? -15.479 -12.313 -7.749  1.00 41.02 ? 61  LYS B CD  1 
ATOM   1257 C CE  . LYS B 1 62 ? -15.994 -13.586 -8.449  1.00 41.71 ? 61  LYS B CE  1 
ATOM   1258 N NZ  . LYS B 1 62 ? -14.965 -14.680 -8.483  1.00 41.36 ? 61  LYS B NZ  1 
ATOM   1259 N N   . THR B 1 63 ? -17.176 -7.165  -7.744  1.00 38.75 ? 62  THR B N   1 
ATOM   1260 C CA  . THR B 1 63 ? -17.780 -6.273  -6.753  1.00 38.66 ? 62  THR B CA  1 
ATOM   1261 C C   . THR B 1 63 ? -17.481 -6.831  -5.363  1.00 39.08 ? 62  THR B C   1 
ATOM   1262 O O   . THR B 1 63 ? -17.671 -8.023  -5.123  1.00 39.12 ? 62  THR B O   1 
ATOM   1263 C CB  . THR B 1 63 ? -19.289 -6.205  -6.921  1.00 38.33 ? 62  THR B CB  1 
ATOM   1264 O OG1 . THR B 1 63 ? -19.597 -5.982  -8.297  1.00 38.54 ? 62  THR B OG1 1 
ATOM   1265 C CG2 . THR B 1 63 ? -19.872 -5.079  -6.084  1.00 37.96 ? 62  THR B CG2 1 
ATOM   1266 N N   . LEU B 1 64 ? -16.997 -5.978  -4.459  1.00 39.47 ? 63  LEU B N   1 
ATOM   1267 C CA  . LEU B 1 64 ? -16.656 -6.404  -3.094  1.00 39.58 ? 63  LEU B CA  1 
ATOM   1268 C C   . LEU B 1 64 ? -17.479 -5.659  -2.050  1.00 39.66 ? 63  LEU B C   1 
ATOM   1269 O O   . LEU B 1 64 ? -17.771 -4.484  -2.227  1.00 39.59 ? 63  LEU B O   1 
ATOM   1270 C CB  . LEU B 1 64 ? -15.160 -6.226  -2.835  1.00 39.49 ? 63  LEU B CB  1 
ATOM   1271 C CG  . LEU B 1 64 ? -14.257 -7.196  -3.601  1.00 39.18 ? 63  LEU B CG  1 
ATOM   1272 C CD1 . LEU B 1 64 ? -12.803 -6.776  -3.519  1.00 38.11 ? 63  LEU B CD1 1 
ATOM   1273 C CD2 . LEU B 1 64 ? -14.437 -8.623  -3.079  1.00 39.85 ? 63  LEU B CD2 1 
ATOM   1274 N N   . ASP B 1 65 ? -17.857 -6.358  -0.979  1.00 39.94 ? 64  ASP B N   1 
ATOM   1275 C CA  . ASP B 1 65 ? -18.727 -5.810  0.070   1.00 40.10 ? 64  ASP B CA  1 
ATOM   1276 C C   . ASP B 1 65 ? -18.097 -6.036  1.437   1.00 40.22 ? 64  ASP B C   1 
ATOM   1277 O O   . ASP B 1 65 ? -18.136 -7.144  1.968   1.00 40.33 ? 64  ASP B O   1 
ATOM   1278 C CB  . ASP B 1 65 ? -20.120 -6.454  0.015   1.00 40.06 ? 64  ASP B CB  1 
ATOM   1279 C CG  . ASP B 1 65 ? -21.096 -5.877  1.053   1.00 40.75 ? 64  ASP B CG  1 
ATOM   1280 O OD1 . ASP B 1 65 ? -22.273 -6.314  1.072   1.00 40.30 ? 64  ASP B OD1 1 
ATOM   1281 O OD2 . ASP B 1 65 ? -20.700 -4.992  1.848   1.00 41.67 ? 64  ASP B OD2 1 
ATOM   1282 N N   . ARG B 1 66 ? -17.535 -4.969  1.996   1.00 40.34 ? 65  ARG B N   1 
ATOM   1283 C CA  . ARG B 1 66 ? -16.822 -4.993  3.271   1.00 40.54 ? 65  ARG B CA  1 
ATOM   1284 C C   . ARG B 1 66 ? -17.559 -5.747  4.372   1.00 40.70 ? 65  ARG B C   1 
ATOM   1285 O O   . ARG B 1 66 ? -16.932 -6.408  5.195   1.00 40.40 ? 65  ARG B O   1 
ATOM   1286 C CB  . ARG B 1 66 ? -16.538 -3.559  3.712   1.00 40.62 ? 65  ARG B CB  1 
ATOM   1287 C CG  . ARG B 1 66 ? -16.071 -3.403  5.144   1.00 41.60 ? 65  ARG B CG  1 
ATOM   1288 C CD  . ARG B 1 66 ? -14.546 -3.360  5.261   1.00 43.55 ? 65  ARG B CD  1 
ATOM   1289 N NE  . ARG B 1 66 ? -14.118 -3.050  6.624   1.00 44.40 ? 65  ARG B NE  1 
ATOM   1290 C CZ  . ARG B 1 66 ? -14.475 -1.953  7.289   1.00 45.13 ? 65  ARG B CZ  1 
ATOM   1291 N NH1 . ARG B 1 66 ? -15.266 -1.049  6.716   1.00 44.80 ? 65  ARG B NH1 1 
ATOM   1292 N NH2 . ARG B 1 66 ? -14.050 -1.758  8.535   1.00 45.79 ? 65  ARG B NH2 1 
ATOM   1293 N N   . GLU B 1 67 ? -18.888 -5.628  4.377   1.00 41.32 ? 66  GLU B N   1 
ATOM   1294 C CA  . GLU B 1 67 ? -19.756 -6.374  5.289   1.00 41.90 ? 66  GLU B CA  1 
ATOM   1295 C C   . GLU B 1 67 ? -19.529 -7.888  5.162   1.00 42.32 ? 66  GLU B C   1 
ATOM   1296 O O   . GLU B 1 67 ? -19.352 -8.586  6.163   1.00 42.25 ? 66  GLU B O   1 
ATOM   1297 C CB  . GLU B 1 67 ? -21.227 -6.036  5.016   1.00 41.90 ? 66  GLU B CB  1 
ATOM   1298 C CG  . GLU B 1 67 ? -22.193 -6.332  6.173   1.00 42.76 ? 66  GLU B CG  1 
ATOM   1299 C CD  . GLU B 1 67 ? -22.160 -5.255  7.258   1.00 43.94 ? 66  GLU B CD  1 
ATOM   1300 O OE1 . GLU B 1 67 ? -23.242 -4.877  7.780   1.00 43.57 ? 66  GLU B OE1 1 
ATOM   1301 O OE2 . GLU B 1 67 ? -21.041 -4.782  7.578   1.00 44.09 ? 66  GLU B OE2 1 
ATOM   1302 N N   . GLU B 1 68 ? -19.519 -8.384  3.926   1.00 42.81 ? 67  GLU B N   1 
ATOM   1303 C CA  . GLU B 1 68 ? -19.310 -9.806  3.667   1.00 43.52 ? 67  GLU B CA  1 
ATOM   1304 C C   . GLU B 1 68 ? -17.895 -10.241 4.040   1.00 43.59 ? 67  GLU B C   1 
ATOM   1305 O O   . GLU B 1 68 ? -17.712 -11.332 4.561   1.00 43.84 ? 67  GLU B O   1 
ATOM   1306 C CB  . GLU B 1 68 ? -19.636 -10.151 2.209   1.00 43.22 ? 67  GLU B CB  1 
ATOM   1307 C CG  . GLU B 1 68 ? -21.035 -9.681  1.791   1.00 44.31 ? 67  GLU B CG  1 
ATOM   1308 C CD  . GLU B 1 68 ? -21.465 -10.145 0.397   1.00 44.46 ? 67  GLU B CD  1 
ATOM   1309 O OE1 . GLU B 1 68 ? -20.609 -10.713 -0.328  1.00 45.77 ? 67  GLU B OE1 1 
ATOM   1310 O OE2 . GLU B 1 68 ? -22.660 -9.935  0.039   1.00 44.12 ? 67  GLU B OE2 1 
ATOM   1311 N N   . ARG B 1 69 ? -16.911 -9.379  3.786   1.00 43.90 ? 68  ARG B N   1 
ATOM   1312 C CA  . ARG B 1 69 ? -15.501 -9.676  4.059   1.00 44.34 ? 68  ARG B CA  1 
ATOM   1313 C C   . ARG B 1 69 ? -14.679 -8.430  4.214   1.00 44.06 ? 68  ARG B C   1 
ATOM   1314 O O   . ARG B 1 69 ? -14.457 -7.719  3.225   1.00 44.38 ? 68  ARG B O   1 
ATOM   1315 C CB  . ARG B 1 69 ? -14.877 -10.459 2.913   1.00 44.71 ? 68  ARG B CB  1 
ATOM   1316 C CG  . ARG B 1 69 ? -14.558 -11.866 3.255   1.00 46.78 ? 68  ARG B CG  1 
ATOM   1317 C CD  . ARG B 1 69 ? -13.920 -11.988 4.625   1.00 51.34 ? 68  ARG B CD  1 
ATOM   1318 N NE  . ARG B 1 69 ? -13.192 -13.247 4.757   1.00 55.70 ? 68  ARG B NE  1 
ATOM   1319 C CZ  . ARG B 1 69 ? -12.878 -14.051 3.741   1.00 58.27 ? 68  ARG B CZ  1 
ATOM   1320 N NH1 . ARG B 1 69 ? -13.229 -13.746 2.492   1.00 58.76 ? 68  ARG B NH1 1 
ATOM   1321 N NH2 . ARG B 1 69 ? -12.201 -15.168 3.969   1.00 59.99 ? 68  ARG B NH2 1 
ATOM   1322 N N   . ALA B 1 70 ? -14.195 -8.180  5.430   1.00 43.55 ? 69  ALA B N   1 
ATOM   1323 C CA  . ALA B 1 70 ? -13.415 -6.968  5.702   1.00 43.11 ? 69  ALA B CA  1 
ATOM   1324 C C   . ALA B 1 70 ? -12.041 -6.937  5.007   1.00 42.76 ? 69  ALA B C   1 
ATOM   1325 O O   . ALA B 1 70 ? -11.608 -5.882  4.536   1.00 42.63 ? 69  ALA B O   1 
ATOM   1326 C CB  . ALA B 1 70 ? -13.267 -6.747  7.204   1.00 43.24 ? 69  ALA B CB  1 
ATOM   1327 N N   . GLN B 1 71 ? -11.376 -8.094  4.934   1.00 42.29 ? 70  GLN B N   1 
ATOM   1328 C CA  . GLN B 1 71 ? -9.984  -8.175  4.461   1.00 41.86 ? 70  GLN B CA  1 
ATOM   1329 C C   . GLN B 1 71 ? -9.577  -9.586  4.069   1.00 41.43 ? 70  GLN B C   1 
ATOM   1330 O O   . GLN B 1 71 ? -10.243 -10.538 4.454   1.00 41.82 ? 70  GLN B O   1 
ATOM   1331 C CB  . GLN B 1 71 ? -9.041  -7.703  5.547   1.00 41.88 ? 70  GLN B CB  1 
ATOM   1332 C CG  . GLN B 1 71 ? -9.269  -8.411  6.844   1.00 41.85 ? 70  GLN B CG  1 
ATOM   1333 C CD  . GLN B 1 71 ? -8.161  -8.175  7.805   1.00 41.70 ? 70  GLN B CD  1 
ATOM   1334 O OE1 . GLN B 1 71 ? -7.394  -9.077  8.091   1.00 41.96 ? 70  GLN B OE1 1 
ATOM   1335 N NE2 . GLN B 1 71 ? -8.052  -6.953  8.305   1.00 42.30 ? 70  GLN B NE2 1 
ATOM   1336 N N   . TYR B 1 72 ? -8.479  -9.707  3.320   1.00 40.69 ? 71  TYR B N   1 
ATOM   1337 C CA  . TYR B 1 72 ? -8.017  -10.988 2.801   1.00 40.32 ? 71  TYR B CA  1 
ATOM   1338 C C   . TYR B 1 72 ? -6.535  -11.103 3.064   1.00 40.44 ? 71  TYR B C   1 
ATOM   1339 O O   . TYR B 1 72 ? -5.814  -10.117 2.894   1.00 40.82 ? 71  TYR B O   1 
ATOM   1340 C CB  . TYR B 1 72 ? -8.263  -11.090 1.296   1.00 40.28 ? 71  TYR B CB  1 
ATOM   1341 C CG  . TYR B 1 72 ? -9.707  -10.906 0.882   1.00 40.96 ? 71  TYR B CG  1 
ATOM   1342 C CD1 . TYR B 1 72 ? -10.262 -9.632  0.778   1.00 41.42 ? 71  TYR B CD1 1 
ATOM   1343 C CD2 . TYR B 1 72 ? -10.523 -12.000 0.590   1.00 41.41 ? 71  TYR B CD2 1 
ATOM   1344 C CE1 . TYR B 1 72 ? -11.598 -9.441  0.410   1.00 41.56 ? 71  TYR B CE1 1 
ATOM   1345 C CE2 . TYR B 1 72 ? -11.873 -11.818 0.204   1.00 41.65 ? 71  TYR B CE2 1 
ATOM   1346 C CZ  . TYR B 1 72 ? -12.396 -10.528 0.121   1.00 41.58 ? 71  TYR B CZ  1 
ATOM   1347 O OH  . TYR B 1 72 ? -13.706 -10.300 -0.247  1.00 41.44 ? 71  TYR B OH  1 
ATOM   1348 N N   . THR B 1 73 ? -6.080  -12.288 3.487   1.00 40.26 ? 72  THR B N   1 
ATOM   1349 C CA  . THR B 1 73 ? -4.653  -12.570 3.660   1.00 40.09 ? 72  THR B CA  1 
ATOM   1350 C C   . THR B 1 73 ? -4.125  -13.306 2.458   1.00 40.27 ? 72  THR B C   1 
ATOM   1351 O O   . THR B 1 73 ? -4.533  -14.448 2.172   1.00 40.27 ? 72  THR B O   1 
ATOM   1352 C CB  . THR B 1 73 ? -4.360  -13.426 4.908   1.00 40.14 ? 72  THR B CB  1 
ATOM   1353 O OG1 . THR B 1 73 ? -4.753  -12.703 6.067   1.00 40.54 ? 72  THR B OG1 1 
ATOM   1354 C CG2 . THR B 1 73 ? -2.864  -13.755 5.031   1.00 39.11 ? 72  THR B CG2 1 
ATOM   1355 N N   . LEU B 1 74 ? -3.204  -12.646 1.769   1.00 40.42 ? 73  LEU B N   1 
ATOM   1356 C CA  . LEU B 1 74 ? -2.569  -13.206 0.584   1.00 41.06 ? 73  LEU B CA  1 
ATOM   1357 C C   . LEU B 1 74 ? -1.111  -13.414 0.846   1.00 41.26 ? 73  LEU B C   1 
ATOM   1358 O O   . LEU B 1 74 ? -0.545  -12.788 1.742   1.00 41.30 ? 73  LEU B O   1 
ATOM   1359 C CB  . LEU B 1 74 ? -2.755  -12.288 -0.629  1.00 40.96 ? 73  LEU B CB  1 
ATOM   1360 C CG  . LEU B 1 74 ? -4.238  -12.270 -1.006  1.00 41.16 ? 73  LEU B CG  1 
ATOM   1361 C CD1 . LEU B 1 74 ? -4.710  -10.838 -0.939  1.00 40.69 ? 73  LEU B CD1 1 
ATOM   1362 C CD2 . LEU B 1 74 ? -4.528  -12.916 -2.374  1.00 41.00 ? 73  LEU B CD2 1 
ATOM   1363 N N   . MET B 1 75 ? -0.511  -14.299 0.053   1.00 41.76 ? 74  MET B N   1 
ATOM   1364 C CA  . MET B 1 75 ? 0.912   -14.579 0.144   1.00 42.35 ? 74  MET B CA  1 
ATOM   1365 C C   . MET B 1 75 ? 1.655   -14.167 -1.119  1.00 41.82 ? 74  MET B C   1 
ATOM   1366 O O   . MET B 1 75 ? 1.220   -14.493 -2.245  1.00 42.03 ? 74  MET B O   1 
ATOM   1367 C CB  . MET B 1 75 ? 1.134   -16.045 0.405   1.00 41.91 ? 74  MET B CB  1 
ATOM   1368 C CG  . MET B 1 75 ? 2.517   -16.356 0.916   1.00 43.63 ? 74  MET B CG  1 
ATOM   1369 S SD  . MET B 1 75 ? 2.950   -18.016 0.371   1.00 44.67 ? 74  MET B SD  1 
ATOM   1370 C CE  . MET B 1 75 ? 2.869   -17.738 -1.423  1.00 47.97 ? 74  MET B CE  1 
ATOM   1371 N N   . ALA B 1 76 ? 2.769   -13.455 -0.910  1.00 41.14 ? 75  ALA B N   1 
ATOM   1372 C CA  . ALA B 1 76 ? 3.670   -13.012 -1.975  1.00 40.64 ? 75  ALA B CA  1 
ATOM   1373 C C   . ALA B 1 76 ? 4.827   -13.993 -2.144  1.00 40.70 ? 75  ALA B C   1 
ATOM   1374 O O   . ALA B 1 76 ? 5.323   -14.556 -1.169  1.00 41.02 ? 75  ALA B O   1 
ATOM   1375 C CB  . ALA B 1 76 ? 4.207   -11.643 -1.659  1.00 40.14 ? 75  ALA B CB  1 
ATOM   1376 N N   . GLN B 1 77 ? 5.250   -14.210 -3.381  1.00 40.43 ? 76  GLN B N   1 
ATOM   1377 C CA  . GLN B 1 77 ? 6.500   -14.915 -3.638  1.00 40.30 ? 76  GLN B CA  1 
ATOM   1378 C C   . GLN B 1 77 ? 7.224   -14.298 -4.821  1.00 40.49 ? 76  GLN B C   1 
ATOM   1379 O O   . GLN B 1 77 ? 6.590   -13.832 -5.786  1.00 40.73 ? 76  GLN B O   1 
ATOM   1380 C CB  . GLN B 1 77 ? 6.237   -16.374 -3.939  1.00 40.29 ? 76  GLN B CB  1 
ATOM   1381 C CG  . GLN B 1 77 ? 6.353   -17.300 -2.773  1.00 39.99 ? 76  GLN B CG  1 
ATOM   1382 C CD  . GLN B 1 77 ? 6.018   -18.706 -3.180  1.00 40.19 ? 76  GLN B CD  1 
ATOM   1383 O OE1 . GLN B 1 77 ? 6.893   -19.578 -3.239  1.00 39.86 ? 76  GLN B OE1 1 
ATOM   1384 N NE2 . GLN B 1 77 ? 4.748   -18.932 -3.518  1.00 40.98 ? 76  GLN B NE2 1 
ATOM   1385 N N   . ALA B 1 78 ? 8.552   -14.286 -4.756  1.00 40.27 ? 77  ALA B N   1 
ATOM   1386 C CA  . ALA B 1 78 ? 9.348   -13.868 -5.904  1.00 40.06 ? 77  ALA B CA  1 
ATOM   1387 C C   . ALA B 1 78 ? 10.317  -14.970 -6.241  1.00 40.03 ? 77  ALA B C   1 
ATOM   1388 O O   . ALA B 1 78 ? 11.262  -15.229 -5.489  1.00 39.90 ? 77  ALA B O   1 
ATOM   1389 C CB  . ALA B 1 78 ? 10.077  -12.594 -5.620  1.00 39.97 ? 77  ALA B CB  1 
ATOM   1390 N N   . VAL B 1 79 ? 10.056  -15.635 -7.363  1.00 39.99 ? 78  VAL B N   1 
ATOM   1391 C CA  . VAL B 1 79 ? 10.907  -16.729 -7.814  1.00 39.93 ? 78  VAL B CA  1 
ATOM   1392 C C   . VAL B 1 79 ? 11.528  -16.364 -9.142  1.00 40.15 ? 78  VAL B C   1 
ATOM   1393 O O   . VAL B 1 79 ? 11.010  -15.503 -9.854  1.00 40.44 ? 78  VAL B O   1 
ATOM   1394 C CB  . VAL B 1 79 ? 10.129  -18.044 -7.992  1.00 39.65 ? 78  VAL B CB  1 
ATOM   1395 C CG1 . VAL B 1 79 ? 9.412   -18.426 -6.702  1.00 38.96 ? 78  VAL B CG1 1 
ATOM   1396 C CG2 . VAL B 1 79 ? 9.175   -17.940 -9.179  1.00 39.46 ? 78  VAL B CG2 1 
ATOM   1397 N N   . ASP B 1 80 ? 12.628  -17.030 -9.469  1.00 40.16 ? 79  ASP B N   1 
ATOM   1398 C CA  . ASP B 1 80 ? 13.291  -16.847 -10.749 1.00 40.41 ? 79  ASP B CA  1 
ATOM   1399 C C   . ASP B 1 80 ? 12.466  -17.432 -11.894 1.00 40.66 ? 79  ASP B C   1 
ATOM   1400 O O   . ASP B 1 80 ? 12.011  -18.576 -11.821 1.00 40.77 ? 79  ASP B O   1 
ATOM   1401 C CB  . ASP B 1 80 ? 14.667  -17.505 -10.714 1.00 40.38 ? 79  ASP B CB  1 
ATOM   1402 C CG  . ASP B 1 80 ? 15.432  -17.313 -11.999 1.00 40.26 ? 79  ASP B CG  1 
ATOM   1403 O OD1 . ASP B 1 80 ? 15.208  -18.073 -12.971 1.00 40.18 ? 79  ASP B OD1 1 
ATOM   1404 O OD2 . ASP B 1 80 ? 16.274  -16.399 -12.025 1.00 40.57 ? 79  ASP B OD2 1 
ATOM   1405 N N   . ARG B 1 81 ? 12.306  -16.648 -12.957 1.00 41.06 ? 80  ARG B N   1 
ATOM   1406 C CA  . ARG B 1 81 ? 11.531  -17.054 -14.138 1.00 41.65 ? 80  ARG B CA  1 
ATOM   1407 C C   . ARG B 1 81 ? 11.895  -18.435 -14.722 1.00 41.93 ? 80  ARG B C   1 
ATOM   1408 O O   . ARG B 1 81 ? 11.026  -19.101 -15.281 1.00 42.20 ? 80  ARG B O   1 
ATOM   1409 C CB  . ARG B 1 81 ? 11.595  -15.964 -15.228 1.00 41.80 ? 80  ARG B CB  1 
ATOM   1410 C CG  . ARG B 1 81 ? 10.730  -16.196 -16.476 1.00 41.79 ? 80  ARG B CG  1 
ATOM   1411 C CD  . ARG B 1 81 ? 9.267   -15.861 -16.239 1.00 41.75 ? 80  ARG B CD  1 
ATOM   1412 N NE  . ARG B 1 81 ? 9.031   -14.435 -16.009 1.00 42.28 ? 80  ARG B NE  1 
ATOM   1413 C CZ  . ARG B 1 81 ? 7.849   -13.926 -15.653 1.00 44.24 ? 80  ARG B CZ  1 
ATOM   1414 N NH1 . ARG B 1 81 ? 6.799   -14.719 -15.488 1.00 44.75 ? 80  ARG B NH1 1 
ATOM   1415 N NH2 . ARG B 1 81 ? 7.697   -12.622 -15.451 1.00 45.32 ? 80  ARG B NH2 1 
ATOM   1416 N N   . ASP B 1 82 ? 13.154  -18.871 -14.589 1.00 42.18 ? 81  ASP B N   1 
ATOM   1417 C CA  . ASP B 1 82 ? 13.582  -20.167 -15.154 1.00 42.22 ? 81  ASP B CA  1 
ATOM   1418 C C   . ASP B 1 82 ? 13.916  -21.232 -14.106 1.00 42.19 ? 81  ASP B C   1 
ATOM   1419 O O   . ASP B 1 82 ? 13.375  -22.329 -14.174 1.00 42.30 ? 81  ASP B O   1 
ATOM   1420 C CB  . ASP B 1 82 ? 14.747  -20.015 -16.141 1.00 42.32 ? 81  ASP B CB  1 
ATOM   1421 C CG  . ASP B 1 82 ? 14.623  -18.785 -17.041 1.00 43.04 ? 81  ASP B CG  1 
ATOM   1422 O OD1 . ASP B 1 82 ? 13.552  -18.139 -17.094 1.00 43.86 ? 81  ASP B OD1 1 
ATOM   1423 O OD2 . ASP B 1 82 ? 15.626  -18.454 -17.705 1.00 44.08 ? 81  ASP B OD2 1 
ATOM   1424 N N   . THR B 1 83 ? 14.803  -20.937 -13.151 1.00 42.17 ? 82  THR B N   1 
ATOM   1425 C CA  . THR B 1 83 ? 15.124  -21.926 -12.091 1.00 42.10 ? 82  THR B CA  1 
ATOM   1426 C C   . THR B 1 83 ? 13.915  -22.167 -11.171 1.00 41.90 ? 82  THR B C   1 
ATOM   1427 O O   . THR B 1 83 ? 13.829  -23.200 -10.483 1.00 41.72 ? 82  THR B O   1 
ATOM   1428 C CB  . THR B 1 83 ? 16.386  -21.562 -11.204 1.00 42.20 ? 82  THR B CB  1 
ATOM   1429 O OG1 . THR B 1 83 ? 16.035  -20.600 -10.189 1.00 42.63 ? 82  THR B OG1 1 
ATOM   1430 C CG2 . THR B 1 83 ? 17.565  -21.060 -12.041 1.00 41.80 ? 82  THR B CG2 1 
ATOM   1431 N N   . ASN B 1 84 ? 12.995  -21.200 -11.165 1.00 41.51 ? 83  ASN B N   1 
ATOM   1432 C CA  . ASN B 1 84 ? 11.837  -21.213 -10.274 1.00 41.35 ? 83  ASN B CA  1 
ATOM   1433 C C   . ASN B 1 84 ? 12.190  -21.266 -8.795  1.00 41.43 ? 83  ASN B C   1 
ATOM   1434 O O   . ASN B 1 84 ? 11.297  -21.446 -7.952  1.00 41.38 ? 83  ASN B O   1 
ATOM   1435 C CB  . ASN B 1 84 ? 10.856  -22.331 -10.638 1.00 41.10 ? 83  ASN B CB  1 
ATOM   1436 C CG  . ASN B 1 84 ? 9.669   -21.821 -11.419 1.00 40.88 ? 83  ASN B CG  1 
ATOM   1437 O OD1 . ASN B 1 84 ? 9.655   -21.881 -12.654 1.00 39.86 ? 83  ASN B OD1 1 
ATOM   1438 N ND2 . ASN B 1 84 ? 8.663   -21.295 -10.705 1.00 39.73 ? 83  ASN B ND2 1 
ATOM   1439 N N   . ARG B 1 85 ? 13.479  -21.099 -8.484  1.00 41.52 ? 84  ARG B N   1 
ATOM   1440 C CA  . ARG B 1 85 ? 13.921  -21.086 -7.089  1.00 41.96 ? 84  ARG B CA  1 
ATOM   1441 C C   . ARG B 1 85 ? 13.692  -19.719 -6.455  1.00 41.66 ? 84  ARG B C   1 
ATOM   1442 O O   . ARG B 1 85 ? 14.012  -18.694 -7.062  1.00 41.77 ? 84  ARG B O   1 
ATOM   1443 C CB  . ARG B 1 85 ? 15.365  -21.588 -6.916  1.00 41.81 ? 84  ARG B CB  1 
ATOM   1444 C CG  . ARG B 1 85 ? 15.411  -23.122 -6.702  1.00 42.93 ? 84  ARG B CG  1 
ATOM   1445 C CD  . ARG B 1 85 ? 16.795  -23.654 -6.346  1.00 42.78 ? 84  ARG B CD  1 
ATOM   1446 N NE  . ARG B 1 85 ? 17.812  -23.166 -7.275  1.00 45.21 ? 84  ARG B NE  1 
ATOM   1447 C CZ  . ARG B 1 85 ? 18.814  -23.893 -7.776  1.00 45.96 ? 84  ARG B CZ  1 
ATOM   1448 N NH1 . ARG B 1 85 ? 18.954  -25.180 -7.466  1.00 45.46 ? 84  ARG B NH1 1 
ATOM   1449 N NH2 . ARG B 1 85 ? 19.678  -23.328 -8.611  1.00 45.90 ? 84  ARG B NH2 1 
ATOM   1450 N N   . PRO B 1 86 ? 13.087  -19.703 -5.247  1.00 41.45 ? 85  PRO B N   1 
ATOM   1451 C CA  . PRO B 1 86 ? 12.771  -18.465 -4.527  1.00 41.24 ? 85  PRO B CA  1 
ATOM   1452 C C   . PRO B 1 86 ? 13.956  -17.476 -4.436  1.00 40.95 ? 85  PRO B C   1 
ATOM   1453 O O   . PRO B 1 86 ? 15.077  -17.891 -4.150  1.00 40.80 ? 85  PRO B O   1 
ATOM   1454 C CB  . PRO B 1 86 ? 12.347  -18.966 -3.123  1.00 41.33 ? 85  PRO B CB  1 
ATOM   1455 C CG  . PRO B 1 86 ? 12.739  -20.425 -3.070  1.00 41.56 ? 85  PRO B CG  1 
ATOM   1456 C CD  . PRO B 1 86 ? 12.643  -20.888 -4.491  1.00 41.44 ? 85  PRO B CD  1 
ATOM   1457 N N   . LEU B 1 87 ? 13.703  -16.193 -4.710  1.00 40.62 ? 86  LEU B N   1 
ATOM   1458 C CA  . LEU B 1 87 ? 14.707  -15.151 -4.515  1.00 40.08 ? 86  LEU B CA  1 
ATOM   1459 C C   . LEU B 1 87 ? 14.455  -14.573 -3.132  1.00 40.55 ? 86  LEU B C   1 
ATOM   1460 O O   . LEU B 1 87 ? 15.204  -14.863 -2.193  1.00 41.11 ? 86  LEU B O   1 
ATOM   1461 C CB  . LEU B 1 87 ? 14.651  -14.096 -5.629  1.00 39.39 ? 86  LEU B CB  1 
ATOM   1462 C CG  . LEU B 1 87 ? 14.762  -14.630 -7.077  1.00 38.18 ? 86  LEU B CG  1 
ATOM   1463 C CD1 . LEU B 1 87 ? 14.265  -13.611 -8.092  1.00 36.90 ? 86  LEU B CD1 1 
ATOM   1464 C CD2 . LEU B 1 87 ? 16.162  -15.092 -7.458  1.00 36.21 ? 86  LEU B CD2 1 
ATOM   1465 N N   . GLU B 1 88 ? 13.374  -13.812 -2.991  1.00 40.92 ? 87  GLU B N   1 
ATOM   1466 C CA  . GLU B 1 88 ? 12.905  -13.331 -1.681  1.00 41.13 ? 87  GLU B CA  1 
ATOM   1467 C C   . GLU B 1 88 ? 12.189  -14.460 -0.898  1.00 41.29 ? 87  GLU B C   1 
ATOM   1468 O O   . GLU B 1 88 ? 11.648  -15.389 -1.520  1.00 41.13 ? 87  GLU B O   1 
ATOM   1469 C CB  . GLU B 1 88 ? 11.958  -12.138 -1.869  1.00 41.13 ? 87  GLU B CB  1 
ATOM   1470 C CG  . GLU B 1 88 ? 12.565  -10.941 -2.616  1.00 42.09 ? 87  GLU B CG  1 
ATOM   1471 C CD  . GLU B 1 88 ? 13.577  -10.168 -1.773  1.00 44.69 ? 87  GLU B CD  1 
ATOM   1472 O OE1 . GLU B 1 88 ? 13.472  -10.247 -0.526  1.00 46.31 ? 87  GLU B OE1 1 
ATOM   1473 O OE2 . GLU B 1 88 ? 14.479  -9.484  -2.339  1.00 45.16 ? 87  GLU B OE2 1 
ATOM   1474 N N   . PRO B 1 89 ? 12.199  -14.397 0.466   1.00 41.55 ? 88  PRO B N   1 
ATOM   1475 C CA  . PRO B 1 89 ? 11.425  -15.375 1.269   1.00 41.17 ? 88  PRO B CA  1 
ATOM   1476 C C   . PRO B 1 89 ? 9.951   -15.069 1.149   1.00 41.04 ? 88  PRO B C   1 
ATOM   1477 O O   . PRO B 1 89 ? 9.578   -13.894 1.233   1.00 41.51 ? 88  PRO B O   1 
ATOM   1478 C CB  . PRO B 1 89 ? 11.865  -15.080 2.706   1.00 41.36 ? 88  PRO B CB  1 
ATOM   1479 C CG  . PRO B 1 89 ? 12.295  -13.604 2.694   1.00 41.13 ? 88  PRO B CG  1 
ATOM   1480 C CD  . PRO B 1 89 ? 12.936  -13.434 1.327   1.00 41.52 ? 88  PRO B CD  1 
ATOM   1481 N N   . PRO B 1 90 ? 9.103   -16.100 0.978   1.00 40.70 ? 89  PRO B N   1 
ATOM   1482 C CA  . PRO B 1 90 ? 7.683   -15.815 0.813   1.00 40.53 ? 89  PRO B CA  1 
ATOM   1483 C C   . PRO B 1 90 ? 7.169   -15.019 2.006   1.00 40.50 ? 89  PRO B C   1 
ATOM   1484 O O   . PRO B 1 90 ? 7.588   -15.280 3.132   1.00 40.66 ? 89  PRO B O   1 
ATOM   1485 C CB  . PRO B 1 90 ? 7.044   -17.211 0.782   1.00 40.17 ? 89  PRO B CB  1 
ATOM   1486 C CG  . PRO B 1 90 ? 8.050   -18.110 1.331   1.00 40.05 ? 89  PRO B CG  1 
ATOM   1487 C CD  . PRO B 1 90 ? 9.368   -17.545 0.960   1.00 40.62 ? 89  PRO B CD  1 
ATOM   1488 N N   . SER B 1 91 ? 6.309   -14.034 1.772   1.00 40.50 ? 90  SER B N   1 
ATOM   1489 C CA  . SER B 1 91 ? 5.747   -13.280 2.887   1.00 40.63 ? 90  SER B CA  1 
ATOM   1490 C C   . SER B 1 91 ? 4.288   -12.908 2.673   1.00 40.71 ? 90  SER B C   1 
ATOM   1491 O O   . SER B 1 91 ? 3.877   -12.633 1.540   1.00 40.63 ? 90  SER B O   1 
ATOM   1492 C CB  . SER B 1 91 ? 6.582   -12.030 3.164   1.00 40.76 ? 90  SER B CB  1 
ATOM   1493 O OG  . SER B 1 91 ? 5.883   -10.866 2.790   1.00 40.50 ? 90  SER B OG  1 
ATOM   1494 N N   . GLU B 1 92 ? 3.526   -12.886 3.774   1.00 40.69 ? 91  GLU B N   1 
ATOM   1495 C CA  . GLU B 1 92 ? 2.097   -12.539 3.752   1.00 40.64 ? 91  GLU B CA  1 
ATOM   1496 C C   . GLU B 1 92 ? 1.872   -11.048 3.595   1.00 40.53 ? 91  GLU B C   1 
ATOM   1497 O O   . GLU B 1 92 ? 2.729   -10.251 3.963   1.00 40.99 ? 91  GLU B O   1 
ATOM   1498 C CB  . GLU B 1 92 ? 1.419   -12.995 5.034   1.00 40.62 ? 91  GLU B CB  1 
ATOM   1499 C CG  . GLU B 1 92 ? 1.482   -14.504 5.253   1.00 42.73 ? 91  GLU B CG  1 
ATOM   1500 C CD  . GLU B 1 92 ? 0.564   -14.983 6.361   1.00 44.61 ? 91  GLU B CD  1 
ATOM   1501 O OE1 . GLU B 1 92 ? 0.515   -14.339 7.425   1.00 45.15 ? 91  GLU B OE1 1 
ATOM   1502 O OE2 . GLU B 1 92 ? -0.116  -16.014 6.167   1.00 47.47 ? 91  GLU B OE2 1 
ATOM   1503 N N   . PHE B 1 93 ? 0.731   -10.670 3.025   1.00 40.08 ? 92  PHE B N   1 
ATOM   1504 C CA  . PHE B 1 93 ? 0.260   -9.285  3.079   1.00 39.35 ? 92  PHE B CA  1 
ATOM   1505 C C   . PHE B 1 93 ? -1.250  -9.311  3.137   1.00 39.12 ? 92  PHE B C   1 
ATOM   1506 O O   . PHE B 1 93 ? -1.847  -10.347 2.869   1.00 39.46 ? 92  PHE B O   1 
ATOM   1507 C CB  . PHE B 1 93 ? 0.767   -8.461  1.902   1.00 39.14 ? 92  PHE B CB  1 
ATOM   1508 C CG  . PHE B 1 93 ? 0.286   -8.929  0.568   1.00 39.28 ? 92  PHE B CG  1 
ATOM   1509 C CD1 . PHE B 1 93 ? 0.954   -9.935  -0.116  1.00 40.04 ? 92  PHE B CD1 1 
ATOM   1510 C CD2 . PHE B 1 93 ? -0.810  -8.333  -0.036  1.00 40.96 ? 92  PHE B CD2 1 
ATOM   1511 C CE1 . PHE B 1 93 ? 0.525   -10.369 -1.381  1.00 40.28 ? 92  PHE B CE1 1 
ATOM   1512 C CE2 . PHE B 1 93 ? -1.252  -8.753  -1.305  1.00 41.35 ? 92  PHE B CE2 1 
ATOM   1513 C CZ  . PHE B 1 93 ? -0.577  -9.779  -1.970  1.00 40.67 ? 92  PHE B CZ  1 
ATOM   1514 N N   . ILE B 1 94 ? -1.867  -8.194  3.506   1.00 38.64 ? 93  ILE B N   1 
ATOM   1515 C CA  . ILE B 1 94 ? -3.315  -8.143  3.702   1.00 38.09 ? 93  ILE B CA  1 
ATOM   1516 C C   . ILE B 1 94 ? -3.974  -7.140  2.759   1.00 38.39 ? 93  ILE B C   1 
ATOM   1517 O O   . ILE B 1 94 ? -3.451  -6.039  2.532   1.00 38.40 ? 93  ILE B O   1 
ATOM   1518 C CB  . ILE B 1 94 ? -3.676  -7.794  5.165   1.00 37.70 ? 93  ILE B CB  1 
ATOM   1519 C CG1 . ILE B 1 94 ? -3.122  -8.860  6.103   1.00 37.24 ? 93  ILE B CG1 1 
ATOM   1520 C CG2 . ILE B 1 94 ? -5.179  -7.635  5.340   1.00 36.81 ? 93  ILE B CG2 1 
ATOM   1521 C CD1 . ILE B 1 94 ? -3.361  -8.590  7.570   1.00 38.27 ? 93  ILE B CD1 1 
ATOM   1522 N N   . VAL B 1 95 ? -5.126  -7.510  2.214   1.00 38.18 ? 94  VAL B N   1 
ATOM   1523 C CA  . VAL B 1 95 ? -5.913  -6.543  1.460   1.00 38.25 ? 94  VAL B CA  1 
ATOM   1524 C C   . VAL B 1 95 ? -7.172  -6.176  2.247   1.00 38.66 ? 94  VAL B C   1 
ATOM   1525 O O   . VAL B 1 95 ? -7.968  -7.039  2.604   1.00 38.60 ? 94  VAL B O   1 
ATOM   1526 C CB  . VAL B 1 95 ? -6.205  -7.035  0.024   1.00 37.98 ? 94  VAL B CB  1 
ATOM   1527 C CG1 . VAL B 1 95 ? -7.000  -6.016  -0.735  1.00 37.64 ? 94  VAL B CG1 1 
ATOM   1528 C CG2 . VAL B 1 95 ? -4.899  -7.292  -0.710  1.00 37.68 ? 94  VAL B CG2 1 
ATOM   1529 N N   . LYS B 1 96 ? -7.327  -4.892  2.542   1.00 39.31 ? 95  LYS B N   1 
ATOM   1530 C CA  . LYS B 1 96 ? -8.451  -4.428  3.360   1.00 40.18 ? 95  LYS B CA  1 
ATOM   1531 C C   . LYS B 1 96 ? -9.489  -3.768  2.475   1.00 40.29 ? 95  LYS B C   1 
ATOM   1532 O O   . LYS B 1 96 ? -9.163  -2.844  1.737   1.00 40.59 ? 95  LYS B O   1 
ATOM   1533 C CB  . LYS B 1 96 ? -7.974  -3.446  4.441   1.00 40.26 ? 95  LYS B CB  1 
ATOM   1534 C CG  . LYS B 1 96 ? -6.884  -4.015  5.346   1.00 41.80 ? 95  LYS B CG  1 
ATOM   1535 C CD  . LYS B 1 96 ? -6.810  -3.322  6.708   1.00 44.27 ? 95  LYS B CD  1 
ATOM   1536 C CE  . LYS B 1 96 ? -6.053  -4.210  7.711   1.00 46.03 ? 95  LYS B CE  1 
ATOM   1537 N NZ  . LYS B 1 96 ? -5.473  -3.441  8.860   1.00 48.12 ? 95  LYS B NZ  1 
ATOM   1538 N N   . VAL B 1 97 ? -10.730 -4.250  2.532   1.00 40.63 ? 96  VAL B N   1 
ATOM   1539 C CA  . VAL B 1 97 ? -11.822 -3.658  1.748   1.00 41.04 ? 96  VAL B CA  1 
ATOM   1540 C C   . VAL B 1 97 ? -12.335 -2.403  2.450   1.00 41.49 ? 96  VAL B C   1 
ATOM   1541 O O   . VAL B 1 97 ? -12.735 -2.452  3.607   1.00 41.39 ? 96  VAL B O   1 
ATOM   1542 C CB  . VAL B 1 97 ? -13.000 -4.633  1.529   1.00 40.90 ? 96  VAL B CB  1 
ATOM   1543 C CG1 . VAL B 1 97 ? -13.973 -4.056  0.508   1.00 40.60 ? 96  VAL B CG1 1 
ATOM   1544 C CG2 . VAL B 1 97 ? -12.504 -5.992  1.075   1.00 40.69 ? 96  VAL B CG2 1 
ATOM   1545 N N   . GLN B 1 98 ? -12.339 -1.277  1.752   1.00 42.34 ? 97  GLN B N   1 
ATOM   1546 C CA  . GLN B 1 98 ? -12.606 -0.017  2.428   1.00 43.22 ? 97  GLN B CA  1 
ATOM   1547 C C   . GLN B 1 98 ? -14.053 0.444   2.456   1.00 43.65 ? 97  GLN B C   1 
ATOM   1548 O O   . GLN B 1 98 ? -14.725 0.564   1.429   1.00 43.40 ? 97  GLN B O   1 
ATOM   1549 C CB  . GLN B 1 98 ? -11.669 1.097   1.954   1.00 43.48 ? 97  GLN B CB  1 
ATOM   1550 C CG  . GLN B 1 98 ? -11.341 2.118   3.049   1.00 43.93 ? 97  GLN B CG  1 
ATOM   1551 C CD  . GLN B 1 98 ? -10.928 1.464   4.377   1.00 43.89 ? 97  GLN B CD  1 
ATOM   1552 O OE1 . GLN B 1 98 ? -9.991  0.639   4.436   1.00 40.64 ? 97  GLN B OE1 1 
ATOM   1553 N NE2 . GLN B 1 98 ? -11.637 1.837   5.454   1.00 44.98 ? 97  GLN B NE2 1 
ATOM   1554 N N   . ASP B 1 99 ? -14.480 0.693   3.690   1.00 44.49 ? 98  ASP B N   1 
ATOM   1555 C CA  . ASP B 1 99 ? -15.765 1.265   4.092   1.00 45.12 ? 98  ASP B CA  1 
ATOM   1556 C C   . ASP B 1 99 ? -16.530 2.077   3.042   1.00 44.95 ? 98  ASP B C   1 
ATOM   1557 O O   . ASP B 1 99 ? -16.130 3.163   2.620   1.00 44.97 ? 98  ASP B O   1 
ATOM   1558 C CB  . ASP B 1 99 ? -15.522 2.125   5.341   1.00 45.55 ? 98  ASP B CB  1 
ATOM   1559 C CG  . ASP B 1 99 ? -16.611 1.970   6.381   1.00 46.93 ? 98  ASP B CG  1 
ATOM   1560 O OD1 . ASP B 1 99 ? -17.128 0.836   6.549   1.00 48.13 ? 98  ASP B OD1 1 
ATOM   1561 O OD2 . ASP B 1 99 ? -16.945 2.984   7.039   1.00 48.42 ? 98  ASP B OD2 1 
ATOM   1562 O OXT . ASP B 1 99 ? -17.593 1.654   2.602   1.00 44.84 ? 98  ASP B OXT 1 
HETATM 1563 O O   . HOH C 2 .  ? 10.927  0.187   8.007   1.00 13.73 ? 99  HOH A O   1 
HETATM 1564 O O   . HOH C 2 .  ? 9.452   8.381   14.285  1.00 25.56 ? 100 HOH A O   1 
HETATM 1565 O O   . HOH C 2 .  ? 8.030   13.026  -12.017 1.00 35.19 ? 101 HOH A O   1 
HETATM 1566 O O   . HOH C 2 .  ? 5.808   3.574   -10.964 1.00 33.46 ? 102 HOH A O   1 
HETATM 1567 O O   . HOH C 2 .  ? 9.968   11.865  -4.862  1.00 29.49 ? 103 HOH A O   1 
HETATM 1568 O O   . HOH C 2 .  ? 8.120   -8.839  4.461   1.00 28.94 ? 104 HOH A O   1 
HETATM 1569 O O   . HOH C 2 .  ? -4.435  20.001  3.024   1.00 35.10 ? 105 HOH A O   1 
HETATM 1570 O O   . HOH C 2 .  ? -3.599  22.051  4.548   1.00 35.26 ? 106 HOH A O   1 
HETATM 1571 O O   . HOH C 2 .  ? -4.782  -3.482  11.929  1.00 36.74 ? 107 HOH A O   1 
HETATM 1572 O O   . HOH C 2 .  ? 8.814   12.205  -10.008 1.00 49.74 ? 108 HOH A O   1 
HETATM 1573 O O   . HOH C 2 .  ? 6.363   19.723  -0.901  1.00 43.13 ? 109 HOH A O   1 
HETATM 1574 O O   . HOH D 2 .  ? -19.375 -8.204  -10.259 1.00 32.39 ? 99  HOH B O   1 
HETATM 1575 O O   . HOH D 2 .  ? 8.800   -22.096 -3.826  1.00 39.39 ? 100 HOH B O   1 
HETATM 1576 O O   . HOH D 2 .  ? 3.048   -9.757  8.441   1.00 23.94 ? 101 HOH B O   1 
HETATM 1577 O O   . HOH D 2 .  ? -13.310 -10.358 7.495   1.00 52.57 ? 102 HOH B O   1 
HETATM 1578 O O   . HOH D 2 .  ? 9.653   0.715   -10.595 1.00 49.21 ? 103 HOH B O   1 
HETATM 1579 O O   . HOH D 2 .  ? 15.877  -9.129  -12.518 1.00 51.03 ? 104 HOH B O   1 
# 
loop_
_pdbx_poly_seq_scheme.asym_id 
_pdbx_poly_seq_scheme.entity_id 
_pdbx_poly_seq_scheme.seq_id 
_pdbx_poly_seq_scheme.mon_id 
_pdbx_poly_seq_scheme.ndb_seq_num 
_pdbx_poly_seq_scheme.pdb_seq_num 
_pdbx_poly_seq_scheme.auth_seq_num 
_pdbx_poly_seq_scheme.pdb_mon_id 
_pdbx_poly_seq_scheme.auth_mon_id 
_pdbx_poly_seq_scheme.pdb_strand_id 
_pdbx_poly_seq_scheme.pdb_ins_code 
_pdbx_poly_seq_scheme.hetero 
A 1 1  SER 1  0  0  SER SER A . n 
A 1 2  GLY 2  1  1  GLY GLY A . n 
A 1 3  TRP 3  2  2  TRP TRP A . n 
A 1 4  VAL 4  3  3  VAL VAL A . n 
A 1 5  TRP 5  4  4  TRP TRP A . n 
A 1 6  ASN 6  5  5  ASN ASN A . n 
A 1 7  GLN 7  6  6  GLN GLN A . n 
A 1 8  PHE 8  7  7  PHE PHE A . n 
A 1 9  PHE 9  8  8  PHE PHE A . n 
A 1 10 VAL 10 9  9  VAL VAL A . n 
A 1 11 ILE 11 10 10 ILE ILE A . n 
A 1 12 GLU 12 11 11 GLU GLU A . n 
A 1 13 GLU 13 12 12 GLU GLU A . n 
A 1 14 TYR 14 13 13 TYR TYR A . n 
A 1 15 THR 15 14 14 THR THR A . n 
A 1 16 GLY 16 15 15 GLY GLY A . n 
A 1 17 PRO 17 16 16 PRO PRO A . n 
A 1 18 ASP 18 17 17 ASP ASP A . n 
A 1 19 PRO 19 18 18 PRO PRO A . n 
A 1 20 VAL 20 19 19 VAL VAL A . n 
A 1 21 LEU 21 20 20 LEU LEU A . n 
A 1 22 VAL 22 21 21 VAL VAL A . n 
A 1 23 GLY 23 22 22 GLY GLY A . n 
A 1 24 ARG 24 23 23 ARG ARG A . n 
A 1 25 LEU 25 24 24 LEU LEU A . n 
A 1 26 HIS 26 25 25 HIS HIS A . n 
A 1 27 SER 27 26 26 SER SER A . n 
A 1 28 ASP 28 27 27 ASP ASP A . n 
A 1 29 ILE 29 28 28 ILE ILE A . n 
A 1 30 ASP 30 29 29 ASP ASP A . n 
A 1 31 SER 31 30 30 SER SER A . n 
A 1 32 GLY 32 31 31 GLY GLY A . n 
A 1 33 ASP 33 32 32 ASP ASP A . n 
A 1 34 GLY 34 33 33 GLY GLY A . n 
A 1 35 ASN 35 34 34 ASN ASN A . n 
A 1 36 ILE 36 35 35 ILE ILE A . n 
A 1 37 LYS 37 36 36 LYS LYS A . n 
A 1 38 TYR 38 37 37 TYR TYR A . n 
A 1 39 ILE 39 38 38 ILE ILE A . n 
A 1 40 LEU 40 39 39 LEU LEU A . n 
A 1 41 SER 41 40 40 SER SER A . n 
A 1 42 GLY 42 41 41 GLY GLY A . n 
A 1 43 GLU 43 42 42 GLU GLU A . n 
A 1 44 GLY 44 43 43 GLY GLY A . n 
A 1 45 ALA 45 44 44 ALA ALA A . n 
A 1 46 GLY 46 45 45 GLY GLY A . n 
A 1 47 THR 47 46 46 THR THR A . n 
A 1 48 ILE 48 47 47 ILE ILE A . n 
A 1 49 PHE 49 48 48 PHE PHE A . n 
A 1 50 VAL 50 49 49 VAL VAL A . n 
A 1 51 ILE 51 50 50 ILE ILE A . n 
A 1 52 ASP 52 51 51 ASP ASP A . n 
A 1 53 ASP 53 52 52 ASP ASP A . n 
A 1 54 LYS 54 53 53 LYS LYS A . n 
A 1 55 SER 55 54 54 SER SER A . n 
A 1 56 GLY 56 55 55 GLY GLY A . n 
A 1 57 ASN 57 56 56 ASN ASN A . n 
A 1 58 ILE 58 57 57 ILE ILE A . n 
A 1 59 HIS 59 58 58 HIS HIS A . n 
A 1 60 ALA 60 59 59 ALA ALA A . n 
A 1 61 THR 61 60 60 THR THR A . n 
A 1 62 LYS 62 61 61 LYS LYS A . n 
A 1 63 THR 63 62 62 THR THR A . n 
A 1 64 LEU 64 63 63 LEU LEU A . n 
A 1 65 ASP 65 64 64 ASP ASP A . n 
A 1 66 ARG 66 65 65 ARG ARG A . n 
A 1 67 GLU 67 66 66 GLU GLU A . n 
A 1 68 GLU 68 67 67 GLU GLU A . n 
A 1 69 ARG 69 68 68 ARG ARG A . n 
A 1 70 ALA 70 69 69 ALA ALA A . n 
A 1 71 GLN 71 70 70 GLN GLN A . n 
A 1 72 TYR 72 71 71 TYR TYR A . n 
A 1 73 THR 73 72 72 THR THR A . n 
A 1 74 LEU 74 73 73 LEU LEU A . n 
A 1 75 MET 75 74 74 MET MET A . n 
A 1 76 ALA 76 75 75 ALA ALA A . n 
A 1 77 GLN 77 76 76 GLN GLN A . n 
A 1 78 ALA 78 77 77 ALA ALA A . n 
A 1 79 VAL 79 78 78 VAL VAL A . n 
A 1 80 ASP 80 79 79 ASP ASP A . n 
A 1 81 ARG 81 80 80 ARG ARG A . n 
A 1 82 ASP 82 81 81 ASP ASP A . n 
A 1 83 THR 83 82 82 THR THR A . n 
A 1 84 ASN 84 83 83 ASN ASN A . n 
A 1 85 ARG 85 84 84 ARG ARG A . n 
A 1 86 PRO 86 85 85 PRO PRO A . n 
A 1 87 LEU 87 86 86 LEU LEU A . n 
A 1 88 GLU 88 87 87 GLU GLU A . n 
A 1 89 PRO 89 88 88 PRO PRO A . n 
A 1 90 PRO 90 89 89 PRO PRO A . n 
A 1 91 SER 91 90 90 SER SER A . n 
A 1 92 GLU 92 91 91 GLU GLU A . n 
A 1 93 PHE 93 92 92 PHE PHE A . n 
A 1 94 ILE 94 93 93 ILE ILE A . n 
A 1 95 VAL 95 94 94 VAL VAL A . n 
A 1 96 LYS 96 95 95 LYS LYS A . n 
A 1 97 VAL 97 96 96 VAL VAL A . n 
A 1 98 GLN 98 97 97 GLN GLN A . n 
A 1 99 ASP 99 98 98 ASP ASP A . n 
B 1 1  SER 1  0  0  SER SER B . n 
B 1 2  GLY 2  1  1  GLY GLY B . n 
B 1 3  TRP 3  2  2  TRP TRP B . n 
B 1 4  VAL 4  3  3  VAL VAL B . n 
B 1 5  TRP 5  4  4  TRP TRP B . n 
B 1 6  ASN 6  5  5  ASN ASN B . n 
B 1 7  GLN 7  6  6  GLN GLN B . n 
B 1 8  PHE 8  7  7  PHE PHE B . n 
B 1 9  PHE 9  8  8  PHE PHE B . n 
B 1 10 VAL 10 9  9  VAL VAL B . n 
B 1 11 ILE 11 10 10 ILE ILE B . n 
B 1 12 GLU 12 11 11 GLU GLU B . n 
B 1 13 GLU 13 12 12 GLU GLU B . n 
B 1 14 TYR 14 13 13 TYR TYR B . n 
B 1 15 THR 15 14 14 THR THR B . n 
B 1 16 GLY 16 15 15 GLY GLY B . n 
B 1 17 PRO 17 16 16 PRO PRO B . n 
B 1 18 ASP 18 17 17 ASP ASP B . n 
B 1 19 PRO 19 18 18 PRO PRO B . n 
B 1 20 VAL 20 19 19 VAL VAL B . n 
B 1 21 LEU 21 20 20 LEU LEU B . n 
B 1 22 VAL 22 21 21 VAL VAL B . n 
B 1 23 GLY 23 22 22 GLY GLY B . n 
B 1 24 ARG 24 23 23 ARG ARG B . n 
B 1 25 LEU 25 24 24 LEU LEU B . n 
B 1 26 HIS 26 25 25 HIS HIS B . n 
B 1 27 SER 27 26 26 SER SER B . n 
B 1 28 ASP 28 27 27 ASP ASP B . n 
B 1 29 ILE 29 28 28 ILE ILE B . n 
B 1 30 ASP 30 29 29 ASP ASP B . n 
B 1 31 SER 31 30 30 SER SER B . n 
B 1 32 GLY 32 31 31 GLY GLY B . n 
B 1 33 ASP 33 32 32 ASP ASP B . n 
B 1 34 GLY 34 33 33 GLY GLY B . n 
B 1 35 ASN 35 34 34 ASN ASN B . n 
B 1 36 ILE 36 35 35 ILE ILE B . n 
B 1 37 LYS 37 36 36 LYS LYS B . n 
B 1 38 TYR 38 37 37 TYR TYR B . n 
B 1 39 ILE 39 38 38 ILE ILE B . n 
B 1 40 LEU 40 39 39 LEU LEU B . n 
B 1 41 SER 41 40 40 SER SER B . n 
B 1 42 GLY 42 41 41 GLY GLY B . n 
B 1 43 GLU 43 42 42 GLU GLU B . n 
B 1 44 GLY 44 43 43 GLY GLY B . n 
B 1 45 ALA 45 44 44 ALA ALA B . n 
B 1 46 GLY 46 45 45 GLY GLY B . n 
B 1 47 THR 47 46 46 THR THR B . n 
B 1 48 ILE 48 47 47 ILE ILE B . n 
B 1 49 PHE 49 48 48 PHE PHE B . n 
B 1 50 VAL 50 49 49 VAL VAL B . n 
B 1 51 ILE 51 50 50 ILE ILE B . n 
B 1 52 ASP 52 51 51 ASP ASP B . n 
B 1 53 ASP 53 52 52 ASP ASP B . n 
B 1 54 LYS 54 53 53 LYS LYS B . n 
B 1 55 SER 55 54 54 SER SER B . n 
B 1 56 GLY 56 55 55 GLY GLY B . n 
B 1 57 ASN 57 56 56 ASN ASN B . n 
B 1 58 ILE 58 57 57 ILE ILE B . n 
B 1 59 HIS 59 58 58 HIS HIS B . n 
B 1 60 ALA 60 59 59 ALA ALA B . n 
B 1 61 THR 61 60 60 THR THR B . n 
B 1 62 LYS 62 61 61 LYS LYS B . n 
B 1 63 THR 63 62 62 THR THR B . n 
B 1 64 LEU 64 63 63 LEU LEU B . n 
B 1 65 ASP 65 64 64 ASP ASP B . n 
B 1 66 ARG 66 65 65 ARG ARG B . n 
B 1 67 GLU 67 66 66 GLU GLU B . n 
B 1 68 GLU 68 67 67 GLU GLU B . n 
B 1 69 ARG 69 68 68 ARG ARG B . n 
B 1 70 ALA 70 69 69 ALA ALA B . n 
B 1 71 GLN 71 70 70 GLN GLN B . n 
B 1 72 TYR 72 71 71 TYR TYR B . n 
B 1 73 THR 73 72 72 THR THR B . n 
B 1 74 LEU 74 73 73 LEU LEU B . n 
B 1 75 MET 75 74 74 MET MET B . n 
B 1 76 ALA 76 75 75 ALA ALA B . n 
B 1 77 GLN 77 76 76 GLN GLN B . n 
B 1 78 ALA 78 77 77 ALA ALA B . n 
B 1 79 VAL 79 78 78 VAL VAL B . n 
B 1 80 ASP 80 79 79 ASP ASP B . n 
B 1 81 ARG 81 80 80 ARG ARG B . n 
B 1 82 ASP 82 81 81 ASP ASP B . n 
B 1 83 THR 83 82 82 THR THR B . n 
B 1 84 ASN 84 83 83 ASN ASN B . n 
B 1 85 ARG 85 84 84 ARG ARG B . n 
B 1 86 PRO 86 85 85 PRO PRO B . n 
B 1 87 LEU 87 86 86 LEU LEU B . n 
B 1 88 GLU 88 87 87 GLU GLU B . n 
B 1 89 PRO 89 88 88 PRO PRO B . n 
B 1 90 PRO 90 89 89 PRO PRO B . n 
B 1 91 SER 91 90 90 SER SER B . n 
B 1 92 GLU 92 91 91 GLU GLU B . n 
B 1 93 PHE 93 92 92 PHE PHE B . n 
B 1 94 ILE 94 93 93 ILE ILE B . n 
B 1 95 VAL 95 94 94 VAL VAL B . n 
B 1 96 LYS 96 95 95 LYS LYS B . n 
B 1 97 VAL 97 96 96 VAL VAL B . n 
B 1 98 GLN 98 97 97 GLN GLN B . n 
B 1 99 ASP 99 98 98 ASP ASP B . n 
# 
loop_
_pdbx_nonpoly_scheme.asym_id 
_pdbx_nonpoly_scheme.entity_id 
_pdbx_nonpoly_scheme.mon_id 
_pdbx_nonpoly_scheme.ndb_seq_num 
_pdbx_nonpoly_scheme.pdb_seq_num 
_pdbx_nonpoly_scheme.auth_seq_num 
_pdbx_nonpoly_scheme.pdb_mon_id 
_pdbx_nonpoly_scheme.auth_mon_id 
_pdbx_nonpoly_scheme.pdb_strand_id 
_pdbx_nonpoly_scheme.pdb_ins_code 
C 2 HOH 1  99  1  HOH HOH A . 
C 2 HOH 2  100 5  HOH HOH A . 
C 2 HOH 3  101 6  HOH HOH A . 
C 2 HOH 4  102 9  HOH HOH A . 
C 2 HOH 5  103 11 HOH HOH A . 
C 2 HOH 6  104 14 HOH HOH A . 
C 2 HOH 7  105 17 HOH HOH A . 
C 2 HOH 8  106 22 HOH HOH A . 
C 2 HOH 9  107 27 HOH HOH A . 
C 2 HOH 10 108 28 HOH HOH A . 
C 2 HOH 11 109 47 HOH HOH A . 
D 2 HOH 1  99  2  HOH HOH B . 
D 2 HOH 2  100 8  HOH HOH B . 
D 2 HOH 3  101 19 HOH HOH B . 
D 2 HOH 4  102 46 HOH HOH B . 
D 2 HOH 5  103 53 HOH HOH B . 
D 2 HOH 6  104 66 HOH HOH B . 
# 
_pdbx_struct_assembly.id                   1 
_pdbx_struct_assembly.details              author_and_software_defined_assembly 
_pdbx_struct_assembly.method_details       PISA 
_pdbx_struct_assembly.oligomeric_details   dimeric 
_pdbx_struct_assembly.oligomeric_count     2 
# 
_pdbx_struct_assembly_gen.assembly_id       1 
_pdbx_struct_assembly_gen.oper_expression   1 
_pdbx_struct_assembly_gen.asym_id_list      A,B,C,D 
# 
loop_
_pdbx_struct_assembly_prop.biol_id 
_pdbx_struct_assembly_prop.type 
_pdbx_struct_assembly_prop.value 
_pdbx_struct_assembly_prop.details 
1 'ABSA (A^2)' 2450  ? 
1 MORE         -18   ? 
1 'SSA (A^2)'  10180 ? 
# 
_pdbx_struct_oper_list.id                   1 
_pdbx_struct_oper_list.type                 'identity operation' 
_pdbx_struct_oper_list.name                 1_555 
_pdbx_struct_oper_list.symmetry_operation   x,y,z 
_pdbx_struct_oper_list.matrix[1][1]         1.0000000000 
_pdbx_struct_oper_list.matrix[1][2]         0.0000000000 
_pdbx_struct_oper_list.matrix[1][3]         0.0000000000 
_pdbx_struct_oper_list.vector[1]            0.0000000000 
_pdbx_struct_oper_list.matrix[2][1]         0.0000000000 
_pdbx_struct_oper_list.matrix[2][2]         1.0000000000 
_pdbx_struct_oper_list.matrix[2][3]         0.0000000000 
_pdbx_struct_oper_list.vector[2]            0.0000000000 
_pdbx_struct_oper_list.matrix[3][1]         0.0000000000 
_pdbx_struct_oper_list.matrix[3][2]         0.0000000000 
_pdbx_struct_oper_list.matrix[3][3]         1.0000000000 
_pdbx_struct_oper_list.vector[3]            0.0000000000 
# 
loop_
_pdbx_audit_revision_history.ordinal 
_pdbx_audit_revision_history.data_content_type 
_pdbx_audit_revision_history.major_revision 
_pdbx_audit_revision_history.minor_revision 
_pdbx_audit_revision_history.revision_date 
1 'Structure model' 1 0 2006-04-25 
2 'Structure model' 1 1 2008-04-30 
3 'Structure model' 1 2 2011-07-13 
4 'Structure model' 1 3 2023-08-23 
# 
_pdbx_audit_revision_details.ordinal             1 
_pdbx_audit_revision_details.revision_ordinal    1 
_pdbx_audit_revision_details.data_content_type   'Structure model' 
_pdbx_audit_revision_details.provider            repository 
_pdbx_audit_revision_details.type                'Initial release' 
_pdbx_audit_revision_details.description         ? 
_pdbx_audit_revision_details.details             ? 
# 
loop_
_pdbx_audit_revision_group.ordinal 
_pdbx_audit_revision_group.revision_ordinal 
_pdbx_audit_revision_group.data_content_type 
_pdbx_audit_revision_group.group 
1 2 'Structure model' 'Version format compliance' 
2 3 'Structure model' Advisory                    
3 3 'Structure model' 'Version format compliance' 
4 4 'Structure model' 'Data collection'           
5 4 'Structure model' 'Database references'       
6 4 'Structure model' 'Refinement description'    
# 
loop_
_pdbx_audit_revision_category.ordinal 
_pdbx_audit_revision_category.revision_ordinal 
_pdbx_audit_revision_category.data_content_type 
_pdbx_audit_revision_category.category 
1 4 'Structure model' chem_comp_atom                
2 4 'Structure model' chem_comp_bond                
3 4 'Structure model' database_2                    
4 4 'Structure model' pdbx_initial_refinement_model 
5 4 'Structure model' struct_ncs_dom_lim            
6 4 'Structure model' struct_ref_seq_dif            
# 
loop_
_pdbx_audit_revision_item.ordinal 
_pdbx_audit_revision_item.revision_ordinal 
_pdbx_audit_revision_item.data_content_type 
_pdbx_audit_revision_item.item 
1 4 'Structure model' '_database_2.pdbx_DOI'                 
2 4 'Structure model' '_database_2.pdbx_database_accession'  
3 4 'Structure model' '_struct_ncs_dom_lim.beg_auth_comp_id' 
4 4 'Structure model' '_struct_ncs_dom_lim.end_auth_comp_id' 
5 4 'Structure model' '_struct_ref_seq_dif.details'          
# 
loop_
_pdbx_refine_tls.id 
_pdbx_refine_tls.details 
_pdbx_refine_tls.method 
_pdbx_refine_tls.origin_x 
_pdbx_refine_tls.origin_y 
_pdbx_refine_tls.origin_z 
_pdbx_refine_tls.T[1][1] 
_pdbx_refine_tls.T[2][2] 
_pdbx_refine_tls.T[3][3] 
_pdbx_refine_tls.T[1][2] 
_pdbx_refine_tls.T[1][3] 
_pdbx_refine_tls.T[2][3] 
_pdbx_refine_tls.L[1][1] 
_pdbx_refine_tls.L[2][2] 
_pdbx_refine_tls.L[3][3] 
_pdbx_refine_tls.L[1][2] 
_pdbx_refine_tls.L[1][3] 
_pdbx_refine_tls.L[2][3] 
_pdbx_refine_tls.S[1][1] 
_pdbx_refine_tls.S[2][2] 
_pdbx_refine_tls.S[3][3] 
_pdbx_refine_tls.S[1][2] 
_pdbx_refine_tls.S[1][3] 
_pdbx_refine_tls.S[2][3] 
_pdbx_refine_tls.S[2][1] 
_pdbx_refine_tls.S[3][1] 
_pdbx_refine_tls.S[3][2] 
_pdbx_refine_tls.pdbx_refine_id 
1 ? refined 1.0189  8.7051  4.1056  -0.1126 -0.0674 -0.0778 -0.0441 0.0037  -0.0095 3.4508 3.9657 1.0608 -0.8586 0.9210 -0.0843 -0.1661 0.0321  0.1340  -0.0701 -0.1399 0.1259 -0.2448 -0.0923 -0.2881 'X-RAY DIFFRACTION' 
2 ? refined -1.3763 -8.5753 -4.3444 0.0116  -0.1011 -0.0332 -0.0001 -0.0235 -0.0052 0.8730 6.0463 5.8741 1.9559  0.3883 0.7099  0.1092  -0.0881 -0.0211 0.2419  -0.0593 0.1695 -0.4232 -0.3996 -0.3186 'X-RAY DIFFRACTION' 
# 
loop_
_pdbx_refine_tls_group.id 
_pdbx_refine_tls_group.refine_tls_id 
_pdbx_refine_tls_group.beg_label_asym_id 
_pdbx_refine_tls_group.beg_label_seq_id 
_pdbx_refine_tls_group.end_label_asym_id 
_pdbx_refine_tls_group.end_label_seq_id 
_pdbx_refine_tls_group.selection 
_pdbx_refine_tls_group.beg_auth_asym_id 
_pdbx_refine_tls_group.beg_auth_seq_id 
_pdbx_refine_tls_group.end_auth_asym_id 
_pdbx_refine_tls_group.end_auth_seq_id 
_pdbx_refine_tls_group.pdbx_refine_id 
_pdbx_refine_tls_group.selection_details 
1 1 A 3 A 99 ALL A 2 A 98 'X-RAY DIFFRACTION' ? 
2 2 B 3 B 99 ALL B 2 B 98 'X-RAY DIFFRACTION' ? 
# 
loop_
_software.name 
_software.version 
_software.date 
_software.type 
_software.contact_author 
_software.contact_author_email 
_software.classification 
_software.location 
_software.language 
_software.citation_id 
_software.pdbx_ordinal 
REFMAC      5.2.0005 ?               program 'Murshudov, G.N.' ccp4@dl.ac.uk            refinement        
http://www.ccp4.ac.uk/main.html  Fortran ? 1 
PDB_EXTRACT 1.700    'May. 30, 2005' package PDB               sw-help@rcsb.rutgers.edu 'data extraction' 
http://pdb.rutgers.edu/software/ C++     ? 2 
DENZO       .        ?               ?       ?                 ?                        'data reduction'  ? ?       ? 3 
SCALEPACK   .        ?               ?       ?                 ?                        'data scaling'    ? ?       ? 4 
PHASER      .        ?               ?       ?                 ?                        phasing           ? ?       ? 5 
# 
loop_
_pdbx_validate_torsion.id 
_pdbx_validate_torsion.PDB_model_num 
_pdbx_validate_torsion.auth_comp_id 
_pdbx_validate_torsion.auth_asym_id 
_pdbx_validate_torsion.auth_seq_id 
_pdbx_validate_torsion.PDB_ins_code 
_pdbx_validate_torsion.label_alt_id 
_pdbx_validate_torsion.phi 
_pdbx_validate_torsion.psi 
1 1 ASN A 5  ? ? -104.02 44.82  
2 1 GLU A 12 ? ? -68.26  9.29   
3 1 THR A 46 ? ? -128.33 -85.64 
4 1 ASP B 29 ? ? -57.63  105.96 
5 1 THR B 46 ? ? -124.95 -79.87 
6 1 ASN B 83 ? ? 58.29   9.36   
7 1 LEU B 86 ? ? -94.44  -72.29 
# 
_pdbx_validate_peptide_omega.id               1 
_pdbx_validate_peptide_omega.PDB_model_num    1 
_pdbx_validate_peptide_omega.auth_comp_id_1   ILE 
_pdbx_validate_peptide_omega.auth_asym_id_1   B 
_pdbx_validate_peptide_omega.auth_seq_id_1    10 
_pdbx_validate_peptide_omega.PDB_ins_code_1   ? 
_pdbx_validate_peptide_omega.label_alt_id_1   ? 
_pdbx_validate_peptide_omega.auth_comp_id_2   GLU 
_pdbx_validate_peptide_omega.auth_asym_id_2   B 
_pdbx_validate_peptide_omega.auth_seq_id_2    11 
_pdbx_validate_peptide_omega.PDB_ins_code_2   ? 
_pdbx_validate_peptide_omega.label_alt_id_2   ? 
_pdbx_validate_peptide_omega.omega            -129.15 
# 
loop_
_chem_comp_atom.comp_id 
_chem_comp_atom.atom_id 
_chem_comp_atom.type_symbol 
_chem_comp_atom.pdbx_aromatic_flag 
_chem_comp_atom.pdbx_stereo_config 
_chem_comp_atom.pdbx_ordinal 
ALA N    N N N 1   
ALA CA   C N S 2   
ALA C    C N N 3   
ALA O    O N N 4   
ALA CB   C N N 5   
ALA OXT  O N N 6   
ALA H    H N N 7   
ALA H2   H N N 8   
ALA HA   H N N 9   
ALA HB1  H N N 10  
ALA HB2  H N N 11  
ALA HB3  H N N 12  
ALA HXT  H N N 13  
ARG N    N N N 14  
ARG CA   C N S 15  
ARG C    C N N 16  
ARG O    O N N 17  
ARG CB   C N N 18  
ARG CG   C N N 19  
ARG CD   C N N 20  
ARG NE   N N N 21  
ARG CZ   C N N 22  
ARG NH1  N N N 23  
ARG NH2  N N N 24  
ARG OXT  O N N 25  
ARG H    H N N 26  
ARG H2   H N N 27  
ARG HA   H N N 28  
ARG HB2  H N N 29  
ARG HB3  H N N 30  
ARG HG2  H N N 31  
ARG HG3  H N N 32  
ARG HD2  H N N 33  
ARG HD3  H N N 34  
ARG HE   H N N 35  
ARG HH11 H N N 36  
ARG HH12 H N N 37  
ARG HH21 H N N 38  
ARG HH22 H N N 39  
ARG HXT  H N N 40  
ASN N    N N N 41  
ASN CA   C N S 42  
ASN C    C N N 43  
ASN O    O N N 44  
ASN CB   C N N 45  
ASN CG   C N N 46  
ASN OD1  O N N 47  
ASN ND2  N N N 48  
ASN OXT  O N N 49  
ASN H    H N N 50  
ASN H2   H N N 51  
ASN HA   H N N 52  
ASN HB2  H N N 53  
ASN HB3  H N N 54  
ASN HD21 H N N 55  
ASN HD22 H N N 56  
ASN HXT  H N N 57  
ASP N    N N N 58  
ASP CA   C N S 59  
ASP C    C N N 60  
ASP O    O N N 61  
ASP CB   C N N 62  
ASP CG   C N N 63  
ASP OD1  O N N 64  
ASP OD2  O N N 65  
ASP OXT  O N N 66  
ASP H    H N N 67  
ASP H2   H N N 68  
ASP HA   H N N 69  
ASP HB2  H N N 70  
ASP HB3  H N N 71  
ASP HD2  H N N 72  
ASP HXT  H N N 73  
GLN N    N N N 74  
GLN CA   C N S 75  
GLN C    C N N 76  
GLN O    O N N 77  
GLN CB   C N N 78  
GLN CG   C N N 79  
GLN CD   C N N 80  
GLN OE1  O N N 81  
GLN NE2  N N N 82  
GLN OXT  O N N 83  
GLN H    H N N 84  
GLN H2   H N N 85  
GLN HA   H N N 86  
GLN HB2  H N N 87  
GLN HB3  H N N 88  
GLN HG2  H N N 89  
GLN HG3  H N N 90  
GLN HE21 H N N 91  
GLN HE22 H N N 92  
GLN HXT  H N N 93  
GLU N    N N N 94  
GLU CA   C N S 95  
GLU C    C N N 96  
GLU O    O N N 97  
GLU CB   C N N 98  
GLU CG   C N N 99  
GLU CD   C N N 100 
GLU OE1  O N N 101 
GLU OE2  O N N 102 
GLU OXT  O N N 103 
GLU H    H N N 104 
GLU H2   H N N 105 
GLU HA   H N N 106 
GLU HB2  H N N 107 
GLU HB3  H N N 108 
GLU HG2  H N N 109 
GLU HG3  H N N 110 
GLU HE2  H N N 111 
GLU HXT  H N N 112 
GLY N    N N N 113 
GLY CA   C N N 114 
GLY C    C N N 115 
GLY O    O N N 116 
GLY OXT  O N N 117 
GLY H    H N N 118 
GLY H2   H N N 119 
GLY HA2  H N N 120 
GLY HA3  H N N 121 
GLY HXT  H N N 122 
HIS N    N N N 123 
HIS CA   C N S 124 
HIS C    C N N 125 
HIS O    O N N 126 
HIS CB   C N N 127 
HIS CG   C Y N 128 
HIS ND1  N Y N 129 
HIS CD2  C Y N 130 
HIS CE1  C Y N 131 
HIS NE2  N Y N 132 
HIS OXT  O N N 133 
HIS H    H N N 134 
HIS H2   H N N 135 
HIS HA   H N N 136 
HIS HB2  H N N 137 
HIS HB3  H N N 138 
HIS HD1  H N N 139 
HIS HD2  H N N 140 
HIS HE1  H N N 141 
HIS HE2  H N N 142 
HIS HXT  H N N 143 
HOH O    O N N 144 
HOH H1   H N N 145 
HOH H2   H N N 146 
ILE N    N N N 147 
ILE CA   C N S 148 
ILE C    C N N 149 
ILE O    O N N 150 
ILE CB   C N S 151 
ILE CG1  C N N 152 
ILE CG2  C N N 153 
ILE CD1  C N N 154 
ILE OXT  O N N 155 
ILE H    H N N 156 
ILE H2   H N N 157 
ILE HA   H N N 158 
ILE HB   H N N 159 
ILE HG12 H N N 160 
ILE HG13 H N N 161 
ILE HG21 H N N 162 
ILE HG22 H N N 163 
ILE HG23 H N N 164 
ILE HD11 H N N 165 
ILE HD12 H N N 166 
ILE HD13 H N N 167 
ILE HXT  H N N 168 
LEU N    N N N 169 
LEU CA   C N S 170 
LEU C    C N N 171 
LEU O    O N N 172 
LEU CB   C N N 173 
LEU CG   C N N 174 
LEU CD1  C N N 175 
LEU CD2  C N N 176 
LEU OXT  O N N 177 
LEU H    H N N 178 
LEU H2   H N N 179 
LEU HA   H N N 180 
LEU HB2  H N N 181 
LEU HB3  H N N 182 
LEU HG   H N N 183 
LEU HD11 H N N 184 
LEU HD12 H N N 185 
LEU HD13 H N N 186 
LEU HD21 H N N 187 
LEU HD22 H N N 188 
LEU HD23 H N N 189 
LEU HXT  H N N 190 
LYS N    N N N 191 
LYS CA   C N S 192 
LYS C    C N N 193 
LYS O    O N N 194 
LYS CB   C N N 195 
LYS CG   C N N 196 
LYS CD   C N N 197 
LYS CE   C N N 198 
LYS NZ   N N N 199 
LYS OXT  O N N 200 
LYS H    H N N 201 
LYS H2   H N N 202 
LYS HA   H N N 203 
LYS HB2  H N N 204 
LYS HB3  H N N 205 
LYS HG2  H N N 206 
LYS HG3  H N N 207 
LYS HD2  H N N 208 
LYS HD3  H N N 209 
LYS HE2  H N N 210 
LYS HE3  H N N 211 
LYS HZ1  H N N 212 
LYS HZ2  H N N 213 
LYS HZ3  H N N 214 
LYS HXT  H N N 215 
MET N    N N N 216 
MET CA   C N S 217 
MET C    C N N 218 
MET O    O N N 219 
MET CB   C N N 220 
MET CG   C N N 221 
MET SD   S N N 222 
MET CE   C N N 223 
MET OXT  O N N 224 
MET H    H N N 225 
MET H2   H N N 226 
MET HA   H N N 227 
MET HB2  H N N 228 
MET HB3  H N N 229 
MET HG2  H N N 230 
MET HG3  H N N 231 
MET HE1  H N N 232 
MET HE2  H N N 233 
MET HE3  H N N 234 
MET HXT  H N N 235 
PHE N    N N N 236 
PHE CA   C N S 237 
PHE C    C N N 238 
PHE O    O N N 239 
PHE CB   C N N 240 
PHE CG   C Y N 241 
PHE CD1  C Y N 242 
PHE CD2  C Y N 243 
PHE CE1  C Y N 244 
PHE CE2  C Y N 245 
PHE CZ   C Y N 246 
PHE OXT  O N N 247 
PHE H    H N N 248 
PHE H2   H N N 249 
PHE HA   H N N 250 
PHE HB2  H N N 251 
PHE HB3  H N N 252 
PHE HD1  H N N 253 
PHE HD2  H N N 254 
PHE HE1  H N N 255 
PHE HE2  H N N 256 
PHE HZ   H N N 257 
PHE HXT  H N N 258 
PRO N    N N N 259 
PRO CA   C N S 260 
PRO C    C N N 261 
PRO O    O N N 262 
PRO CB   C N N 263 
PRO CG   C N N 264 
PRO CD   C N N 265 
PRO OXT  O N N 266 
PRO H    H N N 267 
PRO HA   H N N 268 
PRO HB2  H N N 269 
PRO HB3  H N N 270 
PRO HG2  H N N 271 
PRO HG3  H N N 272 
PRO HD2  H N N 273 
PRO HD3  H N N 274 
PRO HXT  H N N 275 
SER N    N N N 276 
SER CA   C N S 277 
SER C    C N N 278 
SER O    O N N 279 
SER CB   C N N 280 
SER OG   O N N 281 
SER OXT  O N N 282 
SER H    H N N 283 
SER H2   H N N 284 
SER HA   H N N 285 
SER HB2  H N N 286 
SER HB3  H N N 287 
SER HG   H N N 288 
SER HXT  H N N 289 
THR N    N N N 290 
THR CA   C N S 291 
THR C    C N N 292 
THR O    O N N 293 
THR CB   C N R 294 
THR OG1  O N N 295 
THR CG2  C N N 296 
THR OXT  O N N 297 
THR H    H N N 298 
THR H2   H N N 299 
THR HA   H N N 300 
THR HB   H N N 301 
THR HG1  H N N 302 
THR HG21 H N N 303 
THR HG22 H N N 304 
THR HG23 H N N 305 
THR HXT  H N N 306 
TRP N    N N N 307 
TRP CA   C N S 308 
TRP C    C N N 309 
TRP O    O N N 310 
TRP CB   C N N 311 
TRP CG   C Y N 312 
TRP CD1  C Y N 313 
TRP CD2  C Y N 314 
TRP NE1  N Y N 315 
TRP CE2  C Y N 316 
TRP CE3  C Y N 317 
TRP CZ2  C Y N 318 
TRP CZ3  C Y N 319 
TRP CH2  C Y N 320 
TRP OXT  O N N 321 
TRP H    H N N 322 
TRP H2   H N N 323 
TRP HA   H N N 324 
TRP HB2  H N N 325 
TRP HB3  H N N 326 
TRP HD1  H N N 327 
TRP HE1  H N N 328 
TRP HE3  H N N 329 
TRP HZ2  H N N 330 
TRP HZ3  H N N 331 
TRP HH2  H N N 332 
TRP HXT  H N N 333 
TYR N    N N N 334 
TYR CA   C N S 335 
TYR C    C N N 336 
TYR O    O N N 337 
TYR CB   C N N 338 
TYR CG   C Y N 339 
TYR CD1  C Y N 340 
TYR CD2  C Y N 341 
TYR CE1  C Y N 342 
TYR CE2  C Y N 343 
TYR CZ   C Y N 344 
TYR OH   O N N 345 
TYR OXT  O N N 346 
TYR H    H N N 347 
TYR H2   H N N 348 
TYR HA   H N N 349 
TYR HB2  H N N 350 
TYR HB3  H N N 351 
TYR HD1  H N N 352 
TYR HD2  H N N 353 
TYR HE1  H N N 354 
TYR HE2  H N N 355 
TYR HH   H N N 356 
TYR HXT  H N N 357 
VAL N    N N N 358 
VAL CA   C N S 359 
VAL C    C N N 360 
VAL O    O N N 361 
VAL CB   C N N 362 
VAL CG1  C N N 363 
VAL CG2  C N N 364 
VAL OXT  O N N 365 
VAL H    H N N 366 
VAL H2   H N N 367 
VAL HA   H N N 368 
VAL HB   H N N 369 
VAL HG11 H N N 370 
VAL HG12 H N N 371 
VAL HG13 H N N 372 
VAL HG21 H N N 373 
VAL HG22 H N N 374 
VAL HG23 H N N 375 
VAL HXT  H N N 376 
# 
loop_
_chem_comp_bond.comp_id 
_chem_comp_bond.atom_id_1 
_chem_comp_bond.atom_id_2 
_chem_comp_bond.value_order 
_chem_comp_bond.pdbx_aromatic_flag 
_chem_comp_bond.pdbx_stereo_config 
_chem_comp_bond.pdbx_ordinal 
ALA N   CA   sing N N 1   
ALA N   H    sing N N 2   
ALA N   H2   sing N N 3   
ALA CA  C    sing N N 4   
ALA CA  CB   sing N N 5   
ALA CA  HA   sing N N 6   
ALA C   O    doub N N 7   
ALA C   OXT  sing N N 8   
ALA CB  HB1  sing N N 9   
ALA CB  HB2  sing N N 10  
ALA CB  HB3  sing N N 11  
ALA OXT HXT  sing N N 12  
ARG N   CA   sing N N 13  
ARG N   H    sing N N 14  
ARG N   H2   sing N N 15  
ARG CA  C    sing N N 16  
ARG CA  CB   sing N N 17  
ARG CA  HA   sing N N 18  
ARG C   O    doub N N 19  
ARG C   OXT  sing N N 20  
ARG CB  CG   sing N N 21  
ARG CB  HB2  sing N N 22  
ARG CB  HB3  sing N N 23  
ARG CG  CD   sing N N 24  
ARG CG  HG2  sing N N 25  
ARG CG  HG3  sing N N 26  
ARG CD  NE   sing N N 27  
ARG CD  HD2  sing N N 28  
ARG CD  HD3  sing N N 29  
ARG NE  CZ   sing N N 30  
ARG NE  HE   sing N N 31  
ARG CZ  NH1  sing N N 32  
ARG CZ  NH2  doub N N 33  
ARG NH1 HH11 sing N N 34  
ARG NH1 HH12 sing N N 35  
ARG NH2 HH21 sing N N 36  
ARG NH2 HH22 sing N N 37  
ARG OXT HXT  sing N N 38  
ASN N   CA   sing N N 39  
ASN N   H    sing N N 40  
ASN N   H2   sing N N 41  
ASN CA  C    sing N N 42  
ASN CA  CB   sing N N 43  
ASN CA  HA   sing N N 44  
ASN C   O    doub N N 45  
ASN C   OXT  sing N N 46  
ASN CB  CG   sing N N 47  
ASN CB  HB2  sing N N 48  
ASN CB  HB3  sing N N 49  
ASN CG  OD1  doub N N 50  
ASN CG  ND2  sing N N 51  
ASN ND2 HD21 sing N N 52  
ASN ND2 HD22 sing N N 53  
ASN OXT HXT  sing N N 54  
ASP N   CA   sing N N 55  
ASP N   H    sing N N 56  
ASP N   H2   sing N N 57  
ASP CA  C    sing N N 58  
ASP CA  CB   sing N N 59  
ASP CA  HA   sing N N 60  
ASP C   O    doub N N 61  
ASP C   OXT  sing N N 62  
ASP CB  CG   sing N N 63  
ASP CB  HB2  sing N N 64  
ASP CB  HB3  sing N N 65  
ASP CG  OD1  doub N N 66  
ASP CG  OD2  sing N N 67  
ASP OD2 HD2  sing N N 68  
ASP OXT HXT  sing N N 69  
GLN N   CA   sing N N 70  
GLN N   H    sing N N 71  
GLN N   H2   sing N N 72  
GLN CA  C    sing N N 73  
GLN CA  CB   sing N N 74  
GLN CA  HA   sing N N 75  
GLN C   O    doub N N 76  
GLN C   OXT  sing N N 77  
GLN CB  CG   sing N N 78  
GLN CB  HB2  sing N N 79  
GLN CB  HB3  sing N N 80  
GLN CG  CD   sing N N 81  
GLN CG  HG2  sing N N 82  
GLN CG  HG3  sing N N 83  
GLN CD  OE1  doub N N 84  
GLN CD  NE2  sing N N 85  
GLN NE2 HE21 sing N N 86  
GLN NE2 HE22 sing N N 87  
GLN OXT HXT  sing N N 88  
GLU N   CA   sing N N 89  
GLU N   H    sing N N 90  
GLU N   H2   sing N N 91  
GLU CA  C    sing N N 92  
GLU CA  CB   sing N N 93  
GLU CA  HA   sing N N 94  
GLU C   O    doub N N 95  
GLU C   OXT  sing N N 96  
GLU CB  CG   sing N N 97  
GLU CB  HB2  sing N N 98  
GLU CB  HB3  sing N N 99  
GLU CG  CD   sing N N 100 
GLU CG  HG2  sing N N 101 
GLU CG  HG3  sing N N 102 
GLU CD  OE1  doub N N 103 
GLU CD  OE2  sing N N 104 
GLU OE2 HE2  sing N N 105 
GLU OXT HXT  sing N N 106 
GLY N   CA   sing N N 107 
GLY N   H    sing N N 108 
GLY N   H2   sing N N 109 
GLY CA  C    sing N N 110 
GLY CA  HA2  sing N N 111 
GLY CA  HA3  sing N N 112 
GLY C   O    doub N N 113 
GLY C   OXT  sing N N 114 
GLY OXT HXT  sing N N 115 
HIS N   CA   sing N N 116 
HIS N   H    sing N N 117 
HIS N   H2   sing N N 118 
HIS CA  C    sing N N 119 
HIS CA  CB   sing N N 120 
HIS CA  HA   sing N N 121 
HIS C   O    doub N N 122 
HIS C   OXT  sing N N 123 
HIS CB  CG   sing N N 124 
HIS CB  HB2  sing N N 125 
HIS CB  HB3  sing N N 126 
HIS CG  ND1  sing Y N 127 
HIS CG  CD2  doub Y N 128 
HIS ND1 CE1  doub Y N 129 
HIS ND1 HD1  sing N N 130 
HIS CD2 NE2  sing Y N 131 
HIS CD2 HD2  sing N N 132 
HIS CE1 NE2  sing Y N 133 
HIS CE1 HE1  sing N N 134 
HIS NE2 HE2  sing N N 135 
HIS OXT HXT  sing N N 136 
HOH O   H1   sing N N 137 
HOH O   H2   sing N N 138 
ILE N   CA   sing N N 139 
ILE N   H    sing N N 140 
ILE N   H2   sing N N 141 
ILE CA  C    sing N N 142 
ILE CA  CB   sing N N 143 
ILE CA  HA   sing N N 144 
ILE C   O    doub N N 145 
ILE C   OXT  sing N N 146 
ILE CB  CG1  sing N N 147 
ILE CB  CG2  sing N N 148 
ILE CB  HB   sing N N 149 
ILE CG1 CD1  sing N N 150 
ILE CG1 HG12 sing N N 151 
ILE CG1 HG13 sing N N 152 
ILE CG2 HG21 sing N N 153 
ILE CG2 HG22 sing N N 154 
ILE CG2 HG23 sing N N 155 
ILE CD1 HD11 sing N N 156 
ILE CD1 HD12 sing N N 157 
ILE CD1 HD13 sing N N 158 
ILE OXT HXT  sing N N 159 
LEU N   CA   sing N N 160 
LEU N   H    sing N N 161 
LEU N   H2   sing N N 162 
LEU CA  C    sing N N 163 
LEU CA  CB   sing N N 164 
LEU CA  HA   sing N N 165 
LEU C   O    doub N N 166 
LEU C   OXT  sing N N 167 
LEU CB  CG   sing N N 168 
LEU CB  HB2  sing N N 169 
LEU CB  HB3  sing N N 170 
LEU CG  CD1  sing N N 171 
LEU CG  CD2  sing N N 172 
LEU CG  HG   sing N N 173 
LEU CD1 HD11 sing N N 174 
LEU CD1 HD12 sing N N 175 
LEU CD1 HD13 sing N N 176 
LEU CD2 HD21 sing N N 177 
LEU CD2 HD22 sing N N 178 
LEU CD2 HD23 sing N N 179 
LEU OXT HXT  sing N N 180 
LYS N   CA   sing N N 181 
LYS N   H    sing N N 182 
LYS N   H2   sing N N 183 
LYS CA  C    sing N N 184 
LYS CA  CB   sing N N 185 
LYS CA  HA   sing N N 186 
LYS C   O    doub N N 187 
LYS C   OXT  sing N N 188 
LYS CB  CG   sing N N 189 
LYS CB  HB2  sing N N 190 
LYS CB  HB3  sing N N 191 
LYS CG  CD   sing N N 192 
LYS CG  HG2  sing N N 193 
LYS CG  HG3  sing N N 194 
LYS CD  CE   sing N N 195 
LYS CD  HD2  sing N N 196 
LYS CD  HD3  sing N N 197 
LYS CE  NZ   sing N N 198 
LYS CE  HE2  sing N N 199 
LYS CE  HE3  sing N N 200 
LYS NZ  HZ1  sing N N 201 
LYS NZ  HZ2  sing N N 202 
LYS NZ  HZ3  sing N N 203 
LYS OXT HXT  sing N N 204 
MET N   CA   sing N N 205 
MET N   H    sing N N 206 
MET N   H2   sing N N 207 
MET CA  C    sing N N 208 
MET CA  CB   sing N N 209 
MET CA  HA   sing N N 210 
MET C   O    doub N N 211 
MET C   OXT  sing N N 212 
MET CB  CG   sing N N 213 
MET CB  HB2  sing N N 214 
MET CB  HB3  sing N N 215 
MET CG  SD   sing N N 216 
MET CG  HG2  sing N N 217 
MET CG  HG3  sing N N 218 
MET SD  CE   sing N N 219 
MET CE  HE1  sing N N 220 
MET CE  HE2  sing N N 221 
MET CE  HE3  sing N N 222 
MET OXT HXT  sing N N 223 
PHE N   CA   sing N N 224 
PHE N   H    sing N N 225 
PHE N   H2   sing N N 226 
PHE CA  C    sing N N 227 
PHE CA  CB   sing N N 228 
PHE CA  HA   sing N N 229 
PHE C   O    doub N N 230 
PHE C   OXT  sing N N 231 
PHE CB  CG   sing N N 232 
PHE CB  HB2  sing N N 233 
PHE CB  HB3  sing N N 234 
PHE CG  CD1  doub Y N 235 
PHE CG  CD2  sing Y N 236 
PHE CD1 CE1  sing Y N 237 
PHE CD1 HD1  sing N N 238 
PHE CD2 CE2  doub Y N 239 
PHE CD2 HD2  sing N N 240 
PHE CE1 CZ   doub Y N 241 
PHE CE1 HE1  sing N N 242 
PHE CE2 CZ   sing Y N 243 
PHE CE2 HE2  sing N N 244 
PHE CZ  HZ   sing N N 245 
PHE OXT HXT  sing N N 246 
PRO N   CA   sing N N 247 
PRO N   CD   sing N N 248 
PRO N   H    sing N N 249 
PRO CA  C    sing N N 250 
PRO CA  CB   sing N N 251 
PRO CA  HA   sing N N 252 
PRO C   O    doub N N 253 
PRO C   OXT  sing N N 254 
PRO CB  CG   sing N N 255 
PRO CB  HB2  sing N N 256 
PRO CB  HB3  sing N N 257 
PRO CG  CD   sing N N 258 
PRO CG  HG2  sing N N 259 
PRO CG  HG3  sing N N 260 
PRO CD  HD2  sing N N 261 
PRO CD  HD3  sing N N 262 
PRO OXT HXT  sing N N 263 
SER N   CA   sing N N 264 
SER N   H    sing N N 265 
SER N   H2   sing N N 266 
SER CA  C    sing N N 267 
SER CA  CB   sing N N 268 
SER CA  HA   sing N N 269 
SER C   O    doub N N 270 
SER C   OXT  sing N N 271 
SER CB  OG   sing N N 272 
SER CB  HB2  sing N N 273 
SER CB  HB3  sing N N 274 
SER OG  HG   sing N N 275 
SER OXT HXT  sing N N 276 
THR N   CA   sing N N 277 
THR N   H    sing N N 278 
THR N   H2   sing N N 279 
THR CA  C    sing N N 280 
THR CA  CB   sing N N 281 
THR CA  HA   sing N N 282 
THR C   O    doub N N 283 
THR C   OXT  sing N N 284 
THR CB  OG1  sing N N 285 
THR CB  CG2  sing N N 286 
THR CB  HB   sing N N 287 
THR OG1 HG1  sing N N 288 
THR CG2 HG21 sing N N 289 
THR CG2 HG22 sing N N 290 
THR CG2 HG23 sing N N 291 
THR OXT HXT  sing N N 292 
TRP N   CA   sing N N 293 
TRP N   H    sing N N 294 
TRP N   H2   sing N N 295 
TRP CA  C    sing N N 296 
TRP CA  CB   sing N N 297 
TRP CA  HA   sing N N 298 
TRP C   O    doub N N 299 
TRP C   OXT  sing N N 300 
TRP CB  CG   sing N N 301 
TRP CB  HB2  sing N N 302 
TRP CB  HB3  sing N N 303 
TRP CG  CD1  doub Y N 304 
TRP CG  CD2  sing Y N 305 
TRP CD1 NE1  sing Y N 306 
TRP CD1 HD1  sing N N 307 
TRP CD2 CE2  doub Y N 308 
TRP CD2 CE3  sing Y N 309 
TRP NE1 CE2  sing Y N 310 
TRP NE1 HE1  sing N N 311 
TRP CE2 CZ2  sing Y N 312 
TRP CE3 CZ3  doub Y N 313 
TRP CE3 HE3  sing N N 314 
TRP CZ2 CH2  doub Y N 315 
TRP CZ2 HZ2  sing N N 316 
TRP CZ3 CH2  sing Y N 317 
TRP CZ3 HZ3  sing N N 318 
TRP CH2 HH2  sing N N 319 
TRP OXT HXT  sing N N 320 
TYR N   CA   sing N N 321 
TYR N   H    sing N N 322 
TYR N   H2   sing N N 323 
TYR CA  C    sing N N 324 
TYR CA  CB   sing N N 325 
TYR CA  HA   sing N N 326 
TYR C   O    doub N N 327 
TYR C   OXT  sing N N 328 
TYR CB  CG   sing N N 329 
TYR CB  HB2  sing N N 330 
TYR CB  HB3  sing N N 331 
TYR CG  CD1  doub Y N 332 
TYR CG  CD2  sing Y N 333 
TYR CD1 CE1  sing Y N 334 
TYR CD1 HD1  sing N N 335 
TYR CD2 CE2  doub Y N 336 
TYR CD2 HD2  sing N N 337 
TYR CE1 CZ   doub Y N 338 
TYR CE1 HE1  sing N N 339 
TYR CE2 CZ   sing Y N 340 
TYR CE2 HE2  sing N N 341 
TYR CZ  OH   sing N N 342 
TYR OH  HH   sing N N 343 
TYR OXT HXT  sing N N 344 
VAL N   CA   sing N N 345 
VAL N   H    sing N N 346 
VAL N   H2   sing N N 347 
VAL CA  C    sing N N 348 
VAL CA  CB   sing N N 349 
VAL CA  HA   sing N N 350 
VAL C   O    doub N N 351 
VAL C   OXT  sing N N 352 
VAL CB  CG1  sing N N 353 
VAL CB  CG2  sing N N 354 
VAL CB  HB   sing N N 355 
VAL CG1 HG11 sing N N 356 
VAL CG1 HG12 sing N N 357 
VAL CG1 HG13 sing N N 358 
VAL CG2 HG21 sing N N 359 
VAL CG2 HG22 sing N N 360 
VAL CG2 HG23 sing N N 361 
VAL OXT HXT  sing N N 362 
# 
_pdbx_entity_nonpoly.entity_id   2 
_pdbx_entity_nonpoly.name        water 
_pdbx_entity_nonpoly.comp_id     HOH 
# 
_pdbx_initial_refinement_model.id               1 
_pdbx_initial_refinement_model.entity_id_list   ? 
_pdbx_initial_refinement_model.type             'experimental model' 
_pdbx_initial_refinement_model.source_name      PDB 
_pdbx_initial_refinement_model.accession_code   2A4E 
_pdbx_initial_refinement_model.details          'EC1 domain from PDB ID 2A4E' 
# 
